data_2DZM
#
_entry.id   2DZM
#
_entity_poly.entity_id   1
_entity_poly.type   'polypeptide(L)'
_entity_poly.pdbx_seq_one_letter_code
;GSSGSSGRMLDFRVEYRDRNVDVVLEDTCTVGEIKQILENELQIPVSKMLLKGWKTGDVEDSTVLKSLHLPKNNSLYVLT
PDLPPPSSSSHAGALQESLN
;
_entity_poly.pdbx_strand_id   A
#
# COMPACT_ATOMS: atom_id res chain seq x y z
N GLY A 1 -17.50 -26.15 -4.37
CA GLY A 1 -17.57 -24.92 -3.63
C GLY A 1 -16.20 -24.45 -3.17
N SER A 2 -16.18 -23.36 -2.40
CA SER A 2 -14.93 -22.81 -1.90
C SER A 2 -14.51 -23.49 -0.60
N SER A 3 -13.53 -24.38 -0.70
CA SER A 3 -13.04 -25.11 0.47
C SER A 3 -11.63 -25.64 0.22
N GLY A 4 -10.94 -26.00 1.30
CA GLY A 4 -9.60 -26.52 1.18
C GLY A 4 -8.54 -25.44 1.37
N SER A 5 -8.41 -24.56 0.38
CA SER A 5 -7.42 -23.49 0.44
C SER A 5 -8.04 -22.23 1.05
N SER A 6 -7.29 -21.60 1.96
CA SER A 6 -7.77 -20.40 2.63
C SER A 6 -6.70 -19.30 2.59
N GLY A 7 -7.13 -18.08 2.30
CA GLY A 7 -6.20 -16.97 2.24
C GLY A 7 -6.54 -15.86 3.22
N ARG A 8 -5.65 -15.61 4.17
CA ARG A 8 -5.87 -14.58 5.17
C ARG A 8 -5.63 -13.19 4.58
N MET A 9 -6.60 -12.30 4.75
CA MET A 9 -6.49 -10.94 4.24
C MET A 9 -5.76 -10.04 5.23
N LEU A 10 -4.92 -9.16 4.72
CA LEU A 10 -4.16 -8.24 5.55
C LEU A 10 -4.57 -6.79 5.30
N ASP A 11 -4.99 -6.10 6.35
CA ASP A 11 -5.39 -4.70 6.23
C ASP A 11 -4.20 -3.77 6.39
N PHE A 12 -3.63 -3.36 5.27
CA PHE A 12 -2.47 -2.46 5.29
C PHE A 12 -2.92 -1.01 5.22
N ARG A 13 -2.81 -0.30 6.34
CA ARG A 13 -3.21 1.10 6.39
C ARG A 13 -2.07 2.01 5.94
N VAL A 14 -2.19 2.53 4.72
CA VAL A 14 -1.17 3.41 4.17
C VAL A 14 -1.50 4.88 4.44
N GLU A 15 -0.70 5.52 5.28
CA GLU A 15 -0.92 6.91 5.63
C GLU A 15 -0.16 7.83 4.67
N TYR A 16 -0.90 8.44 3.75
CA TYR A 16 -0.30 9.34 2.77
C TYR A 16 -0.74 10.78 3.01
N ARG A 17 0.13 11.72 2.69
CA ARG A 17 -0.15 13.13 2.87
C ARG A 17 -1.64 13.42 2.62
N ASP A 18 -2.11 13.03 1.45
CA ASP A 18 -3.51 13.24 1.07
C ASP A 18 -4.44 12.66 2.13
N ARG A 19 -4.33 11.35 2.35
CA ARG A 19 -5.17 10.67 3.33
C ARG A 19 -4.76 9.21 3.47
N ASN A 20 -5.27 8.56 4.51
CA ASN A 20 -4.96 7.15 4.76
C ASN A 20 -5.90 6.23 3.99
N VAL A 21 -5.33 5.34 3.18
CA VAL A 21 -6.12 4.41 2.39
C VAL A 21 -5.97 2.99 2.91
N ASP A 22 -7.04 2.22 2.84
CA ASP A 22 -7.02 0.83 3.30
C ASP A 22 -6.70 -0.13 2.15
N VAL A 23 -5.78 -1.04 2.40
CA VAL A 23 -5.38 -2.01 1.38
C VAL A 23 -5.58 -3.44 1.88
N VAL A 24 -6.11 -4.29 1.00
CA VAL A 24 -6.35 -5.68 1.35
C VAL A 24 -5.81 -6.62 0.27
N LEU A 25 -4.88 -7.48 0.66
CA LEU A 25 -4.28 -8.43 -0.28
C LEU A 25 -3.81 -9.68 0.45
N GLU A 26 -4.04 -10.84 -0.17
CA GLU A 26 -3.63 -12.11 0.43
C GLU A 26 -2.15 -12.12 0.76
N ASP A 27 -1.75 -13.02 1.64
CA ASP A 27 -0.34 -13.12 2.03
C ASP A 27 0.50 -13.70 0.90
N THR A 28 -0.17 -14.19 -0.14
CA THR A 28 0.53 -14.77 -1.28
C THR A 28 1.09 -13.69 -2.19
N CYS A 29 0.51 -12.49 -2.12
CA CYS A 29 0.97 -11.37 -2.93
C CYS A 29 2.37 -10.95 -2.53
N THR A 30 3.11 -10.37 -3.47
CA THR A 30 4.47 -9.91 -3.22
C THR A 30 4.48 -8.51 -2.61
N VAL A 31 5.43 -8.28 -1.70
CA VAL A 31 5.54 -6.99 -1.03
C VAL A 31 5.49 -5.85 -2.05
N GLY A 32 6.00 -6.11 -3.26
CA GLY A 32 6.01 -5.11 -4.30
C GLY A 32 4.62 -4.71 -4.74
N GLU A 33 3.70 -5.66 -4.68
CA GLU A 33 2.32 -5.41 -5.08
C GLU A 33 1.75 -4.19 -4.36
N ILE A 34 1.76 -4.24 -3.03
CA ILE A 34 1.26 -3.14 -2.22
C ILE A 34 1.55 -1.80 -2.88
N LYS A 35 2.71 -1.69 -3.49
CA LYS A 35 3.11 -0.46 -4.17
C LYS A 35 2.20 -0.17 -5.36
N GLN A 36 2.28 -1.01 -6.38
CA GLN A 36 1.46 -0.85 -7.58
C GLN A 36 -0.02 -0.73 -7.21
N ILE A 37 -0.41 -1.40 -6.14
CA ILE A 37 -1.80 -1.38 -5.68
C ILE A 37 -2.21 0.03 -5.27
N LEU A 38 -1.43 0.63 -4.38
CA LEU A 38 -1.72 1.98 -3.90
C LEU A 38 -1.93 2.94 -5.07
N GLU A 39 -1.37 2.58 -6.23
CA GLU A 39 -1.50 3.41 -7.42
C GLU A 39 -2.90 3.29 -8.02
N ASN A 40 -3.49 2.10 -7.91
CA ASN A 40 -4.82 1.86 -8.44
C ASN A 40 -5.87 2.53 -7.59
N GLU A 41 -5.44 3.11 -6.46
CA GLU A 41 -6.36 3.80 -5.56
C GLU A 41 -5.96 5.25 -5.37
N LEU A 42 -4.66 5.52 -5.52
CA LEU A 42 -4.14 6.88 -5.38
C LEU A 42 -3.68 7.43 -6.71
N GLN A 43 -3.69 6.59 -7.73
CA GLN A 43 -3.28 6.99 -9.07
C GLN A 43 -1.85 7.53 -9.07
N ILE A 44 -1.06 7.08 -8.10
CA ILE A 44 0.32 7.51 -7.97
C ILE A 44 1.28 6.45 -8.51
N PRO A 45 2.28 6.90 -9.27
CA PRO A 45 3.29 6.00 -9.86
C PRO A 45 4.22 5.40 -8.81
N VAL A 46 4.29 4.08 -8.78
CA VAL A 46 5.14 3.37 -7.83
C VAL A 46 6.54 3.97 -7.80
N SER A 47 6.92 4.64 -8.89
CA SER A 47 8.23 5.26 -8.99
C SER A 47 8.38 6.41 -8.00
N LYS A 48 7.35 7.25 -7.93
CA LYS A 48 7.36 8.39 -7.02
C LYS A 48 7.06 7.95 -5.60
N MET A 49 6.40 6.80 -5.46
CA MET A 49 6.06 6.27 -4.15
C MET A 49 7.21 5.44 -3.57
N LEU A 50 7.44 5.59 -2.27
CA LEU A 50 8.51 4.86 -1.60
C LEU A 50 7.97 4.06 -0.43
N LEU A 51 7.80 2.76 -0.63
CA LEU A 51 7.30 1.87 0.41
C LEU A 51 8.25 1.85 1.61
N LYS A 52 7.71 2.12 2.79
CA LYS A 52 8.51 2.12 4.01
C LYS A 52 7.66 1.70 5.21
N GLY A 53 8.31 1.57 6.37
CA GLY A 53 7.60 1.17 7.57
C GLY A 53 7.38 -0.32 7.64
N TRP A 54 8.29 -1.09 7.06
CA TRP A 54 8.18 -2.55 7.07
C TRP A 54 8.43 -3.11 8.46
N LYS A 55 8.47 -4.44 8.57
CA LYS A 55 8.70 -5.10 9.84
C LYS A 55 10.18 -5.15 10.16
N THR A 56 10.98 -5.54 9.17
CA THR A 56 12.43 -5.64 9.36
C THR A 56 13.16 -4.75 8.35
N GLY A 57 13.89 -3.76 8.86
CA GLY A 57 14.63 -2.86 7.99
C GLY A 57 13.88 -2.54 6.71
N ASP A 58 14.52 -2.81 5.58
CA ASP A 58 13.91 -2.54 4.29
C ASP A 58 13.64 -3.84 3.53
N VAL A 59 12.39 -4.08 3.20
CA VAL A 59 12.00 -5.29 2.47
C VAL A 59 12.09 -5.08 0.97
N GLU A 60 12.53 -6.12 0.26
CA GLU A 60 12.66 -6.04 -1.20
C GLU A 60 11.37 -6.50 -1.88
N ASP A 61 11.08 -5.90 -3.03
CA ASP A 61 9.88 -6.24 -3.78
C ASP A 61 9.92 -7.70 -4.23
N SER A 62 11.08 -8.32 -4.08
CA SER A 62 11.24 -9.72 -4.48
C SER A 62 10.86 -10.65 -3.33
N THR A 63 10.33 -10.08 -2.26
CA THR A 63 9.92 -10.87 -1.09
C THR A 63 8.40 -11.00 -1.04
N VAL A 64 7.93 -12.08 -0.41
CA VAL A 64 6.50 -12.32 -0.29
C VAL A 64 6.02 -12.03 1.13
N LEU A 65 4.73 -11.68 1.25
CA LEU A 65 4.14 -11.37 2.55
C LEU A 65 4.23 -12.57 3.49
N LYS A 66 3.74 -13.71 3.01
CA LYS A 66 3.76 -14.94 3.81
C LYS A 66 5.13 -15.15 4.44
N SER A 67 6.15 -14.53 3.87
CA SER A 67 7.51 -14.65 4.38
C SER A 67 7.70 -13.83 5.65
N LEU A 68 7.27 -12.57 5.60
CA LEU A 68 7.38 -11.68 6.75
C LEU A 68 6.34 -12.03 7.82
N HIS A 69 5.22 -12.61 7.38
CA HIS A 69 4.16 -13.00 8.30
C HIS A 69 3.62 -11.78 9.05
N LEU A 70 3.24 -10.76 8.29
CA LEU A 70 2.70 -9.54 8.88
C LEU A 70 1.49 -9.84 9.74
N PRO A 71 1.28 -9.02 10.78
CA PRO A 71 0.15 -9.17 11.70
C PRO A 71 -1.19 -8.85 11.05
N LYS A 72 -2.28 -9.05 11.79
CA LYS A 72 -3.61 -8.78 11.28
C LYS A 72 -3.77 -7.30 10.93
N ASN A 73 -3.36 -6.44 11.85
CA ASN A 73 -3.46 -4.99 11.64
C ASN A 73 -2.11 -4.42 11.23
N ASN A 74 -2.00 -4.03 9.96
CA ASN A 74 -0.76 -3.47 9.43
C ASN A 74 -0.91 -1.97 9.19
N SER A 75 0.18 -1.23 9.37
CA SER A 75 0.17 0.22 9.17
C SER A 75 1.41 0.67 8.40
N LEU A 76 1.21 1.08 7.16
CA LEU A 76 2.32 1.55 6.32
C LEU A 76 2.15 3.02 5.97
N TYR A 77 3.14 3.56 5.26
CA TYR A 77 3.10 4.96 4.87
C TYR A 77 3.94 5.19 3.61
N VAL A 78 3.45 6.07 2.72
CA VAL A 78 4.14 6.37 1.49
C VAL A 78 4.84 7.73 1.56
N LEU A 79 5.99 7.84 0.92
CA LEU A 79 6.75 9.08 0.92
C LEU A 79 7.20 9.44 -0.49
N THR A 80 6.61 10.51 -1.04
CA THR A 80 6.95 10.97 -2.39
C THR A 80 7.76 12.25 -2.34
N PRO A 81 9.09 12.12 -2.37
CA PRO A 81 10.01 13.26 -2.34
C PRO A 81 9.96 14.08 -3.62
N ASP A 82 10.04 13.39 -4.76
CA ASP A 82 10.00 14.05 -6.06
C ASP A 82 8.63 14.65 -6.33
N LEU A 83 7.62 13.80 -6.33
CA LEU A 83 6.24 14.23 -6.57
C LEU A 83 5.94 15.50 -5.79
N PRO A 84 5.31 16.48 -6.47
CA PRO A 84 4.93 17.76 -5.86
C PRO A 84 3.81 17.60 -4.84
N PRO A 85 3.59 18.66 -4.03
CA PRO A 85 2.55 18.66 -3.00
C PRO A 85 1.14 18.71 -3.61
N PRO A 86 0.18 18.10 -2.90
CA PRO A 86 -1.22 18.06 -3.34
C PRO A 86 -1.88 19.42 -3.27
N SER A 87 -2.09 20.05 -4.43
CA SER A 87 -2.72 21.36 -4.49
C SER A 87 -3.85 21.37 -5.52
N SER A 88 -4.91 22.11 -5.21
CA SER A 88 -6.06 22.20 -6.11
C SER A 88 -5.64 22.74 -7.48
N SER A 89 -5.03 23.91 -7.48
CA SER A 89 -4.58 24.54 -8.72
C SER A 89 -3.22 25.21 -8.53
N SER A 90 -2.44 25.27 -9.60
CA SER A 90 -1.12 25.89 -9.55
C SER A 90 -0.75 26.49 -10.91
N HIS A 91 0.18 27.44 -10.89
CA HIS A 91 0.63 28.09 -12.12
C HIS A 91 2.06 27.71 -12.46
N ALA A 92 2.93 27.80 -11.46
CA ALA A 92 4.34 27.46 -11.64
C ALA A 92 4.50 26.06 -12.24
N GLY A 93 5.15 25.99 -13.40
CA GLY A 93 5.36 24.71 -14.04
C GLY A 93 4.79 24.68 -15.45
N ALA A 94 5.63 24.99 -16.43
CA ALA A 94 5.20 25.00 -17.83
C ALA A 94 5.67 23.75 -18.55
N LEU A 95 4.99 23.41 -19.64
CA LEU A 95 5.34 22.23 -20.43
C LEU A 95 6.21 22.60 -21.62
N GLN A 96 7.25 21.81 -21.86
CA GLN A 96 8.16 22.06 -22.97
C GLN A 96 9.14 20.90 -23.14
N GLU A 97 9.47 20.58 -24.39
CA GLU A 97 10.39 19.49 -24.70
C GLU A 97 11.47 19.40 -23.62
N SER A 98 11.31 18.46 -22.71
CA SER A 98 12.28 18.26 -21.63
C SER A 98 11.98 16.98 -20.86
N LEU A 99 12.99 16.12 -20.75
CA LEU A 99 12.84 14.85 -20.03
C LEU A 99 12.33 15.09 -18.61
N ASN A 100 11.62 14.09 -18.08
CA ASN A 100 11.08 14.18 -16.73
C ASN A 100 12.09 13.70 -15.70
N GLY A 1 -3.25 -19.42 -6.31
CA GLY A 1 -3.63 -20.68 -5.72
C GLY A 1 -5.14 -20.80 -5.54
N SER A 2 -5.88 -20.61 -6.63
CA SER A 2 -7.33 -20.69 -6.59
C SER A 2 -7.90 -19.70 -5.58
N SER A 3 -7.39 -18.48 -5.61
CA SER A 3 -7.84 -17.44 -4.70
C SER A 3 -9.37 -17.40 -4.63
N GLY A 4 -9.93 -18.02 -3.60
CA GLY A 4 -11.36 -18.04 -3.44
C GLY A 4 -11.79 -18.03 -1.98
N SER A 5 -12.20 -19.19 -1.47
CA SER A 5 -12.64 -19.31 -0.09
C SER A 5 -11.50 -19.81 0.80
N SER A 6 -10.32 -19.23 0.60
CA SER A 6 -9.14 -19.62 1.38
C SER A 6 -8.11 -18.49 1.41
N GLY A 7 -7.36 -18.40 2.50
CA GLY A 7 -6.35 -17.37 2.63
C GLY A 7 -6.73 -16.31 3.62
N ARG A 8 -5.73 -15.65 4.21
CA ARG A 8 -5.98 -14.60 5.20
C ARG A 8 -5.72 -13.22 4.59
N MET A 9 -6.69 -12.33 4.73
CA MET A 9 -6.56 -10.97 4.20
C MET A 9 -5.72 -10.10 5.12
N LEU A 10 -4.96 -9.18 4.54
CA LEU A 10 -4.11 -8.29 5.31
C LEU A 10 -4.57 -6.84 5.17
N ASP A 11 -4.88 -6.22 6.31
CA ASP A 11 -5.33 -4.83 6.31
C ASP A 11 -4.15 -3.87 6.42
N PHE A 12 -3.63 -3.46 5.27
CA PHE A 12 -2.49 -2.54 5.23
C PHE A 12 -2.96 -1.09 5.12
N ARG A 13 -2.85 -0.37 6.24
CA ARG A 13 -3.27 1.03 6.27
C ARG A 13 -2.13 1.95 5.86
N VAL A 14 -2.22 2.50 4.65
CA VAL A 14 -1.20 3.40 4.13
C VAL A 14 -1.51 4.85 4.48
N GLU A 15 -0.60 5.48 5.21
CA GLU A 15 -0.77 6.87 5.62
C GLU A 15 -0.08 7.82 4.65
N TYR A 16 -0.86 8.48 3.81
CA TYR A 16 -0.31 9.41 2.83
C TYR A 16 -0.89 10.80 3.02
N ARG A 17 -0.11 11.82 2.62
CA ARG A 17 -0.56 13.20 2.75
C ARG A 17 -2.06 13.32 2.54
N ASP A 18 -2.50 13.18 1.29
CA ASP A 18 -3.91 13.28 0.96
C ASP A 18 -4.77 12.70 2.08
N ARG A 19 -4.56 11.41 2.38
CA ARG A 19 -5.31 10.74 3.43
C ARG A 19 -4.80 9.32 3.65
N ASN A 20 -5.43 8.61 4.57
CA ASN A 20 -5.03 7.24 4.87
C ASN A 20 -5.93 6.24 4.15
N VAL A 21 -5.34 5.44 3.26
CA VAL A 21 -6.08 4.45 2.51
C VAL A 21 -5.81 3.04 3.04
N ASP A 22 -6.82 2.18 2.97
CA ASP A 22 -6.69 0.81 3.44
C ASP A 22 -6.51 -0.15 2.27
N VAL A 23 -5.54 -1.05 2.39
CA VAL A 23 -5.26 -2.02 1.35
C VAL A 23 -5.49 -3.44 1.84
N VAL A 24 -6.08 -4.28 0.98
CA VAL A 24 -6.36 -5.67 1.33
C VAL A 24 -5.86 -6.62 0.25
N LEU A 25 -4.92 -7.48 0.62
CA LEU A 25 -4.35 -8.45 -0.32
C LEU A 25 -3.91 -9.72 0.40
N GLU A 26 -3.93 -10.83 -0.32
CA GLU A 26 -3.53 -12.12 0.25
C GLU A 26 -2.05 -12.11 0.62
N ASP A 27 -1.68 -12.95 1.58
CA ASP A 27 -0.29 -13.04 2.03
C ASP A 27 0.57 -13.74 0.98
N THR A 28 -0.06 -14.16 -0.12
CA THR A 28 0.64 -14.85 -1.19
C THR A 28 1.23 -13.86 -2.19
N CYS A 29 0.79 -12.62 -2.11
CA CYS A 29 1.26 -11.58 -3.01
C CYS A 29 2.62 -11.04 -2.55
N THR A 30 3.40 -10.53 -3.50
CA THR A 30 4.72 -9.99 -3.20
C THR A 30 4.62 -8.59 -2.59
N VAL A 31 5.46 -8.31 -1.61
CA VAL A 31 5.47 -7.01 -0.96
C VAL A 31 5.45 -5.88 -1.98
N GLY A 32 5.94 -6.17 -3.18
CA GLY A 32 5.97 -5.17 -4.23
C GLY A 32 4.58 -4.76 -4.69
N GLU A 33 3.66 -5.72 -4.69
CA GLU A 33 2.29 -5.47 -5.12
C GLU A 33 1.73 -4.23 -4.42
N ILE A 34 1.70 -4.27 -3.08
CA ILE A 34 1.19 -3.16 -2.30
C ILE A 34 1.51 -1.82 -2.95
N LYS A 35 2.72 -1.72 -3.51
CA LYS A 35 3.15 -0.50 -4.16
C LYS A 35 2.26 -0.18 -5.36
N GLN A 36 2.30 -1.04 -6.37
CA GLN A 36 1.49 -0.84 -7.57
C GLN A 36 0.01 -0.69 -7.21
N ILE A 37 -0.43 -1.43 -6.20
CA ILE A 37 -1.82 -1.38 -5.76
C ILE A 37 -2.22 0.04 -5.39
N LEU A 38 -1.36 0.72 -4.64
CA LEU A 38 -1.63 2.09 -4.21
C LEU A 38 -1.85 2.99 -5.43
N GLU A 39 -1.32 2.59 -6.57
CA GLU A 39 -1.46 3.37 -7.79
C GLU A 39 -2.84 3.17 -8.40
N ASN A 40 -3.54 2.14 -7.94
CA ASN A 40 -4.87 1.82 -8.44
C ASN A 40 -5.95 2.46 -7.56
N GLU A 41 -5.52 3.04 -6.44
CA GLU A 41 -6.44 3.67 -5.50
C GLU A 41 -6.09 5.14 -5.32
N LEU A 42 -4.81 5.46 -5.41
CA LEU A 42 -4.34 6.84 -5.25
C LEU A 42 -3.89 7.41 -6.59
N GLN A 43 -3.73 6.54 -7.58
CA GLN A 43 -3.30 6.97 -8.90
C GLN A 43 -1.87 7.50 -8.86
N ILE A 44 -1.10 7.03 -7.90
CA ILE A 44 0.28 7.47 -7.75
C ILE A 44 1.26 6.42 -8.29
N PRO A 45 2.28 6.88 -9.04
CA PRO A 45 3.28 6.00 -9.62
C PRO A 45 4.20 5.39 -8.57
N VAL A 46 4.37 4.07 -8.66
CA VAL A 46 5.23 3.35 -7.71
C VAL A 46 6.64 3.95 -7.68
N SER A 47 7.04 4.53 -8.80
CA SER A 47 8.36 5.14 -8.90
C SER A 47 8.50 6.32 -7.94
N LYS A 48 7.42 7.07 -7.78
CA LYS A 48 7.42 8.23 -6.90
C LYS A 48 7.12 7.81 -5.46
N MET A 49 6.39 6.70 -5.31
CA MET A 49 6.03 6.19 -3.99
C MET A 49 7.19 5.38 -3.40
N LEU A 50 7.46 5.61 -2.12
CA LEU A 50 8.54 4.90 -1.43
C LEU A 50 7.98 4.09 -0.26
N LEU A 51 7.83 2.78 -0.46
CA LEU A 51 7.32 1.90 0.57
C LEU A 51 8.25 1.89 1.79
N LYS A 52 7.71 2.25 2.95
CA LYS A 52 8.49 2.27 4.17
C LYS A 52 7.62 1.92 5.38
N GLY A 53 8.24 1.82 6.54
CA GLY A 53 7.51 1.50 7.76
C GLY A 53 7.21 0.02 7.86
N TRP A 54 8.01 -0.80 7.20
CA TRP A 54 7.82 -2.24 7.23
C TRP A 54 7.96 -2.79 8.64
N LYS A 55 7.56 -4.05 8.83
CA LYS A 55 7.64 -4.68 10.14
C LYS A 55 9.09 -4.87 10.57
N THR A 56 9.91 -5.40 9.66
CA THR A 56 11.32 -5.63 9.95
C THR A 56 12.21 -4.85 8.98
N GLY A 57 12.99 -3.92 9.53
CA GLY A 57 13.87 -3.12 8.69
C GLY A 57 13.26 -2.77 7.35
N ASP A 58 14.08 -2.77 6.31
CA ASP A 58 13.61 -2.46 4.96
C ASP A 58 13.35 -3.74 4.16
N VAL A 59 12.11 -3.94 3.76
CA VAL A 59 11.73 -5.12 2.99
C VAL A 59 11.89 -4.87 1.49
N GLU A 60 12.37 -5.88 0.78
CA GLU A 60 12.56 -5.77 -0.66
C GLU A 60 11.31 -6.22 -1.42
N ASP A 61 11.08 -5.62 -2.58
CA ASP A 61 9.93 -5.95 -3.40
C ASP A 61 9.98 -7.41 -3.85
N SER A 62 11.14 -8.04 -3.67
CA SER A 62 11.33 -9.43 -4.06
C SER A 62 10.91 -10.38 -2.93
N THR A 63 10.48 -9.79 -1.82
CA THR A 63 10.06 -10.58 -0.67
C THR A 63 8.55 -10.80 -0.69
N VAL A 64 8.11 -11.94 -0.16
CA VAL A 64 6.69 -12.26 -0.12
C VAL A 64 6.10 -11.95 1.25
N LEU A 65 4.83 -11.58 1.27
CA LEU A 65 4.14 -11.26 2.51
C LEU A 65 4.18 -12.43 3.47
N LYS A 66 3.72 -13.60 3.01
CA LYS A 66 3.70 -14.79 3.83
C LYS A 66 5.07 -15.04 4.47
N SER A 67 6.12 -14.59 3.78
CA SER A 67 7.48 -14.77 4.28
C SER A 67 7.69 -13.99 5.58
N LEU A 68 7.21 -12.75 5.60
CA LEU A 68 7.34 -11.91 6.79
C LEU A 68 6.29 -12.26 7.83
N HIS A 69 5.13 -12.73 7.37
CA HIS A 69 4.04 -13.11 8.25
C HIS A 69 3.46 -11.88 8.96
N LEU A 70 3.15 -10.85 8.18
CA LEU A 70 2.60 -9.61 8.73
C LEU A 70 1.37 -9.90 9.58
N PRO A 71 1.18 -9.11 10.64
CA PRO A 71 0.04 -9.26 11.55
C PRO A 71 -1.28 -8.86 10.90
N LYS A 72 -2.38 -9.39 11.42
CA LYS A 72 -3.70 -9.09 10.89
C LYS A 72 -3.82 -7.63 10.50
N ASN A 73 -3.48 -6.75 11.45
CA ASN A 73 -3.55 -5.32 11.21
C ASN A 73 -2.15 -4.73 11.05
N ASN A 74 -2.00 -3.79 10.12
CA ASN A 74 -0.71 -3.14 9.88
C ASN A 74 -0.89 -1.66 9.60
N SER A 75 0.21 -0.92 9.63
CA SER A 75 0.18 0.52 9.39
C SER A 75 1.41 0.98 8.63
N LEU A 76 1.23 1.30 7.35
CA LEU A 76 2.34 1.74 6.51
C LEU A 76 2.18 3.22 6.14
N TYR A 77 3.14 3.73 5.38
CA TYR A 77 3.11 5.14 4.96
C TYR A 77 3.88 5.33 3.66
N VAL A 78 3.48 6.33 2.89
CA VAL A 78 4.13 6.63 1.62
C VAL A 78 4.91 7.94 1.70
N LEU A 79 6.16 7.91 1.26
CA LEU A 79 7.01 9.10 1.28
C LEU A 79 7.42 9.50 -0.14
N THR A 80 6.75 10.51 -0.68
CA THR A 80 7.05 10.98 -2.03
C THR A 80 7.83 12.29 -1.99
N PRO A 81 9.17 12.19 -2.03
CA PRO A 81 10.05 13.36 -2.01
C PRO A 81 9.98 14.18 -3.29
N ASP A 82 10.09 13.51 -4.42
CA ASP A 82 10.02 14.17 -5.72
C ASP A 82 8.64 14.74 -5.97
N LEU A 83 7.64 13.86 -6.02
CA LEU A 83 6.26 14.29 -6.25
C LEU A 83 5.84 15.36 -5.24
N PRO A 84 5.26 16.45 -5.76
CA PRO A 84 4.80 17.57 -4.93
C PRO A 84 3.58 17.20 -4.08
N PRO A 85 3.48 17.82 -2.90
CA PRO A 85 2.36 17.57 -1.97
C PRO A 85 1.04 18.13 -2.50
N PRO A 86 -0.06 17.74 -1.86
CA PRO A 86 -1.41 18.19 -2.24
C PRO A 86 -1.63 19.66 -1.92
N SER A 87 -1.13 20.53 -2.79
CA SER A 87 -1.28 21.97 -2.60
C SER A 87 -0.90 22.37 -1.18
N SER A 88 0.21 21.83 -0.70
CA SER A 88 0.69 22.12 0.64
C SER A 88 1.86 23.11 0.61
N SER A 89 1.83 24.08 1.51
CA SER A 89 2.89 25.09 1.58
C SER A 89 4.22 24.46 1.96
N SER A 90 5.31 25.19 1.73
CA SER A 90 6.64 24.70 2.04
C SER A 90 6.86 24.63 3.54
N HIS A 91 6.68 25.76 4.21
CA HIS A 91 6.84 25.83 5.66
C HIS A 91 5.89 24.87 6.37
N ALA A 92 6.37 23.68 6.67
CA ALA A 92 5.56 22.67 7.35
C ALA A 92 5.95 22.55 8.82
N GLY A 93 5.31 23.35 9.66
CA GLY A 93 5.61 23.32 11.09
C GLY A 93 5.85 21.91 11.59
N ALA A 94 4.97 20.98 11.21
CA ALA A 94 5.10 19.59 11.63
C ALA A 94 5.13 18.66 10.43
N LEU A 95 5.84 17.55 10.56
CA LEU A 95 5.95 16.57 9.49
C LEU A 95 5.26 15.25 9.87
N GLN A 96 5.45 14.84 11.11
CA GLN A 96 4.85 13.60 11.60
C GLN A 96 3.79 13.89 12.67
N GLU A 97 2.55 14.04 12.24
CA GLU A 97 1.46 14.33 13.17
C GLU A 97 0.51 13.13 13.28
N SER A 98 -0.11 12.98 14.44
CA SER A 98 -1.04 11.88 14.67
C SER A 98 -2.36 12.39 15.25
N LEU A 99 -2.27 13.43 16.07
CA LEU A 99 -3.45 14.02 16.70
C LEU A 99 -4.34 12.93 17.32
N ASN A 100 -3.70 12.02 18.03
CA ASN A 100 -4.43 10.93 18.69
C ASN A 100 -4.97 11.38 20.04
N GLY A 1 -2.87 -32.07 -8.48
CA GLY A 1 -3.52 -30.92 -9.08
C GLY A 1 -3.58 -29.73 -8.14
N SER A 2 -4.79 -29.22 -7.92
CA SER A 2 -4.98 -28.07 -7.04
C SER A 2 -5.68 -28.49 -5.76
N SER A 3 -4.98 -28.36 -4.64
CA SER A 3 -5.53 -28.73 -3.34
C SER A 3 -6.45 -27.63 -2.82
N GLY A 4 -6.01 -26.39 -2.92
CA GLY A 4 -6.81 -25.27 -2.46
C GLY A 4 -5.97 -24.06 -2.12
N SER A 5 -6.61 -23.05 -1.51
CA SER A 5 -5.91 -21.82 -1.14
C SER A 5 -6.21 -21.45 0.30
N SER A 6 -5.21 -21.62 1.17
CA SER A 6 -5.37 -21.29 2.58
C SER A 6 -4.61 -20.01 2.93
N GLY A 7 -5.36 -18.93 3.14
CA GLY A 7 -4.75 -17.66 3.49
C GLY A 7 -5.68 -16.75 4.26
N ARG A 8 -5.39 -15.45 4.24
CA ARG A 8 -6.20 -14.48 4.95
C ARG A 8 -5.91 -13.07 4.46
N MET A 9 -6.93 -12.21 4.50
CA MET A 9 -6.78 -10.82 4.06
C MET A 9 -6.00 -10.01 5.09
N LEU A 10 -5.00 -9.26 4.61
CA LEU A 10 -4.17 -8.44 5.48
C LEU A 10 -4.48 -6.96 5.29
N ASP A 11 -5.01 -6.32 6.34
CA ASP A 11 -5.35 -4.91 6.27
C ASP A 11 -4.10 -4.05 6.42
N PHE A 12 -3.77 -3.31 5.37
CA PHE A 12 -2.60 -2.44 5.39
C PHE A 12 -2.99 -0.98 5.28
N ARG A 13 -2.84 -0.23 6.37
CA ARG A 13 -3.18 1.17 6.40
C ARG A 13 -2.02 2.03 5.90
N VAL A 14 -2.14 2.53 4.68
CA VAL A 14 -1.10 3.37 4.09
C VAL A 14 -1.37 4.85 4.37
N GLU A 15 -0.64 5.40 5.32
CA GLU A 15 -0.80 6.81 5.68
C GLU A 15 -0.02 7.71 4.73
N TYR A 16 -0.73 8.34 3.81
CA TYR A 16 -0.10 9.23 2.83
C TYR A 16 -0.59 10.67 3.00
N ARG A 17 0.23 11.62 2.57
CA ARG A 17 -0.11 13.03 2.68
C ARG A 17 -1.61 13.25 2.50
N ASP A 18 -2.11 12.89 1.32
CA ASP A 18 -3.53 13.04 1.01
C ASP A 18 -4.39 12.49 2.14
N ARG A 19 -4.26 11.19 2.40
CA ARG A 19 -5.02 10.54 3.45
C ARG A 19 -4.58 9.08 3.62
N ASN A 20 -5.16 8.41 4.61
CA ASN A 20 -4.83 7.01 4.87
C ASN A 20 -5.80 6.08 4.14
N VAL A 21 -5.27 5.34 3.17
CA VAL A 21 -6.08 4.41 2.40
C VAL A 21 -5.93 2.98 2.92
N ASP A 22 -6.98 2.18 2.76
CA ASP A 22 -6.95 0.80 3.20
C ASP A 22 -6.70 -0.15 2.04
N VAL A 23 -5.74 -1.06 2.22
CA VAL A 23 -5.39 -2.03 1.19
C VAL A 23 -5.58 -3.46 1.69
N VAL A 24 -6.04 -4.33 0.80
CA VAL A 24 -6.26 -5.73 1.16
C VAL A 24 -5.67 -6.66 0.10
N LEU A 25 -4.74 -7.51 0.53
CA LEU A 25 -4.10 -8.45 -0.39
C LEU A 25 -3.69 -9.73 0.35
N GLU A 26 -3.90 -10.87 -0.31
CA GLU A 26 -3.55 -12.16 0.29
C GLU A 26 -2.08 -12.18 0.72
N ASP A 27 -1.80 -12.92 1.78
CA ASP A 27 -0.44 -13.04 2.29
C ASP A 27 0.49 -13.63 1.23
N THR A 28 -0.10 -14.13 0.14
CA THR A 28 0.68 -14.73 -0.94
C THR A 28 1.27 -13.65 -1.85
N CYS A 29 0.58 -12.53 -1.97
CA CYS A 29 1.03 -11.43 -2.80
C CYS A 29 2.40 -10.93 -2.34
N THR A 30 3.15 -10.34 -3.26
CA THR A 30 4.49 -9.82 -2.95
C THR A 30 4.40 -8.41 -2.39
N VAL A 31 5.30 -8.09 -1.46
CA VAL A 31 5.33 -6.77 -0.85
C VAL A 31 5.30 -5.68 -1.91
N GLY A 32 5.91 -5.95 -3.06
CA GLY A 32 5.94 -4.98 -4.14
C GLY A 32 4.56 -4.62 -4.63
N GLU A 33 3.66 -5.59 -4.62
CA GLU A 33 2.29 -5.38 -5.08
C GLU A 33 1.70 -4.11 -4.45
N ILE A 34 1.60 -4.12 -3.12
CA ILE A 34 1.06 -2.97 -2.40
C ILE A 34 1.41 -1.66 -3.08
N LYS A 35 2.66 -1.57 -3.54
CA LYS A 35 3.13 -0.37 -4.22
C LYS A 35 2.29 -0.08 -5.46
N GLN A 36 2.22 -1.05 -6.36
CA GLN A 36 1.45 -0.90 -7.59
C GLN A 36 -0.03 -0.74 -7.28
N ILE A 37 -0.50 -1.43 -6.26
CA ILE A 37 -1.90 -1.36 -5.86
C ILE A 37 -2.30 0.06 -5.47
N LEU A 38 -1.40 0.74 -4.77
CA LEU A 38 -1.65 2.11 -4.33
C LEU A 38 -1.87 3.03 -5.54
N GLU A 39 -1.37 2.62 -6.68
CA GLU A 39 -1.50 3.40 -7.90
C GLU A 39 -2.90 3.23 -8.50
N ASN A 40 -3.60 2.20 -8.04
CA ASN A 40 -4.95 1.93 -8.54
C ASN A 40 -6.00 2.58 -7.64
N GLU A 41 -5.56 3.16 -6.53
CA GLU A 41 -6.46 3.81 -5.60
C GLU A 41 -6.06 5.27 -5.39
N LEU A 42 -4.76 5.53 -5.45
CA LEU A 42 -4.25 6.89 -5.28
C LEU A 42 -3.74 7.45 -6.60
N GLN A 43 -3.75 6.63 -7.64
CA GLN A 43 -3.28 7.05 -8.95
C GLN A 43 -1.84 7.56 -8.89
N ILE A 44 -1.09 7.05 -7.92
CA ILE A 44 0.30 7.46 -7.76
C ILE A 44 1.25 6.44 -8.38
N PRO A 45 2.28 6.93 -9.09
CA PRO A 45 3.28 6.08 -9.74
C PRO A 45 4.18 5.38 -8.74
N VAL A 46 4.36 4.07 -8.92
CA VAL A 46 5.21 3.29 -8.03
C VAL A 46 6.63 3.84 -7.99
N SER A 47 7.00 4.57 -9.04
CA SER A 47 8.34 5.15 -9.12
C SER A 47 8.51 6.28 -8.11
N LYS A 48 7.42 6.99 -7.84
CA LYS A 48 7.44 8.10 -6.90
C LYS A 48 7.16 7.61 -5.48
N MET A 49 6.41 6.51 -5.38
CA MET A 49 6.09 5.93 -4.08
C MET A 49 7.25 5.14 -3.52
N LEU A 50 7.41 5.17 -2.20
CA LEU A 50 8.49 4.45 -1.53
C LEU A 50 7.98 3.70 -0.32
N LEU A 51 7.75 2.39 -0.47
CA LEU A 51 7.27 1.56 0.62
C LEU A 51 8.25 1.55 1.78
N LYS A 52 7.73 1.78 2.99
CA LYS A 52 8.56 1.80 4.19
C LYS A 52 7.73 1.48 5.43
N GLY A 53 8.42 1.25 6.55
CA GLY A 53 7.73 0.94 7.79
C GLY A 53 8.01 -0.47 8.26
N TRP A 54 8.30 -1.37 7.33
CA TRP A 54 8.59 -2.76 7.66
C TRP A 54 9.43 -2.84 8.93
N LYS A 55 8.98 -3.67 9.88
CA LYS A 55 9.69 -3.85 11.14
C LYS A 55 11.17 -4.13 10.89
N THR A 56 11.46 -4.91 9.87
CA THR A 56 12.83 -5.26 9.52
C THR A 56 13.57 -4.06 8.94
N GLY A 57 14.89 -4.02 9.14
CA GLY A 57 15.69 -2.92 8.63
C GLY A 57 15.16 -2.40 7.30
N ASP A 58 14.81 -3.32 6.41
CA ASP A 58 14.31 -2.94 5.09
C ASP A 58 13.82 -4.17 4.33
N VAL A 59 12.73 -4.00 3.59
CA VAL A 59 12.16 -5.10 2.81
C VAL A 59 12.25 -4.82 1.30
N GLU A 60 12.47 -5.86 0.53
CA GLU A 60 12.58 -5.73 -0.92
C GLU A 60 11.28 -6.14 -1.60
N ASP A 61 10.93 -5.43 -2.67
CA ASP A 61 9.71 -5.71 -3.41
C ASP A 61 9.68 -7.17 -3.88
N SER A 62 10.84 -7.82 -3.81
CA SER A 62 10.95 -9.22 -4.23
C SER A 62 10.64 -10.16 -3.07
N THR A 63 10.01 -9.63 -2.03
CA THR A 63 9.66 -10.42 -0.86
C THR A 63 8.16 -10.68 -0.79
N VAL A 64 7.78 -11.74 -0.09
CA VAL A 64 6.38 -12.10 0.04
C VAL A 64 5.86 -11.81 1.46
N LEU A 65 4.63 -11.36 1.55
CA LEU A 65 4.02 -11.05 2.84
C LEU A 65 4.14 -12.23 3.80
N LYS A 66 3.60 -13.37 3.40
CA LYS A 66 3.65 -14.57 4.22
C LYS A 66 5.07 -14.85 4.68
N SER A 67 6.05 -14.37 3.92
CA SER A 67 7.45 -14.57 4.25
C SER A 67 7.80 -13.87 5.56
N LEU A 68 7.26 -12.67 5.73
CA LEU A 68 7.52 -11.89 6.94
C LEU A 68 6.52 -12.23 8.04
N HIS A 69 5.39 -12.83 7.65
CA HIS A 69 4.35 -13.21 8.60
C HIS A 69 3.77 -11.98 9.28
N LEU A 70 3.30 -11.04 8.48
CA LEU A 70 2.71 -9.81 9.00
C LEU A 70 1.46 -10.11 9.83
N PRO A 71 1.26 -9.34 10.90
CA PRO A 71 0.10 -9.50 11.79
C PRO A 71 -1.20 -9.09 11.12
N LYS A 72 -2.32 -9.59 11.65
CA LYS A 72 -3.64 -9.27 11.12
C LYS A 72 -3.75 -7.77 10.82
N ASN A 73 -3.25 -6.96 11.74
CA ASN A 73 -3.30 -5.51 11.58
C ASN A 73 -1.93 -4.96 11.18
N ASN A 74 -1.92 -4.11 10.16
CA ASN A 74 -0.69 -3.52 9.67
C ASN A 74 -0.89 -2.03 9.33
N SER A 75 0.17 -1.26 9.46
CA SER A 75 0.11 0.17 9.18
C SER A 75 1.39 0.64 8.47
N LEU A 76 1.24 1.05 7.22
CA LEU A 76 2.38 1.53 6.43
C LEU A 76 2.19 2.98 6.04
N TYR A 77 3.18 3.53 5.33
CA TYR A 77 3.13 4.92 4.90
C TYR A 77 3.96 5.12 3.64
N VAL A 78 3.47 5.96 2.74
CA VAL A 78 4.17 6.25 1.49
C VAL A 78 4.85 7.61 1.54
N LEU A 79 6.03 7.70 0.95
CA LEU A 79 6.79 8.96 0.93
C LEU A 79 7.29 9.26 -0.48
N THR A 80 6.69 10.27 -1.11
CA THR A 80 7.08 10.67 -2.46
C THR A 80 7.92 11.94 -2.44
N PRO A 81 9.25 11.76 -2.46
CA PRO A 81 10.20 12.88 -2.44
C PRO A 81 10.19 13.66 -3.75
N ASP A 82 10.29 12.95 -4.86
CA ASP A 82 10.29 13.58 -6.18
C ASP A 82 8.94 14.24 -6.47
N LEU A 83 7.89 13.42 -6.47
CA LEU A 83 6.55 13.93 -6.73
C LEU A 83 6.26 15.19 -5.92
N PRO A 84 5.83 16.26 -6.60
CA PRO A 84 5.51 17.53 -5.97
C PRO A 84 4.26 17.46 -5.11
N PRO A 85 4.09 18.43 -4.21
CA PRO A 85 2.93 18.50 -3.31
C PRO A 85 1.65 18.85 -4.06
N PRO A 86 0.50 18.70 -3.37
CA PRO A 86 -0.81 18.99 -3.94
C PRO A 86 -1.02 20.48 -4.17
N SER A 87 -1.02 20.88 -5.44
CA SER A 87 -1.20 22.28 -5.81
C SER A 87 -2.54 22.48 -6.51
N SER A 88 -3.51 23.03 -5.78
CA SER A 88 -4.84 23.27 -6.35
C SER A 88 -5.24 24.73 -6.16
N SER A 89 -6.36 25.11 -6.78
CA SER A 89 -6.85 26.49 -6.69
C SER A 89 -6.71 27.02 -5.28
N SER A 90 -5.87 28.03 -5.11
CA SER A 90 -5.65 28.64 -3.80
C SER A 90 -6.95 28.75 -3.02
N HIS A 91 -6.89 28.46 -1.73
CA HIS A 91 -8.08 28.53 -0.87
C HIS A 91 -7.69 28.96 0.54
N ALA A 92 -8.32 30.02 1.02
CA ALA A 92 -8.06 30.54 2.36
C ALA A 92 -7.97 29.41 3.37
N GLY A 93 -6.81 29.30 4.03
CA GLY A 93 -6.61 28.25 5.01
C GLY A 93 -5.19 27.75 5.05
N ALA A 94 -4.67 27.35 3.89
CA ALA A 94 -3.31 26.85 3.79
C ALA A 94 -2.34 27.95 3.38
N LEU A 95 -1.18 27.98 4.03
CA LEU A 95 -0.17 28.99 3.73
C LEU A 95 0.51 28.71 2.39
N GLN A 96 0.92 29.77 1.70
CA GLN A 96 1.58 29.64 0.41
C GLN A 96 2.64 28.55 0.45
N GLU A 97 3.52 28.62 1.44
CA GLU A 97 4.58 27.63 1.59
C GLU A 97 4.03 26.31 2.12
N SER A 98 4.59 25.20 1.65
CA SER A 98 4.16 23.88 2.07
C SER A 98 5.07 23.33 3.16
N LEU A 99 4.54 23.23 4.37
CA LEU A 99 5.31 22.72 5.50
C LEU A 99 4.41 22.45 6.70
N ASN A 100 4.39 21.19 7.14
CA ASN A 100 3.56 20.80 8.28
C ASN A 100 4.42 20.52 9.50
N GLY A 1 -8.94 -18.92 -13.23
CA GLY A 1 -10.31 -18.50 -13.02
C GLY A 1 -10.45 -17.60 -11.81
N SER A 2 -10.68 -18.19 -10.64
CA SER A 2 -10.85 -17.44 -9.41
C SER A 2 -9.85 -17.89 -8.36
N SER A 3 -8.77 -17.13 -8.19
CA SER A 3 -7.74 -17.45 -7.22
C SER A 3 -8.36 -17.98 -5.93
N GLY A 4 -9.41 -17.31 -5.47
CA GLY A 4 -10.08 -17.72 -4.24
C GLY A 4 -9.34 -17.26 -3.00
N SER A 5 -10.08 -16.68 -2.06
CA SER A 5 -9.49 -16.19 -0.83
C SER A 5 -9.34 -17.32 0.19
N SER A 6 -8.79 -18.44 -0.25
CA SER A 6 -8.59 -19.59 0.61
C SER A 6 -7.92 -19.18 1.92
N GLY A 7 -6.86 -18.39 1.82
CA GLY A 7 -6.15 -17.94 3.00
C GLY A 7 -6.90 -16.85 3.75
N ARG A 8 -6.17 -15.83 4.19
CA ARG A 8 -6.77 -14.72 4.92
C ARG A 8 -6.36 -13.38 4.32
N MET A 9 -7.18 -12.37 4.53
CA MET A 9 -6.89 -11.04 4.01
C MET A 9 -6.06 -10.23 5.01
N LEU A 10 -5.17 -9.39 4.48
CA LEU A 10 -4.31 -8.56 5.32
C LEU A 10 -4.64 -7.09 5.14
N ASP A 11 -5.06 -6.45 6.23
CA ASP A 11 -5.41 -5.03 6.20
C ASP A 11 -4.16 -4.16 6.33
N PHE A 12 -3.92 -3.34 5.32
CA PHE A 12 -2.75 -2.46 5.32
C PHE A 12 -3.17 -0.99 5.24
N ARG A 13 -2.85 -0.22 6.27
CA ARG A 13 -3.20 1.20 6.31
C ARG A 13 -2.04 2.05 5.82
N VAL A 14 -2.16 2.60 4.62
CA VAL A 14 -1.12 3.44 4.04
C VAL A 14 -1.39 4.92 4.33
N GLU A 15 -0.66 5.46 5.30
CA GLU A 15 -0.82 6.86 5.67
C GLU A 15 -0.06 7.77 4.72
N TYR A 16 -0.80 8.45 3.85
CA TYR A 16 -0.20 9.35 2.87
C TYR A 16 -0.73 10.77 3.04
N ARG A 17 0.06 11.74 2.60
CA ARG A 17 -0.33 13.14 2.70
C ARG A 17 -1.84 13.30 2.52
N ASP A 18 -2.31 13.08 1.31
CA ASP A 18 -3.74 13.19 1.00
C ASP A 18 -4.58 12.58 2.12
N ARG A 19 -4.38 11.30 2.37
CA ARG A 19 -5.13 10.60 3.41
C ARG A 19 -4.61 9.18 3.58
N ASN A 20 -5.20 8.44 4.51
CA ASN A 20 -4.81 7.06 4.78
C ASN A 20 -5.73 6.09 4.05
N VAL A 21 -5.20 5.42 3.04
CA VAL A 21 -5.97 4.45 2.26
C VAL A 21 -5.76 3.03 2.79
N ASP A 22 -6.82 2.24 2.77
CA ASP A 22 -6.76 0.86 3.24
C ASP A 22 -6.54 -0.11 2.08
N VAL A 23 -5.76 -1.16 2.32
CA VAL A 23 -5.48 -2.15 1.30
C VAL A 23 -5.72 -3.56 1.82
N VAL A 24 -6.11 -4.46 0.92
CA VAL A 24 -6.38 -5.84 1.29
C VAL A 24 -5.76 -6.81 0.28
N LEU A 25 -4.84 -7.64 0.76
CA LEU A 25 -4.16 -8.61 -0.10
C LEU A 25 -3.68 -9.81 0.71
N GLU A 26 -4.00 -11.00 0.22
CA GLU A 26 -3.59 -12.23 0.90
C GLU A 26 -2.08 -12.25 1.12
N ASP A 27 -1.64 -13.04 2.10
CA ASP A 27 -0.22 -13.16 2.41
C ASP A 27 0.55 -13.75 1.24
N THR A 28 -0.19 -14.22 0.23
CA THR A 28 0.43 -14.81 -0.95
C THR A 28 1.01 -13.73 -1.86
N CYS A 29 0.40 -12.55 -1.85
CA CYS A 29 0.86 -11.44 -2.67
C CYS A 29 2.26 -11.01 -2.26
N THR A 30 2.98 -10.40 -3.20
CA THR A 30 4.35 -9.94 -2.94
C THR A 30 4.34 -8.51 -2.39
N VAL A 31 5.32 -8.21 -1.54
CA VAL A 31 5.44 -6.89 -0.95
C VAL A 31 5.39 -5.80 -2.02
N GLY A 32 5.82 -6.15 -3.22
CA GLY A 32 5.83 -5.19 -4.31
C GLY A 32 4.43 -4.77 -4.73
N GLU A 33 3.50 -5.73 -4.70
CA GLU A 33 2.12 -5.44 -5.08
C GLU A 33 1.60 -4.20 -4.36
N ILE A 34 1.63 -4.22 -3.03
CA ILE A 34 1.17 -3.10 -2.24
C ILE A 34 1.48 -1.77 -2.92
N LYS A 35 2.66 -1.70 -3.54
CA LYS A 35 3.08 -0.49 -4.24
C LYS A 35 2.14 -0.17 -5.39
N GLN A 36 2.14 -1.04 -6.40
CA GLN A 36 1.29 -0.85 -7.58
C GLN A 36 -0.17 -0.69 -7.16
N ILE A 37 -0.58 -1.44 -6.14
CA ILE A 37 -1.95 -1.37 -5.65
C ILE A 37 -2.33 0.05 -5.25
N LEU A 38 -1.51 0.66 -4.41
CA LEU A 38 -1.75 2.03 -3.95
C LEU A 38 -1.95 2.97 -5.14
N GLU A 39 -1.31 2.64 -6.26
CA GLU A 39 -1.41 3.46 -7.46
C GLU A 39 -2.81 3.35 -8.07
N ASN A 40 -3.40 2.15 -7.98
CA ASN A 40 -4.73 1.91 -8.52
C ASN A 40 -5.80 2.61 -7.68
N GLU A 41 -5.38 3.17 -6.55
CA GLU A 41 -6.29 3.85 -5.65
C GLU A 41 -5.88 5.31 -5.45
N LEU A 42 -4.59 5.58 -5.63
CA LEU A 42 -4.07 6.93 -5.48
C LEU A 42 -3.54 7.47 -6.81
N GLN A 43 -3.60 6.64 -7.84
CA GLN A 43 -3.14 7.04 -9.17
C GLN A 43 -1.70 7.54 -9.11
N ILE A 44 -0.96 7.08 -8.11
CA ILE A 44 0.43 7.49 -7.94
C ILE A 44 1.39 6.41 -8.43
N PRO A 45 2.43 6.81 -9.18
CA PRO A 45 3.43 5.89 -9.71
C PRO A 45 4.31 5.30 -8.62
N VAL A 46 4.64 4.01 -8.75
CA VAL A 46 5.47 3.33 -7.78
C VAL A 46 6.90 3.85 -7.81
N SER A 47 7.32 4.33 -8.98
CA SER A 47 8.67 4.87 -9.15
C SER A 47 8.87 6.11 -8.29
N LYS A 48 7.77 6.76 -7.93
CA LYS A 48 7.83 7.96 -7.11
C LYS A 48 7.52 7.64 -5.65
N MET A 49 6.76 6.58 -5.42
CA MET A 49 6.41 6.15 -4.07
C MET A 49 7.52 5.30 -3.46
N LEU A 50 7.72 5.45 -2.15
CA LEU A 50 8.75 4.69 -1.46
C LEU A 50 8.14 3.88 -0.31
N LEU A 51 7.92 2.60 -0.55
CA LEU A 51 7.34 1.72 0.46
C LEU A 51 8.26 1.61 1.67
N LYS A 52 7.74 2.01 2.83
CA LYS A 52 8.52 1.95 4.08
C LYS A 52 7.64 1.54 5.25
N GLY A 53 8.25 1.35 6.41
CA GLY A 53 7.51 0.95 7.58
C GLY A 53 7.89 -0.44 8.06
N TRP A 54 8.22 -1.31 7.12
CA TRP A 54 8.60 -2.68 7.44
C TRP A 54 9.35 -2.74 8.78
N LYS A 55 8.98 -3.69 9.62
CA LYS A 55 9.61 -3.86 10.92
C LYS A 55 11.12 -4.06 10.77
N THR A 56 11.50 -4.99 9.90
CA THR A 56 12.91 -5.28 9.67
C THR A 56 13.49 -4.37 8.60
N GLY A 57 14.31 -3.41 9.03
CA GLY A 57 14.92 -2.48 8.10
C GLY A 57 14.00 -2.14 6.94
N ASP A 58 14.35 -2.61 5.75
CA ASP A 58 13.55 -2.34 4.56
C ASP A 58 13.36 -3.62 3.75
N VAL A 59 12.10 -3.95 3.46
CA VAL A 59 11.78 -5.14 2.69
C VAL A 59 11.95 -4.89 1.19
N GLU A 60 12.31 -5.94 0.46
CA GLU A 60 12.51 -5.83 -0.98
C GLU A 60 11.27 -6.31 -1.73
N ASP A 61 10.97 -5.64 -2.85
CA ASP A 61 9.80 -5.99 -3.66
C ASP A 61 9.85 -7.46 -4.06
N SER A 62 11.02 -8.08 -3.91
CA SER A 62 11.20 -9.48 -4.27
C SER A 62 10.85 -10.38 -3.09
N THR A 63 10.19 -9.82 -2.09
CA THR A 63 9.80 -10.56 -0.90
C THR A 63 8.29 -10.79 -0.86
N VAL A 64 7.88 -11.92 -0.31
CA VAL A 64 6.46 -12.25 -0.20
C VAL A 64 5.96 -12.06 1.24
N LEU A 65 4.76 -11.51 1.37
CA LEU A 65 4.18 -11.27 2.68
C LEU A 65 4.36 -12.50 3.58
N LYS A 66 3.82 -13.63 3.13
CA LYS A 66 3.92 -14.86 3.90
C LYS A 66 5.30 -15.01 4.53
N SER A 67 6.32 -14.51 3.83
CA SER A 67 7.69 -14.58 4.33
C SER A 67 7.84 -13.83 5.64
N LEU A 68 7.37 -12.59 5.66
CA LEU A 68 7.45 -11.75 6.85
C LEU A 68 6.36 -12.13 7.85
N HIS A 69 5.26 -12.69 7.35
CA HIS A 69 4.16 -13.11 8.20
C HIS A 69 3.53 -11.91 8.91
N LEU A 70 3.13 -10.91 8.13
CA LEU A 70 2.52 -9.71 8.69
C LEU A 70 1.32 -10.05 9.56
N PRO A 71 1.12 -9.27 10.62
CA PRO A 71 0.01 -9.47 11.55
C PRO A 71 -1.35 -9.15 10.93
N LYS A 72 -2.41 -9.34 11.70
CA LYS A 72 -3.77 -9.08 11.22
C LYS A 72 -3.92 -7.60 10.83
N ASN A 73 -3.43 -6.72 11.69
CA ASN A 73 -3.51 -5.28 11.43
C ASN A 73 -2.13 -4.70 11.16
N ASN A 74 -2.03 -3.91 10.09
CA ASN A 74 -0.76 -3.29 9.71
C ASN A 74 -0.96 -1.80 9.43
N SER A 75 0.14 -1.05 9.47
CA SER A 75 0.10 0.39 9.23
C SER A 75 1.35 0.85 8.50
N LEU A 76 1.21 1.14 7.21
CA LEU A 76 2.34 1.59 6.40
C LEU A 76 2.18 3.06 6.03
N TYR A 77 3.16 3.59 5.30
CA TYR A 77 3.14 4.99 4.88
C TYR A 77 3.98 5.19 3.63
N VAL A 78 3.55 6.15 2.80
CA VAL A 78 4.26 6.44 1.56
C VAL A 78 5.01 7.77 1.66
N LEU A 79 6.22 7.81 1.13
CA LEU A 79 7.03 9.02 1.16
C LEU A 79 7.50 9.39 -0.25
N THR A 80 6.90 10.43 -0.81
CA THR A 80 7.25 10.89 -2.15
C THR A 80 8.07 12.18 -2.08
N PRO A 81 9.40 12.04 -2.09
CA PRO A 81 10.33 13.17 -2.03
C PRO A 81 10.32 13.99 -3.32
N ASP A 82 10.47 13.31 -4.45
CA ASP A 82 10.47 13.97 -5.75
C ASP A 82 9.08 14.49 -6.09
N LEU A 83 8.14 13.58 -6.26
CA LEU A 83 6.76 13.95 -6.60
C LEU A 83 6.37 15.26 -5.92
N PRO A 84 5.70 16.14 -6.68
CA PRO A 84 5.25 17.44 -6.17
C PRO A 84 4.13 17.31 -5.15
N PRO A 85 3.81 18.43 -4.48
CA PRO A 85 2.74 18.46 -3.46
C PRO A 85 1.35 18.30 -4.08
N PRO A 86 0.68 17.19 -3.74
CA PRO A 86 -0.67 16.90 -4.25
C PRO A 86 -1.72 17.84 -3.66
N SER A 87 -1.27 18.78 -2.84
CA SER A 87 -2.18 19.74 -2.22
C SER A 87 -3.34 20.08 -3.15
N SER A 88 -3.03 20.22 -4.43
CA SER A 88 -4.05 20.56 -5.43
C SER A 88 -4.12 19.48 -6.50
N SER A 89 -5.02 18.52 -6.30
CA SER A 89 -5.20 17.42 -7.25
C SER A 89 -6.23 17.79 -8.31
N SER A 90 -6.04 17.27 -9.52
CA SER A 90 -6.96 17.54 -10.62
C SER A 90 -7.52 16.24 -11.19
N HIS A 91 -7.90 15.33 -10.31
CA HIS A 91 -8.46 14.04 -10.72
C HIS A 91 -9.20 13.38 -9.57
N ALA A 92 -10.00 12.35 -9.90
CA ALA A 92 -10.76 11.64 -8.88
C ALA A 92 -9.84 10.92 -7.89
N GLY A 93 -9.63 11.55 -6.74
CA GLY A 93 -8.76 10.96 -5.73
C GLY A 93 -9.17 9.55 -5.37
N ALA A 94 -10.30 9.44 -4.66
CA ALA A 94 -10.81 8.13 -4.25
C ALA A 94 -11.91 7.65 -5.19
N LEU A 95 -11.95 6.35 -5.43
CA LEU A 95 -12.95 5.76 -6.31
C LEU A 95 -14.36 6.09 -5.82
N GLN A 96 -15.29 6.22 -6.76
CA GLN A 96 -16.67 6.53 -6.42
C GLN A 96 -17.31 5.40 -5.62
N GLU A 97 -18.01 5.76 -4.55
CA GLU A 97 -18.67 4.77 -3.70
C GLU A 97 -20.07 4.44 -4.23
N SER A 98 -20.39 3.16 -4.28
CA SER A 98 -21.70 2.72 -4.76
C SER A 98 -22.13 1.43 -4.06
N LEU A 99 -23.30 0.93 -4.43
CA LEU A 99 -23.83 -0.30 -3.84
C LEU A 99 -23.04 -1.51 -4.31
N ASN A 100 -22.90 -2.50 -3.42
CA ASN A 100 -22.17 -3.72 -3.75
C ASN A 100 -22.85 -4.48 -4.87
N GLY A 1 -3.84 -31.66 2.27
CA GLY A 1 -5.23 -31.30 2.04
C GLY A 1 -5.48 -29.82 2.23
N SER A 2 -6.52 -29.49 2.99
CA SER A 2 -6.87 -28.10 3.24
C SER A 2 -6.96 -27.31 1.94
N SER A 3 -7.56 -27.93 0.93
CA SER A 3 -7.72 -27.28 -0.38
C SER A 3 -8.99 -26.44 -0.42
N GLY A 4 -8.81 -25.12 -0.40
CA GLY A 4 -9.95 -24.22 -0.46
C GLY A 4 -9.54 -22.77 -0.41
N SER A 5 -9.30 -22.25 0.78
CA SER A 5 -8.91 -20.85 0.94
C SER A 5 -7.53 -20.75 1.60
N SER A 6 -7.37 -21.44 2.73
CA SER A 6 -6.11 -21.42 3.46
C SER A 6 -5.44 -20.05 3.37
N GLY A 7 -6.26 -19.00 3.40
CA GLY A 7 -5.74 -17.65 3.32
C GLY A 7 -6.63 -16.65 4.02
N ARG A 8 -6.02 -15.57 4.53
CA ARG A 8 -6.76 -14.53 5.22
C ARG A 8 -6.45 -13.16 4.65
N MET A 9 -7.28 -12.17 4.98
CA MET A 9 -7.08 -10.81 4.50
C MET A 9 -6.21 -10.02 5.45
N LEU A 10 -5.31 -9.21 4.87
CA LEU A 10 -4.40 -8.39 5.67
C LEU A 10 -4.71 -6.91 5.52
N ASP A 11 -5.11 -6.27 6.62
CA ASP A 11 -5.44 -4.86 6.60
C ASP A 11 -4.18 -4.00 6.63
N PHE A 12 -3.90 -3.32 5.52
CA PHE A 12 -2.72 -2.47 5.43
C PHE A 12 -3.12 -1.00 5.29
N ARG A 13 -2.95 -0.25 6.38
CA ARG A 13 -3.29 1.16 6.39
C ARG A 13 -2.11 2.02 5.93
N VAL A 14 -2.21 2.57 4.73
CA VAL A 14 -1.15 3.40 4.18
C VAL A 14 -1.44 4.87 4.39
N GLU A 15 -0.76 5.47 5.36
CA GLU A 15 -0.95 6.89 5.67
C GLU A 15 -0.17 7.76 4.70
N TYR A 16 -0.89 8.37 3.75
CA TYR A 16 -0.27 9.24 2.76
C TYR A 16 -0.70 10.69 2.95
N ARG A 17 0.12 11.61 2.48
CA ARG A 17 -0.18 13.04 2.59
C ARG A 17 -1.68 13.29 2.45
N ASP A 18 -2.21 13.01 1.26
CA ASP A 18 -3.64 13.21 1.00
C ASP A 18 -4.47 12.60 2.12
N ARG A 19 -4.33 11.30 2.33
CA ARG A 19 -5.08 10.61 3.37
C ARG A 19 -4.63 9.15 3.50
N ASN A 20 -5.18 8.45 4.48
CA ASN A 20 -4.82 7.06 4.70
C ASN A 20 -5.82 6.12 4.01
N VAL A 21 -5.31 5.30 3.10
CA VAL A 21 -6.15 4.36 2.36
C VAL A 21 -6.02 2.95 2.92
N ASP A 22 -7.10 2.18 2.85
CA ASP A 22 -7.10 0.81 3.35
C ASP A 22 -6.83 -0.18 2.23
N VAL A 23 -5.89 -1.09 2.47
CA VAL A 23 -5.52 -2.09 1.47
C VAL A 23 -5.75 -3.50 2.01
N VAL A 24 -6.27 -4.38 1.16
CA VAL A 24 -6.53 -5.76 1.55
C VAL A 24 -6.01 -6.74 0.51
N LEU A 25 -4.91 -7.43 0.84
CA LEU A 25 -4.31 -8.38 -0.07
C LEU A 25 -3.82 -9.62 0.69
N GLU A 26 -4.04 -10.79 0.11
CA GLU A 26 -3.61 -12.04 0.73
C GLU A 26 -2.12 -12.03 1.03
N ASP A 27 -1.70 -12.86 1.98
CA ASP A 27 -0.31 -12.93 2.37
C ASP A 27 0.52 -13.64 1.30
N THR A 28 -0.13 -14.01 0.21
CA THR A 28 0.53 -14.69 -0.89
C THR A 28 1.09 -13.69 -1.90
N CYS A 29 0.63 -12.46 -1.82
CA CYS A 29 1.08 -11.40 -2.72
C CYS A 29 2.48 -10.93 -2.35
N THR A 30 3.19 -10.39 -3.33
CA THR A 30 4.54 -9.89 -3.10
C THR A 30 4.52 -8.48 -2.55
N VAL A 31 5.49 -8.18 -1.68
CA VAL A 31 5.59 -6.86 -1.07
C VAL A 31 5.56 -5.76 -2.12
N GLY A 32 5.95 -6.10 -3.35
CA GLY A 32 5.96 -5.14 -4.43
C GLY A 32 4.56 -4.75 -4.87
N GLU A 33 3.60 -5.65 -4.66
CA GLU A 33 2.22 -5.41 -5.05
C GLU A 33 1.68 -4.15 -4.36
N ILE A 34 1.68 -4.16 -3.04
CA ILE A 34 1.20 -3.03 -2.27
C ILE A 34 1.52 -1.70 -2.97
N LYS A 35 2.73 -1.60 -3.48
CA LYS A 35 3.16 -0.39 -4.17
C LYS A 35 2.25 -0.09 -5.36
N GLN A 36 2.24 -1.00 -6.34
CA GLN A 36 1.41 -0.82 -7.52
C GLN A 36 -0.05 -0.64 -7.14
N ILE A 37 -0.52 -1.43 -6.19
CA ILE A 37 -1.90 -1.34 -5.73
C ILE A 37 -2.27 0.09 -5.37
N LEU A 38 -1.37 0.77 -4.66
CA LEU A 38 -1.62 2.15 -4.25
C LEU A 38 -1.79 3.05 -5.47
N GLU A 39 -1.25 2.62 -6.60
CA GLU A 39 -1.34 3.39 -7.84
C GLU A 39 -2.71 3.21 -8.48
N ASN A 40 -3.42 2.16 -8.08
CA ASN A 40 -4.74 1.87 -8.62
C ASN A 40 -5.83 2.51 -7.76
N GLU A 41 -5.42 3.06 -6.62
CA GLU A 41 -6.36 3.71 -5.71
C GLU A 41 -6.01 5.18 -5.51
N LEU A 42 -4.71 5.48 -5.54
CA LEU A 42 -4.24 6.85 -5.35
C LEU A 42 -3.77 7.44 -6.68
N GLN A 43 -3.66 6.59 -7.69
CA GLN A 43 -3.22 7.02 -9.01
C GLN A 43 -1.79 7.56 -8.96
N ILE A 44 -1.02 7.10 -7.98
CA ILE A 44 0.36 7.53 -7.82
C ILE A 44 1.33 6.48 -8.35
N PRO A 45 2.35 6.95 -9.08
CA PRO A 45 3.37 6.06 -9.65
C PRO A 45 4.28 5.45 -8.59
N VAL A 46 4.45 4.13 -8.65
CA VAL A 46 5.30 3.42 -7.69
C VAL A 46 6.70 4.02 -7.66
N SER A 47 7.02 4.82 -8.66
CA SER A 47 8.34 5.45 -8.75
C SER A 47 8.43 6.64 -7.80
N LYS A 48 7.30 7.30 -7.57
CA LYS A 48 7.25 8.46 -6.68
C LYS A 48 6.85 8.04 -5.27
N MET A 49 6.46 6.77 -5.12
CA MET A 49 6.04 6.25 -3.83
C MET A 49 7.19 5.49 -3.17
N LEU A 50 7.32 5.67 -1.86
CA LEU A 50 8.38 5.00 -1.10
C LEU A 50 7.79 4.16 0.03
N LEU A 51 7.66 2.86 -0.22
CA LEU A 51 7.11 1.95 0.79
C LEU A 51 8.07 1.78 1.95
N LYS A 52 7.63 2.18 3.14
CA LYS A 52 8.45 2.06 4.34
C LYS A 52 7.60 1.67 5.54
N GLY A 53 8.25 1.52 6.69
CA GLY A 53 7.54 1.14 7.90
C GLY A 53 7.35 -0.35 8.03
N TRP A 54 8.16 -1.10 7.30
CA TRP A 54 8.08 -2.57 7.32
C TRP A 54 8.38 -3.11 8.72
N LYS A 55 8.42 -4.42 8.84
CA LYS A 55 8.70 -5.05 10.12
C LYS A 55 10.20 -5.12 10.38
N THR A 56 10.94 -5.69 9.44
CA THR A 56 12.38 -5.82 9.55
C THR A 56 13.11 -4.86 8.61
N GLY A 57 13.78 -3.86 9.18
CA GLY A 57 14.50 -2.90 8.37
C GLY A 57 13.77 -2.58 7.08
N ASP A 58 14.44 -2.84 5.95
CA ASP A 58 13.84 -2.57 4.65
C ASP A 58 13.58 -3.86 3.89
N VAL A 59 12.34 -4.03 3.44
CA VAL A 59 11.95 -5.23 2.69
C VAL A 59 12.06 -5.00 1.19
N GLU A 60 12.63 -5.98 0.49
CA GLU A 60 12.79 -5.88 -0.97
C GLU A 60 11.54 -6.39 -1.68
N ASP A 61 11.22 -5.76 -2.81
CA ASP A 61 10.05 -6.14 -3.59
C ASP A 61 10.11 -7.62 -3.97
N SER A 62 11.30 -8.21 -3.87
CA SER A 62 11.49 -9.62 -4.20
C SER A 62 11.08 -10.51 -3.02
N THR A 63 10.37 -9.93 -2.06
CA THR A 63 9.92 -10.67 -0.89
C THR A 63 8.41 -10.87 -0.91
N VAL A 64 7.95 -11.91 -0.22
CA VAL A 64 6.52 -12.21 -0.16
C VAL A 64 5.97 -11.95 1.24
N LEU A 65 4.74 -11.44 1.29
CA LEU A 65 4.09 -11.15 2.56
C LEU A 65 4.16 -12.34 3.51
N LYS A 66 3.76 -13.50 3.02
CA LYS A 66 3.78 -14.72 3.81
C LYS A 66 5.14 -14.91 4.49
N SER A 67 6.19 -14.45 3.81
CA SER A 67 7.55 -14.56 4.34
C SER A 67 7.68 -13.82 5.67
N LEU A 68 7.11 -12.61 5.73
CA LEU A 68 7.16 -11.81 6.93
C LEU A 68 6.01 -12.14 7.87
N HIS A 69 4.95 -12.72 7.32
CA HIS A 69 3.79 -13.11 8.10
C HIS A 69 3.22 -11.91 8.85
N LEU A 70 3.01 -10.81 8.13
CA LEU A 70 2.47 -9.59 8.73
C LEU A 70 1.28 -9.91 9.63
N PRO A 71 1.18 -9.17 10.74
CA PRO A 71 0.10 -9.35 11.71
C PRO A 71 -1.25 -8.90 11.17
N LYS A 72 -2.33 -9.43 11.75
CA LYS A 72 -3.68 -9.10 11.32
C LYS A 72 -3.75 -7.63 10.88
N ASN A 73 -3.35 -6.73 11.77
CA ASN A 73 -3.37 -5.30 11.48
C ASN A 73 -1.97 -4.79 11.14
N ASN A 74 -1.88 -3.98 10.09
CA ASN A 74 -0.60 -3.43 9.67
C ASN A 74 -0.68 -1.91 9.54
N SER A 75 0.47 -1.25 9.59
CA SER A 75 0.53 0.20 9.50
C SER A 75 1.68 0.64 8.59
N LEU A 76 1.33 1.10 7.39
CA LEU A 76 2.33 1.55 6.43
C LEU A 76 2.12 3.02 6.08
N TYR A 77 3.11 3.60 5.40
CA TYR A 77 3.03 5.00 5.00
C TYR A 77 3.89 5.27 3.77
N VAL A 78 3.41 6.16 2.90
CA VAL A 78 4.12 6.50 1.68
C VAL A 78 4.85 7.83 1.82
N LEU A 79 6.05 7.92 1.26
CA LEU A 79 6.84 9.14 1.32
C LEU A 79 7.28 9.58 -0.08
N THR A 80 6.59 10.58 -0.62
CA THR A 80 6.91 11.09 -1.95
C THR A 80 7.65 12.42 -1.86
N PRO A 81 8.99 12.35 -1.89
CA PRO A 81 9.84 13.54 -1.82
C PRO A 81 9.76 14.39 -3.09
N ASP A 82 9.78 13.73 -4.24
CA ASP A 82 9.71 14.42 -5.52
C ASP A 82 8.29 14.92 -5.79
N LEU A 83 7.34 13.99 -5.78
CA LEU A 83 5.94 14.33 -6.02
C LEU A 83 5.48 15.46 -5.10
N PRO A 84 5.02 16.56 -5.72
CA PRO A 84 4.54 17.73 -4.97
C PRO A 84 3.23 17.46 -4.25
N PRO A 85 2.94 18.26 -3.21
CA PRO A 85 1.71 18.14 -2.42
C PRO A 85 0.47 18.53 -3.21
N PRO A 86 -0.71 18.25 -2.64
CA PRO A 86 -2.00 18.58 -3.27
C PRO A 86 -2.26 20.07 -3.30
N SER A 87 -2.39 20.63 -4.50
CA SER A 87 -2.64 22.05 -4.65
C SER A 87 -4.05 22.41 -4.20
N SER A 88 -4.36 23.71 -4.18
CA SER A 88 -5.67 24.18 -3.76
C SER A 88 -6.25 25.13 -4.80
N SER A 89 -7.52 25.50 -4.60
CA SER A 89 -8.21 26.41 -5.52
C SER A 89 -7.85 27.86 -5.21
N SER A 90 -8.25 28.76 -6.11
CA SER A 90 -7.97 30.17 -5.94
C SER A 90 -9.03 30.83 -5.06
N HIS A 91 -10.29 30.62 -5.40
CA HIS A 91 -11.40 31.18 -4.65
C HIS A 91 -12.18 30.09 -3.93
N ALA A 92 -12.43 30.30 -2.64
CA ALA A 92 -13.17 29.34 -1.83
C ALA A 92 -14.46 29.93 -1.30
N GLY A 93 -15.59 29.34 -1.68
CA GLY A 93 -16.88 29.83 -1.23
C GLY A 93 -18.01 28.88 -1.59
N ALA A 94 -18.96 28.71 -0.67
CA ALA A 94 -20.09 27.84 -0.89
C ALA A 94 -21.22 28.12 0.10
N LEU A 95 -22.45 27.95 -0.35
CA LEU A 95 -23.62 28.19 0.50
C LEU A 95 -23.64 27.21 1.68
N GLN A 96 -23.70 25.92 1.37
CA GLN A 96 -23.74 24.90 2.40
C GLN A 96 -23.41 23.52 1.81
N GLU A 97 -22.69 22.70 2.58
CA GLU A 97 -22.31 21.37 2.13
C GLU A 97 -23.07 20.30 2.91
N SER A 98 -23.99 19.62 2.24
CA SER A 98 -24.78 18.57 2.88
C SER A 98 -23.87 17.49 3.47
N LEU A 99 -23.14 16.79 2.61
CA LEU A 99 -22.24 15.74 3.05
C LEU A 99 -20.79 16.15 2.86
N ASN A 100 -20.08 16.34 3.97
CA ASN A 100 -18.67 16.74 3.92
C ASN A 100 -17.85 15.71 3.14
N GLY A 1 -8.59 -14.48 -4.98
CA GLY A 1 -7.43 -15.29 -4.66
C GLY A 1 -7.34 -16.55 -5.51
N SER A 2 -7.39 -17.70 -4.85
CA SER A 2 -7.33 -18.98 -5.56
C SER A 2 -8.25 -20.00 -4.91
N SER A 3 -9.24 -20.46 -5.67
CA SER A 3 -10.20 -21.44 -5.17
C SER A 3 -9.48 -22.67 -4.61
N GLY A 4 -9.23 -22.64 -3.30
CA GLY A 4 -8.55 -23.74 -2.66
C GLY A 4 -7.90 -23.35 -1.35
N SER A 5 -6.59 -23.52 -1.26
CA SER A 5 -5.85 -23.18 -0.05
C SER A 5 -6.39 -21.89 0.57
N SER A 6 -7.10 -22.04 1.68
CA SER A 6 -7.67 -20.89 2.37
C SER A 6 -6.59 -20.05 3.03
N GLY A 7 -6.77 -18.73 3.00
CA GLY A 7 -5.79 -17.83 3.59
C GLY A 7 -6.44 -16.78 4.47
N ARG A 8 -5.68 -15.73 4.77
CA ARG A 8 -6.18 -14.64 5.60
C ARG A 8 -5.87 -13.28 4.97
N MET A 9 -6.75 -12.31 5.22
CA MET A 9 -6.56 -10.98 4.67
C MET A 9 -5.80 -10.09 5.65
N LEU A 10 -4.92 -9.25 5.12
CA LEU A 10 -4.13 -8.35 5.95
C LEU A 10 -4.50 -6.89 5.70
N ASP A 11 -4.98 -6.22 6.73
CA ASP A 11 -5.38 -4.82 6.62
C ASP A 11 -4.17 -3.90 6.64
N PHE A 12 -3.76 -3.44 5.46
CA PHE A 12 -2.61 -2.56 5.34
C PHE A 12 -3.05 -1.10 5.22
N ARG A 13 -2.85 -0.34 6.29
CA ARG A 13 -3.22 1.08 6.31
C ARG A 13 -2.06 1.94 5.83
N VAL A 14 -2.15 2.41 4.59
CA VAL A 14 -1.12 3.26 4.02
C VAL A 14 -1.41 4.73 4.27
N GLU A 15 -0.64 5.34 5.16
CA GLU A 15 -0.82 6.75 5.50
C GLU A 15 -0.05 7.64 4.53
N TYR A 16 -0.77 8.29 3.62
CA TYR A 16 -0.15 9.17 2.63
C TYR A 16 -0.62 10.61 2.82
N ARG A 17 0.25 11.55 2.51
CA ARG A 17 -0.07 12.97 2.64
C ARG A 17 -1.54 13.22 2.32
N ASP A 18 -1.93 12.88 1.09
CA ASP A 18 -3.32 13.07 0.66
C ASP A 18 -4.29 12.55 1.70
N ARG A 19 -4.22 11.25 1.97
CA ARG A 19 -5.11 10.62 2.94
C ARG A 19 -4.74 9.15 3.14
N ASN A 20 -5.21 8.58 4.25
CA ASN A 20 -4.93 7.19 4.57
C ASN A 20 -5.88 6.25 3.81
N VAL A 21 -5.31 5.28 3.11
CA VAL A 21 -6.11 4.33 2.35
C VAL A 21 -5.94 2.91 2.89
N ASP A 22 -7.01 2.13 2.82
CA ASP A 22 -6.97 0.75 3.29
C ASP A 22 -6.69 -0.22 2.16
N VAL A 23 -5.78 -1.16 2.40
CA VAL A 23 -5.42 -2.15 1.38
C VAL A 23 -5.56 -3.56 1.93
N VAL A 24 -6.19 -4.43 1.13
CA VAL A 24 -6.39 -5.82 1.53
C VAL A 24 -5.82 -6.78 0.50
N LEU A 25 -4.72 -7.44 0.86
CA LEU A 25 -4.07 -8.39 -0.05
C LEU A 25 -3.64 -9.65 0.70
N GLU A 26 -3.89 -10.80 0.09
CA GLU A 26 -3.53 -12.08 0.70
C GLU A 26 -2.02 -12.15 0.97
N ASP A 27 -1.65 -12.96 1.95
CA ASP A 27 -0.24 -13.11 2.32
C ASP A 27 0.55 -13.70 1.16
N THR A 28 -0.15 -14.11 0.11
CA THR A 28 0.49 -14.70 -1.05
C THR A 28 1.08 -13.63 -1.96
N CYS A 29 0.49 -12.44 -1.93
CA CYS A 29 0.96 -11.33 -2.75
C CYS A 29 2.34 -10.88 -2.30
N THR A 30 3.09 -10.27 -3.22
CA THR A 30 4.43 -9.80 -2.92
C THR A 30 4.40 -8.39 -2.35
N VAL A 31 5.26 -8.14 -1.37
CA VAL A 31 5.33 -6.82 -0.74
C VAL A 31 5.31 -5.70 -1.78
N GLY A 32 5.76 -6.02 -2.99
CA GLY A 32 5.79 -5.03 -4.05
C GLY A 32 4.39 -4.61 -4.48
N GLU A 33 3.48 -5.58 -4.56
CA GLU A 33 2.11 -5.30 -4.95
C GLU A 33 1.59 -4.03 -4.26
N ILE A 34 1.61 -4.05 -2.93
CA ILE A 34 1.15 -2.90 -2.16
C ILE A 34 1.45 -1.59 -2.87
N LYS A 35 2.62 -1.54 -3.51
CA LYS A 35 3.04 -0.34 -4.23
C LYS A 35 2.13 -0.08 -5.44
N GLN A 36 2.21 -0.96 -6.44
CA GLN A 36 1.40 -0.82 -7.64
C GLN A 36 -0.07 -0.64 -7.29
N ILE A 37 -0.50 -1.31 -6.22
CA ILE A 37 -1.89 -1.23 -5.78
C ILE A 37 -2.24 0.20 -5.36
N LEU A 38 -1.35 0.82 -4.60
CA LEU A 38 -1.57 2.18 -4.13
C LEU A 38 -1.76 3.14 -5.31
N GLU A 39 -1.29 2.73 -6.48
CA GLU A 39 -1.40 3.55 -7.68
C GLU A 39 -2.80 3.43 -8.28
N ASN A 40 -3.51 2.37 -7.92
CA ASN A 40 -4.86 2.14 -8.43
C ASN A 40 -5.90 2.78 -7.52
N GLU A 41 -5.44 3.29 -6.38
CA GLU A 41 -6.34 3.93 -5.41
C GLU A 41 -5.91 5.37 -5.14
N LEU A 42 -4.60 5.60 -5.15
CA LEU A 42 -4.05 6.93 -4.90
C LEU A 42 -3.61 7.58 -6.20
N GLN A 43 -3.57 6.79 -7.27
CA GLN A 43 -3.16 7.31 -8.58
C GLN A 43 -1.71 7.78 -8.55
N ILE A 44 -0.93 7.23 -7.63
CA ILE A 44 0.47 7.59 -7.50
C ILE A 44 1.37 6.53 -8.12
N PRO A 45 2.39 6.98 -8.87
CA PRO A 45 3.34 6.09 -9.53
C PRO A 45 4.26 5.38 -8.55
N VAL A 46 4.45 4.08 -8.74
CA VAL A 46 5.31 3.28 -7.87
C VAL A 46 6.72 3.83 -7.84
N SER A 47 7.08 4.60 -8.87
CA SER A 47 8.41 5.18 -8.97
C SER A 47 8.59 6.31 -7.96
N LYS A 48 7.54 7.11 -7.79
CA LYS A 48 7.57 8.23 -6.86
C LYS A 48 7.25 7.76 -5.44
N MET A 49 6.59 6.62 -5.33
CA MET A 49 6.23 6.07 -4.04
C MET A 49 7.37 5.24 -3.45
N LEU A 50 7.51 5.28 -2.13
CA LEU A 50 8.56 4.53 -1.45
C LEU A 50 8.01 3.78 -0.25
N LEU A 51 7.91 2.46 -0.37
CA LEU A 51 7.40 1.63 0.70
C LEU A 51 8.34 1.67 1.91
N LYS A 52 7.76 1.92 3.08
CA LYS A 52 8.53 1.98 4.32
C LYS A 52 7.65 1.71 5.54
N GLY A 53 8.29 1.49 6.68
CA GLY A 53 7.54 1.22 7.90
C GLY A 53 7.78 -0.18 8.42
N TRP A 54 8.17 -1.10 7.53
CA TRP A 54 8.43 -2.48 7.91
C TRP A 54 9.12 -2.54 9.27
N LYS A 55 8.94 -3.66 9.96
CA LYS A 55 9.54 -3.87 11.28
C LYS A 55 11.01 -4.23 11.15
N THR A 56 11.29 -5.22 10.30
CA THR A 56 12.67 -5.67 10.08
C THR A 56 13.36 -4.82 9.03
N GLY A 57 14.33 -4.02 9.48
CA GLY A 57 15.07 -3.17 8.55
C GLY A 57 14.20 -2.66 7.42
N ASP A 58 14.57 -3.02 6.19
CA ASP A 58 13.82 -2.60 5.01
C ASP A 58 13.49 -3.79 4.12
N VAL A 59 12.21 -4.00 3.85
CA VAL A 59 11.77 -5.11 3.01
C VAL A 59 11.83 -4.72 1.53
N GLU A 60 12.21 -5.69 0.70
CA GLU A 60 12.31 -5.44 -0.74
C GLU A 60 11.08 -5.98 -1.47
N ASP A 61 10.77 -5.40 -2.61
CA ASP A 61 9.62 -5.81 -3.40
C ASP A 61 9.77 -7.28 -3.82
N SER A 62 10.98 -7.81 -3.70
CA SER A 62 11.24 -9.19 -4.06
C SER A 62 10.91 -10.14 -2.92
N THR A 63 10.22 -9.61 -1.90
CA THR A 63 9.85 -10.40 -0.74
C THR A 63 8.34 -10.63 -0.69
N VAL A 64 7.93 -11.79 -0.23
CA VAL A 64 6.51 -12.14 -0.13
C VAL A 64 6.01 -11.96 1.30
N LEU A 65 4.79 -11.44 1.42
CA LEU A 65 4.18 -11.22 2.73
C LEU A 65 4.32 -12.47 3.61
N LYS A 66 3.79 -13.58 3.12
CA LYS A 66 3.86 -14.84 3.85
C LYS A 66 5.24 -15.05 4.46
N SER A 67 6.24 -14.39 3.89
CA SER A 67 7.61 -14.51 4.37
C SER A 67 7.79 -13.76 5.69
N LEU A 68 7.20 -12.56 5.76
CA LEU A 68 7.30 -11.73 6.96
C LEU A 68 6.16 -12.06 7.93
N HIS A 69 5.12 -12.70 7.41
CA HIS A 69 3.97 -13.07 8.24
C HIS A 69 3.54 -11.91 9.12
N LEU A 70 3.28 -10.76 8.52
CA LEU A 70 2.86 -9.57 9.26
C LEU A 70 1.63 -9.87 10.11
N PRO A 71 1.46 -9.08 11.19
CA PRO A 71 0.33 -9.24 12.10
C PRO A 71 -1.00 -8.83 11.47
N LYS A 72 -2.09 -9.35 12.01
CA LYS A 72 -3.42 -9.05 11.49
C LYS A 72 -3.53 -7.57 11.12
N ASN A 73 -3.20 -6.70 12.06
CA ASN A 73 -3.26 -5.26 11.83
C ASN A 73 -1.94 -4.74 11.26
N ASN A 74 -1.99 -4.29 10.02
CA ASN A 74 -0.80 -3.77 9.35
C ASN A 74 -0.91 -2.26 9.13
N SER A 75 0.22 -1.57 9.25
CA SER A 75 0.24 -0.13 9.06
C SER A 75 1.50 0.31 8.31
N LEU A 76 1.30 1.05 7.22
CA LEU A 76 2.41 1.53 6.41
C LEU A 76 2.21 2.97 5.99
N TYR A 77 3.17 3.53 5.27
CA TYR A 77 3.10 4.91 4.81
C TYR A 77 3.90 5.10 3.53
N VAL A 78 3.52 6.10 2.75
CA VAL A 78 4.21 6.40 1.49
C VAL A 78 4.93 7.74 1.57
N LEU A 79 6.06 7.84 0.86
CA LEU A 79 6.85 9.07 0.85
C LEU A 79 7.30 9.40 -0.57
N THR A 80 6.70 10.42 -1.16
CA THR A 80 7.04 10.84 -2.51
C THR A 80 7.89 12.10 -2.49
N PRO A 81 9.22 11.93 -2.54
CA PRO A 81 10.17 13.05 -2.54
C PRO A 81 10.12 13.85 -3.83
N ASP A 82 10.22 13.16 -4.96
CA ASP A 82 10.19 13.81 -6.26
C ASP A 82 8.82 14.42 -6.53
N LEU A 83 7.80 13.56 -6.64
CA LEU A 83 6.44 14.02 -6.90
C LEU A 83 6.16 15.35 -6.20
N PRO A 84 5.54 16.28 -6.92
CA PRO A 84 5.20 17.61 -6.39
C PRO A 84 4.10 17.55 -5.35
N PRO A 85 4.07 18.55 -4.46
CA PRO A 85 3.07 18.63 -3.38
C PRO A 85 1.68 18.94 -3.92
N PRO A 86 0.65 18.36 -3.27
CA PRO A 86 -0.75 18.55 -3.66
C PRO A 86 -1.24 19.97 -3.38
N SER A 87 -0.34 20.80 -2.86
CA SER A 87 -0.69 22.18 -2.53
C SER A 87 -1.54 22.25 -1.27
N SER A 88 -1.11 21.55 -0.23
CA SER A 88 -1.83 21.51 1.03
C SER A 88 -0.95 22.02 2.17
N SER A 89 -0.79 23.34 2.25
CA SER A 89 0.02 23.95 3.29
C SER A 89 -0.09 23.18 4.60
N SER A 90 -1.33 22.90 5.00
CA SER A 90 -1.58 22.16 6.23
C SER A 90 -0.49 21.12 6.49
N HIS A 91 0.31 21.36 7.52
CA HIS A 91 1.40 20.45 7.87
C HIS A 91 0.87 19.26 8.67
N ALA A 92 1.26 18.06 8.27
CA ALA A 92 0.83 16.84 8.96
C ALA A 92 1.70 16.56 10.18
N GLY A 93 2.93 16.10 9.94
CA GLY A 93 3.83 15.80 11.02
C GLY A 93 5.27 15.64 10.55
N ALA A 94 6.21 15.96 11.43
CA ALA A 94 7.63 15.84 11.10
C ALA A 94 8.01 14.39 10.79
N LEU A 95 9.29 14.17 10.54
CA LEU A 95 9.78 12.83 10.23
C LEU A 95 10.37 12.16 11.47
N GLN A 96 10.31 10.83 11.50
CA GLN A 96 10.85 10.08 12.63
C GLN A 96 12.26 9.61 12.36
N GLU A 97 12.87 8.96 13.34
CA GLU A 97 14.23 8.46 13.20
C GLU A 97 14.28 6.95 13.37
N SER A 98 14.78 6.26 12.34
CA SER A 98 14.87 4.81 12.36
C SER A 98 15.80 4.34 13.48
N LEU A 99 15.37 3.33 14.22
CA LEU A 99 16.17 2.79 15.32
C LEU A 99 15.79 1.35 15.61
N ASN A 100 16.57 0.69 16.46
CA ASN A 100 16.31 -0.70 16.82
C ASN A 100 15.15 -0.79 17.82
N GLY A 1 -8.77 -18.66 -8.41
CA GLY A 1 -9.37 -18.71 -9.73
C GLY A 1 -10.73 -19.38 -9.73
N SER A 2 -10.74 -20.67 -9.41
CA SER A 2 -11.99 -21.44 -9.38
C SER A 2 -12.15 -22.15 -8.04
N SER A 3 -11.22 -23.04 -7.72
CA SER A 3 -11.27 -23.79 -6.48
C SER A 3 -11.12 -22.86 -5.27
N GLY A 4 -10.15 -21.94 -5.36
CA GLY A 4 -9.92 -21.01 -4.28
C GLY A 4 -9.51 -21.69 -2.98
N SER A 5 -8.32 -21.36 -2.51
CA SER A 5 -7.81 -21.95 -1.28
C SER A 5 -7.77 -20.93 -0.14
N SER A 6 -7.95 -21.41 1.08
CA SER A 6 -7.95 -20.53 2.25
C SER A 6 -6.88 -19.44 2.11
N GLY A 7 -7.11 -18.32 2.79
CA GLY A 7 -6.16 -17.22 2.72
C GLY A 7 -6.51 -16.10 3.69
N ARG A 8 -5.56 -15.74 4.54
CA ARG A 8 -5.77 -14.67 5.51
C ARG A 8 -5.51 -13.30 4.90
N MET A 9 -6.47 -12.40 5.02
CA MET A 9 -6.34 -11.05 4.48
C MET A 9 -5.59 -10.14 5.45
N LEU A 10 -4.73 -9.29 4.91
CA LEU A 10 -3.95 -8.37 5.73
C LEU A 10 -4.37 -6.92 5.48
N ASP A 11 -4.84 -6.25 6.52
CA ASP A 11 -5.27 -4.86 6.41
C ASP A 11 -4.08 -3.91 6.51
N PHE A 12 -3.58 -3.47 5.37
CA PHE A 12 -2.44 -2.56 5.32
C PHE A 12 -2.90 -1.12 5.14
N ARG A 13 -2.83 -0.34 6.22
CA ARG A 13 -3.25 1.06 6.18
C ARG A 13 -2.10 1.95 5.73
N VAL A 14 -2.21 2.50 4.52
CA VAL A 14 -1.18 3.37 3.97
C VAL A 14 -1.48 4.84 4.30
N GLU A 15 -0.81 5.35 5.33
CA GLU A 15 -1.00 6.74 5.74
C GLU A 15 -0.24 7.69 4.82
N TYR A 16 -0.97 8.37 3.94
CA TYR A 16 -0.36 9.30 3.00
C TYR A 16 -0.95 10.70 3.17
N ARG A 17 -0.11 11.71 3.06
CA ARG A 17 -0.54 13.10 3.20
C ARG A 17 -1.95 13.28 2.64
N ASP A 18 -2.10 13.05 1.34
CA ASP A 18 -3.41 13.18 0.69
C ASP A 18 -4.51 12.59 1.55
N ARG A 19 -4.38 11.31 1.85
CA ARG A 19 -5.38 10.62 2.67
C ARG A 19 -4.93 9.19 2.98
N ASN A 20 -5.43 8.64 4.08
CA ASN A 20 -5.08 7.28 4.49
C ASN A 20 -6.01 6.26 3.82
N VAL A 21 -5.41 5.35 3.06
CA VAL A 21 -6.18 4.31 2.36
C VAL A 21 -5.86 2.93 2.92
N ASP A 22 -6.87 2.07 2.95
CA ASP A 22 -6.69 0.70 3.45
C ASP A 22 -6.53 -0.28 2.30
N VAL A 23 -5.51 -1.13 2.39
CA VAL A 23 -5.25 -2.11 1.36
C VAL A 23 -5.41 -3.53 1.90
N VAL A 24 -5.96 -4.42 1.07
CA VAL A 24 -6.18 -5.81 1.47
C VAL A 24 -5.62 -6.76 0.43
N LEU A 25 -4.70 -7.62 0.85
CA LEU A 25 -4.10 -8.60 -0.06
C LEU A 25 -3.63 -9.83 0.70
N GLU A 26 -3.91 -11.00 0.17
CA GLU A 26 -3.51 -12.26 0.79
C GLU A 26 -2.00 -12.28 1.05
N ASP A 27 -1.58 -13.15 1.96
CA ASP A 27 -0.17 -13.27 2.29
C ASP A 27 0.61 -13.89 1.14
N THR A 28 -0.10 -14.27 0.07
CA THR A 28 0.52 -14.87 -1.09
C THR A 28 1.12 -13.81 -2.01
N CYS A 29 0.48 -12.65 -2.06
CA CYS A 29 0.96 -11.55 -2.90
C CYS A 29 2.34 -11.08 -2.44
N THR A 30 3.10 -10.52 -3.38
CA THR A 30 4.44 -10.02 -3.08
C THR A 30 4.39 -8.62 -2.49
N VAL A 31 5.37 -8.29 -1.66
CA VAL A 31 5.44 -6.97 -1.05
C VAL A 31 5.40 -5.87 -2.09
N GLY A 32 5.76 -6.22 -3.32
CA GLY A 32 5.77 -5.24 -4.41
C GLY A 32 4.36 -4.82 -4.80
N GLU A 33 3.41 -5.73 -4.69
CA GLU A 33 2.02 -5.45 -5.03
C GLU A 33 1.54 -4.18 -4.33
N ILE A 34 1.54 -4.20 -3.00
CA ILE A 34 1.11 -3.06 -2.21
C ILE A 34 1.48 -1.75 -2.89
N LYS A 35 2.68 -1.72 -3.48
CA LYS A 35 3.16 -0.53 -4.17
C LYS A 35 2.26 -0.18 -5.35
N GLN A 36 2.22 -1.06 -6.35
CA GLN A 36 1.39 -0.85 -7.53
C GLN A 36 -0.06 -0.61 -7.14
N ILE A 37 -0.51 -1.32 -6.11
CA ILE A 37 -1.89 -1.18 -5.64
C ILE A 37 -2.22 0.27 -5.31
N LEU A 38 -1.31 0.92 -4.58
CA LEU A 38 -1.51 2.31 -4.19
C LEU A 38 -1.72 3.20 -5.42
N GLU A 39 -1.18 2.75 -6.55
CA GLU A 39 -1.31 3.50 -7.79
C GLU A 39 -2.72 3.37 -8.38
N ASN A 40 -3.46 2.39 -7.87
CA ASN A 40 -4.82 2.13 -8.34
C ASN A 40 -5.84 2.85 -7.46
N GLU A 41 -5.36 3.43 -6.37
CA GLU A 41 -6.23 4.15 -5.44
C GLU A 41 -5.82 5.61 -5.33
N LEU A 42 -4.52 5.87 -5.41
CA LEU A 42 -4.00 7.23 -5.32
C LEU A 42 -3.50 7.71 -6.68
N GLN A 43 -3.58 6.84 -7.67
CA GLN A 43 -3.14 7.18 -9.02
C GLN A 43 -1.69 7.67 -9.01
N ILE A 44 -0.91 7.17 -8.05
CA ILE A 44 0.49 7.56 -7.93
C ILE A 44 1.41 6.46 -8.45
N PRO A 45 2.43 6.85 -9.22
CA PRO A 45 3.40 5.91 -9.79
C PRO A 45 4.31 5.30 -8.72
N VAL A 46 4.43 3.97 -8.75
CA VAL A 46 5.27 3.26 -7.79
C VAL A 46 6.70 3.77 -7.82
N SER A 47 7.08 4.37 -8.95
CA SER A 47 8.43 4.91 -9.11
C SER A 47 8.64 6.13 -8.21
N LYS A 48 7.58 6.86 -7.96
CA LYS A 48 7.64 8.05 -7.12
C LYS A 48 7.35 7.70 -5.65
N MET A 49 6.68 6.57 -5.45
CA MET A 49 6.34 6.12 -4.10
C MET A 49 7.45 5.25 -3.53
N LEU A 50 7.63 5.30 -2.22
CA LEU A 50 8.65 4.51 -1.55
C LEU A 50 8.06 3.73 -0.38
N LEU A 51 7.85 2.44 -0.59
CA LEU A 51 7.29 1.57 0.45
C LEU A 51 8.21 1.52 1.67
N LYS A 52 7.67 1.88 2.82
CA LYS A 52 8.43 1.88 4.06
C LYS A 52 7.57 1.42 5.23
N GLY A 53 8.18 1.31 6.40
CA GLY A 53 7.45 0.88 7.59
C GLY A 53 7.83 -0.51 8.03
N TRP A 54 8.24 -1.35 7.09
CA TRP A 54 8.63 -2.71 7.39
C TRP A 54 9.34 -2.80 8.73
N LYS A 55 8.80 -3.62 9.63
CA LYS A 55 9.38 -3.79 10.95
C LYS A 55 10.87 -4.15 10.86
N THR A 56 11.20 -5.02 9.91
CA THR A 56 12.58 -5.44 9.71
C THR A 56 13.29 -4.54 8.71
N GLY A 57 14.11 -3.63 9.21
CA GLY A 57 14.83 -2.72 8.35
C GLY A 57 14.05 -2.34 7.12
N ASP A 58 14.61 -2.62 5.94
CA ASP A 58 13.94 -2.31 4.68
C ASP A 58 13.77 -3.56 3.83
N VAL A 59 12.51 -3.94 3.61
CA VAL A 59 12.19 -5.12 2.82
C VAL A 59 12.37 -4.85 1.33
N GLU A 60 12.49 -5.91 0.54
CA GLU A 60 12.66 -5.78 -0.90
C GLU A 60 11.41 -6.27 -1.65
N ASP A 61 11.06 -5.57 -2.71
CA ASP A 61 9.89 -5.93 -3.51
C ASP A 61 9.95 -7.40 -3.91
N SER A 62 11.13 -7.98 -3.83
CA SER A 62 11.32 -9.38 -4.19
C SER A 62 10.98 -10.30 -3.02
N THR A 63 10.24 -9.77 -2.05
CA THR A 63 9.84 -10.53 -0.88
C THR A 63 8.34 -10.82 -0.89
N VAL A 64 7.95 -11.87 -0.18
CA VAL A 64 6.55 -12.27 -0.11
C VAL A 64 6.00 -12.09 1.30
N LEU A 65 4.78 -11.55 1.39
CA LEU A 65 4.14 -11.32 2.69
C LEU A 65 4.27 -12.55 3.58
N LYS A 66 3.76 -13.68 3.11
CA LYS A 66 3.82 -14.93 3.86
C LYS A 66 5.18 -15.10 4.53
N SER A 67 6.22 -14.56 3.88
CA SER A 67 7.57 -14.65 4.41
C SER A 67 7.70 -13.86 5.70
N LEU A 68 7.15 -12.65 5.71
CA LEU A 68 7.21 -11.78 6.88
C LEU A 68 6.06 -12.08 7.84
N HIS A 69 5.04 -12.78 7.33
CA HIS A 69 3.89 -13.14 8.15
C HIS A 69 3.46 -11.97 9.02
N LEU A 70 3.24 -10.81 8.40
CA LEU A 70 2.84 -9.61 9.13
C LEU A 70 1.59 -9.89 9.96
N PRO A 71 1.43 -9.12 11.05
CA PRO A 71 0.28 -9.26 11.95
C PRO A 71 -1.02 -8.80 11.31
N LYS A 72 -2.12 -9.43 11.68
CA LYS A 72 -3.43 -9.08 11.14
C LYS A 72 -3.57 -7.57 10.99
N ASN A 73 -3.06 -6.83 11.97
CA ASN A 73 -3.13 -5.38 11.94
C ASN A 73 -1.79 -4.78 11.50
N ASN A 74 -1.81 -4.06 10.38
CA ASN A 74 -0.60 -3.43 9.85
C ASN A 74 -0.86 -1.98 9.47
N SER A 75 0.19 -1.16 9.52
CA SER A 75 0.08 0.25 9.19
C SER A 75 1.33 0.74 8.46
N LEU A 76 1.17 1.08 7.18
CA LEU A 76 2.29 1.56 6.38
C LEU A 76 2.10 3.03 6.01
N TYR A 77 3.07 3.58 5.29
CA TYR A 77 3.01 4.97 4.87
C TYR A 77 3.78 5.19 3.58
N VAL A 78 3.39 6.21 2.83
CA VAL A 78 4.05 6.54 1.56
C VAL A 78 4.87 7.81 1.67
N LEU A 79 6.01 7.84 0.99
CA LEU A 79 6.88 9.00 1.01
C LEU A 79 7.36 9.35 -0.40
N THR A 80 6.81 10.41 -0.97
CA THR A 80 7.17 10.85 -2.31
C THR A 80 8.06 12.08 -2.26
N PRO A 81 9.38 11.86 -2.29
CA PRO A 81 10.37 12.94 -2.24
C PRO A 81 10.39 13.75 -3.53
N ASP A 82 10.35 13.07 -4.66
CA ASP A 82 10.36 13.73 -5.96
C ASP A 82 8.98 14.32 -6.29
N LEU A 83 7.96 13.47 -6.28
CA LEU A 83 6.61 13.91 -6.56
C LEU A 83 6.24 15.14 -5.74
N PRO A 84 5.95 16.26 -6.44
CA PRO A 84 5.58 17.52 -5.78
C PRO A 84 4.21 17.45 -5.12
N PRO A 85 3.91 18.45 -4.28
CA PRO A 85 2.63 18.52 -3.57
C PRO A 85 1.46 18.82 -4.51
N PRO A 86 0.33 18.15 -4.28
CA PRO A 86 -0.88 18.33 -5.09
C PRO A 86 -1.54 19.69 -4.86
N SER A 87 -2.70 19.88 -5.47
CA SER A 87 -3.42 21.15 -5.34
C SER A 87 -4.74 20.93 -4.61
N SER A 88 -5.21 21.98 -3.92
CA SER A 88 -6.46 21.91 -3.17
C SER A 88 -7.65 21.85 -4.13
N SER A 89 -8.51 20.85 -3.94
CA SER A 89 -9.69 20.70 -4.78
C SER A 89 -10.97 20.73 -3.94
N SER A 90 -12.02 21.34 -4.49
CA SER A 90 -13.29 21.44 -3.79
C SER A 90 -14.15 20.21 -4.04
N HIS A 91 -13.54 19.04 -3.88
CA HIS A 91 -14.26 17.78 -4.08
C HIS A 91 -15.53 17.73 -3.25
N ALA A 92 -16.67 17.53 -3.93
CA ALA A 92 -17.96 17.47 -3.26
C ALA A 92 -18.45 16.03 -3.17
N GLY A 93 -18.31 15.43 -1.99
CA GLY A 93 -18.75 14.06 -1.78
C GLY A 93 -17.79 13.26 -0.93
N ALA A 94 -18.21 12.92 0.28
CA ALA A 94 -17.37 12.15 1.19
C ALA A 94 -18.07 10.86 1.62
N LEU A 95 -17.84 9.78 0.88
CA LEU A 95 -18.44 8.50 1.17
C LEU A 95 -17.60 7.72 2.17
N GLN A 96 -18.05 7.68 3.43
CA GLN A 96 -17.34 6.97 4.48
C GLN A 96 -17.46 5.47 4.30
N GLU A 97 -18.70 4.99 4.22
CA GLU A 97 -18.96 3.57 4.04
C GLU A 97 -18.13 2.73 5.03
N SER A 98 -18.04 3.22 6.27
CA SER A 98 -17.26 2.53 7.29
C SER A 98 -18.19 1.73 8.22
N LEU A 99 -17.72 0.56 8.64
CA LEU A 99 -18.50 -0.30 9.53
C LEU A 99 -18.21 0.04 10.99
N ASN A 100 -19.18 -0.27 11.86
CA ASN A 100 -19.04 -0.01 13.28
C ASN A 100 -19.31 -1.26 14.10
N GLY A 1 -1.68 -25.73 -10.09
CA GLY A 1 -3.10 -25.55 -9.89
C GLY A 1 -3.45 -25.15 -8.47
N SER A 2 -4.72 -25.32 -8.10
CA SER A 2 -5.17 -24.96 -6.77
C SER A 2 -4.85 -23.51 -6.44
N SER A 3 -5.07 -22.64 -7.43
CA SER A 3 -4.79 -21.21 -7.26
C SER A 3 -6.07 -20.45 -6.92
N GLY A 4 -6.91 -21.04 -6.06
CA GLY A 4 -8.15 -20.40 -5.68
C GLY A 4 -8.01 -19.57 -4.42
N SER A 5 -9.14 -19.20 -3.83
CA SER A 5 -9.14 -18.40 -2.61
C SER A 5 -8.21 -19.00 -1.57
N SER A 6 -7.06 -18.36 -1.37
CA SER A 6 -6.07 -18.82 -0.40
C SER A 6 -5.24 -17.66 0.13
N GLY A 7 -4.72 -17.83 1.34
CA GLY A 7 -3.92 -16.78 1.95
C GLY A 7 -4.76 -15.68 2.57
N ARG A 8 -4.89 -15.70 3.89
CA ARG A 8 -5.66 -14.71 4.60
C ARG A 8 -5.30 -13.30 4.14
N MET A 9 -6.31 -12.45 4.02
CA MET A 9 -6.10 -11.07 3.58
C MET A 9 -5.59 -10.20 4.73
N LEU A 10 -4.83 -9.16 4.41
CA LEU A 10 -4.28 -8.27 5.41
C LEU A 10 -4.67 -6.82 5.12
N ASP A 11 -5.15 -6.13 6.14
CA ASP A 11 -5.55 -4.73 6.00
C ASP A 11 -4.37 -3.80 6.21
N PHE A 12 -3.80 -3.31 5.12
CA PHE A 12 -2.66 -2.40 5.19
C PHE A 12 -3.12 -0.95 5.10
N ARG A 13 -2.87 -0.20 6.17
CA ARG A 13 -3.26 1.20 6.22
C ARG A 13 -2.09 2.10 5.81
N VAL A 14 -2.14 2.60 4.58
CA VAL A 14 -1.09 3.47 4.06
C VAL A 14 -1.38 4.93 4.38
N GLU A 15 -0.62 5.49 5.31
CA GLU A 15 -0.80 6.89 5.71
C GLU A 15 -0.06 7.82 4.77
N TYR A 16 -0.81 8.49 3.89
CA TYR A 16 -0.22 9.41 2.93
C TYR A 16 -0.73 10.83 3.16
N ARG A 17 0.12 11.81 2.87
CA ARG A 17 -0.24 13.21 3.04
C ARG A 17 -1.72 13.44 2.76
N ASP A 18 -2.15 13.10 1.55
CA ASP A 18 -3.54 13.26 1.16
C ASP A 18 -4.47 12.67 2.21
N ARG A 19 -4.37 11.36 2.42
CA ARG A 19 -5.21 10.68 3.40
C ARG A 19 -4.80 9.21 3.53
N ASN A 20 -5.34 8.55 4.55
CA ASN A 20 -5.03 7.14 4.79
C ASN A 20 -5.98 6.24 4.00
N VAL A 21 -5.40 5.27 3.29
CA VAL A 21 -6.19 4.34 2.50
C VAL A 21 -5.98 2.90 2.97
N ASP A 22 -7.05 2.11 2.94
CA ASP A 22 -6.98 0.72 3.36
C ASP A 22 -6.71 -0.19 2.18
N VAL A 23 -5.78 -1.13 2.35
CA VAL A 23 -5.42 -2.07 1.30
C VAL A 23 -5.62 -3.51 1.75
N VAL A 24 -6.16 -4.33 0.84
CA VAL A 24 -6.41 -5.74 1.15
C VAL A 24 -5.71 -6.65 0.14
N LEU A 25 -4.82 -7.49 0.64
CA LEU A 25 -4.08 -8.41 -0.22
C LEU A 25 -3.63 -9.65 0.55
N GLU A 26 -3.88 -10.82 0.00
CA GLU A 26 -3.50 -12.07 0.65
C GLU A 26 -2.02 -12.09 0.97
N ASP A 27 -1.61 -13.01 1.84
CA ASP A 27 -0.21 -13.13 2.23
C ASP A 27 0.61 -13.77 1.12
N THR A 28 -0.08 -14.32 0.12
CA THR A 28 0.59 -14.97 -1.01
C THR A 28 1.10 -13.94 -2.01
N CYS A 29 0.61 -12.72 -1.90
CA CYS A 29 1.01 -11.65 -2.81
C CYS A 29 2.41 -11.15 -2.47
N THR A 30 3.10 -10.61 -3.47
CA THR A 30 4.46 -10.10 -3.27
C THR A 30 4.44 -8.71 -2.67
N VAL A 31 5.35 -8.46 -1.74
CA VAL A 31 5.45 -7.16 -1.07
C VAL A 31 5.42 -6.02 -2.09
N GLY A 32 5.91 -6.31 -3.29
CA GLY A 32 5.93 -5.30 -4.34
C GLY A 32 4.54 -4.87 -4.76
N GLU A 33 3.60 -5.80 -4.71
CA GLU A 33 2.22 -5.52 -5.09
C GLU A 33 1.71 -4.27 -4.39
N ILE A 34 1.71 -4.29 -3.07
CA ILE A 34 1.26 -3.15 -2.27
C ILE A 34 1.59 -1.83 -2.96
N LYS A 35 2.81 -1.74 -3.48
CA LYS A 35 3.26 -0.53 -4.16
C LYS A 35 2.35 -0.21 -5.35
N GLN A 36 2.28 -1.14 -6.30
CA GLN A 36 1.45 -0.95 -7.49
C GLN A 36 -0.02 -0.79 -7.11
N ILE A 37 -0.40 -1.39 -5.98
CA ILE A 37 -1.78 -1.32 -5.51
C ILE A 37 -2.16 0.13 -5.18
N LEU A 38 -1.28 0.82 -4.46
CA LEU A 38 -1.53 2.20 -4.08
C LEU A 38 -1.76 3.08 -5.31
N GLU A 39 -1.28 2.61 -6.46
CA GLU A 39 -1.44 3.35 -7.71
C GLU A 39 -2.83 3.13 -8.29
N ASN A 40 -3.53 2.13 -7.78
CA ASN A 40 -4.87 1.82 -8.25
C ASN A 40 -5.93 2.48 -7.35
N GLU A 41 -5.47 3.09 -6.26
CA GLU A 41 -6.37 3.75 -5.33
C GLU A 41 -6.02 5.23 -5.19
N LEU A 42 -4.73 5.52 -5.23
CA LEU A 42 -4.25 6.89 -5.10
C LEU A 42 -3.76 7.42 -6.44
N GLN A 43 -3.74 6.55 -7.45
CA GLN A 43 -3.29 6.93 -8.78
C GLN A 43 -1.86 7.47 -8.75
N ILE A 44 -1.07 6.95 -7.82
CA ILE A 44 0.32 7.38 -7.69
C ILE A 44 1.28 6.33 -8.24
N PRO A 45 2.29 6.79 -9.00
CA PRO A 45 3.29 5.91 -9.60
C PRO A 45 4.21 5.28 -8.57
N VAL A 46 4.35 3.96 -8.62
CA VAL A 46 5.21 3.25 -7.69
C VAL A 46 6.62 3.82 -7.69
N SER A 47 6.96 4.53 -8.75
CA SER A 47 8.29 5.14 -8.88
C SER A 47 8.44 6.30 -7.90
N LYS A 48 7.40 7.12 -7.80
CA LYS A 48 7.42 8.27 -6.90
C LYS A 48 7.10 7.86 -5.47
N MET A 49 6.59 6.63 -5.32
CA MET A 49 6.24 6.12 -4.00
C MET A 49 7.40 5.32 -3.40
N LEU A 50 7.61 5.47 -2.10
CA LEU A 50 8.68 4.76 -1.41
C LEU A 50 8.13 3.92 -0.27
N LEU A 51 8.01 2.62 -0.50
CA LEU A 51 7.49 1.71 0.51
C LEU A 51 8.41 1.68 1.73
N LYS A 52 7.85 1.98 2.90
CA LYS A 52 8.62 1.99 4.13
C LYS A 52 7.74 1.59 5.32
N GLY A 53 8.34 1.55 6.51
CA GLY A 53 7.59 1.20 7.71
C GLY A 53 7.32 -0.29 7.79
N TRP A 54 8.21 -1.09 7.21
CA TRP A 54 8.06 -2.54 7.23
C TRP A 54 8.26 -3.09 8.64
N LYS A 55 8.25 -4.41 8.76
CA LYS A 55 8.43 -5.07 10.05
C LYS A 55 9.90 -5.18 10.40
N THR A 56 10.69 -5.71 9.47
CA THR A 56 12.12 -5.88 9.68
C THR A 56 12.92 -5.09 8.66
N GLY A 57 13.83 -4.26 9.14
CA GLY A 57 14.66 -3.46 8.25
C GLY A 57 13.91 -3.04 6.99
N ASP A 58 14.59 -3.11 5.85
CA ASP A 58 13.98 -2.73 4.58
C ASP A 58 13.70 -3.95 3.72
N VAL A 59 12.43 -4.27 3.54
CA VAL A 59 12.02 -5.42 2.75
C VAL A 59 12.08 -5.09 1.25
N GLU A 60 12.49 -6.08 0.46
CA GLU A 60 12.60 -5.90 -0.99
C GLU A 60 11.34 -6.41 -1.69
N ASP A 61 11.06 -5.85 -2.87
CA ASP A 61 9.89 -6.24 -3.64
C ASP A 61 9.99 -7.70 -4.07
N SER A 62 11.17 -8.28 -3.92
CA SER A 62 11.40 -9.68 -4.29
C SER A 62 10.97 -10.62 -3.19
N THR A 63 10.48 -10.05 -2.08
CA THR A 63 10.03 -10.84 -0.95
C THR A 63 8.51 -11.00 -0.95
N VAL A 64 8.04 -12.07 -0.32
CA VAL A 64 6.60 -12.34 -0.24
C VAL A 64 6.07 -12.04 1.15
N LEU A 65 4.81 -11.61 1.22
CA LEU A 65 4.18 -11.29 2.50
C LEU A 65 4.25 -12.49 3.44
N LYS A 66 3.81 -13.65 2.97
CA LYS A 66 3.82 -14.86 3.78
C LYS A 66 5.19 -15.07 4.42
N SER A 67 6.20 -14.40 3.88
CA SER A 67 7.56 -14.51 4.40
C SER A 67 7.72 -13.69 5.67
N LEU A 68 7.29 -12.42 5.61
CA LEU A 68 7.39 -11.53 6.76
C LEU A 68 6.37 -11.89 7.83
N HIS A 69 5.24 -12.45 7.38
CA HIS A 69 4.18 -12.84 8.31
C HIS A 69 3.59 -11.63 9.02
N LEU A 70 3.16 -10.65 8.23
CA LEU A 70 2.57 -9.43 8.79
C LEU A 70 1.34 -9.75 9.63
N PRO A 71 1.15 -8.98 10.72
CA PRO A 71 0.01 -9.16 11.63
C PRO A 71 -1.31 -8.77 10.98
N LYS A 72 -2.41 -9.17 11.61
CA LYS A 72 -3.74 -8.85 11.11
C LYS A 72 -3.87 -7.36 10.82
N ASN A 73 -3.42 -6.54 11.75
CA ASN A 73 -3.48 -5.08 11.59
C ASN A 73 -2.12 -4.52 11.22
N ASN A 74 -2.01 -3.95 10.03
CA ASN A 74 -0.76 -3.36 9.56
C ASN A 74 -0.91 -1.86 9.37
N SER A 75 0.23 -1.16 9.40
CA SER A 75 0.23 0.29 9.23
C SER A 75 1.47 0.75 8.47
N LEU A 76 1.27 1.10 7.20
CA LEU A 76 2.38 1.56 6.36
C LEU A 76 2.23 3.05 6.01
N TYR A 77 3.22 3.59 5.32
CA TYR A 77 3.20 4.99 4.92
C TYR A 77 4.02 5.21 3.65
N VAL A 78 3.49 6.04 2.76
CA VAL A 78 4.17 6.34 1.50
C VAL A 78 4.93 7.66 1.59
N LEU A 79 6.12 7.69 0.98
CA LEU A 79 6.95 8.90 0.99
C LEU A 79 7.31 9.31 -0.43
N THR A 80 6.63 10.35 -0.93
CA THR A 80 6.90 10.84 -2.27
C THR A 80 7.64 12.17 -2.24
N PRO A 81 8.97 12.12 -2.30
CA PRO A 81 9.82 13.31 -2.28
C PRO A 81 9.69 14.14 -3.55
N ASP A 82 9.80 13.48 -4.70
CA ASP A 82 9.70 14.16 -5.98
C ASP A 82 8.27 14.66 -6.22
N LEU A 83 7.32 13.74 -6.27
CA LEU A 83 5.93 14.09 -6.50
C LEU A 83 5.54 15.31 -5.67
N PRO A 84 4.83 16.26 -6.31
CA PRO A 84 4.38 17.50 -5.65
C PRO A 84 3.28 17.23 -4.63
N PRO A 85 3.14 18.16 -3.67
CA PRO A 85 2.13 18.05 -2.61
C PRO A 85 0.71 18.24 -3.15
N PRO A 86 -0.26 17.58 -2.51
CA PRO A 86 -1.66 17.66 -2.90
C PRO A 86 -2.28 19.02 -2.61
N SER A 87 -1.51 19.88 -1.93
CA SER A 87 -1.98 21.21 -1.60
C SER A 87 -3.43 21.18 -1.12
N SER A 88 -3.75 20.20 -0.27
CA SER A 88 -5.10 20.05 0.25
C SER A 88 -5.09 20.03 1.78
N SER A 89 -6.22 20.39 2.38
CA SER A 89 -6.33 20.42 3.82
C SER A 89 -6.84 19.08 4.35
N SER A 90 -6.16 18.56 5.37
CA SER A 90 -6.53 17.28 5.97
C SER A 90 -6.85 17.45 7.45
N HIS A 91 -7.54 16.46 8.01
CA HIS A 91 -7.91 16.49 9.42
C HIS A 91 -6.67 16.43 10.31
N ALA A 92 -6.60 17.33 11.30
CA ALA A 92 -5.47 17.37 12.21
C ALA A 92 -5.29 16.03 12.92
N GLY A 93 -4.07 15.77 13.38
CA GLY A 93 -3.77 14.53 14.07
C GLY A 93 -2.34 14.09 13.89
N ALA A 94 -1.93 13.90 12.65
CA ALA A 94 -0.56 13.48 12.35
C ALA A 94 0.39 14.66 12.30
N LEU A 95 1.62 14.45 12.74
CA LEU A 95 2.63 15.51 12.75
C LEU A 95 3.86 15.09 11.94
N GLN A 96 4.16 15.84 10.90
CA GLN A 96 5.31 15.55 10.05
C GLN A 96 6.13 16.81 9.81
N GLU A 97 7.34 16.64 9.27
CA GLU A 97 8.24 17.76 9.00
C GLU A 97 8.53 17.86 7.51
N SER A 98 7.90 18.83 6.85
CA SER A 98 8.09 19.03 5.42
C SER A 98 9.19 20.07 5.17
N LEU A 99 10.04 19.79 4.19
CA LEU A 99 11.13 20.68 3.84
C LEU A 99 11.23 20.87 2.33
N ASN A 100 11.90 21.94 1.91
CA ASN A 100 12.06 22.23 0.49
C ASN A 100 13.23 21.43 -0.10
N GLY A 1 -7.35 -22.93 -13.16
CA GLY A 1 -5.91 -22.85 -12.95
C GLY A 1 -5.53 -22.74 -11.49
N SER A 2 -5.84 -21.59 -10.89
CA SER A 2 -5.52 -21.36 -9.49
C SER A 2 -6.44 -22.16 -8.58
N SER A 3 -5.90 -23.21 -7.96
CA SER A 3 -6.67 -24.06 -7.07
C SER A 3 -7.31 -23.25 -5.95
N GLY A 4 -8.17 -23.89 -5.18
CA GLY A 4 -8.84 -23.21 -4.07
C GLY A 4 -8.17 -23.48 -2.74
N SER A 5 -7.25 -22.60 -2.35
CA SER A 5 -6.53 -22.76 -1.10
C SER A 5 -7.00 -21.72 -0.08
N SER A 6 -7.12 -22.15 1.18
CA SER A 6 -7.57 -21.26 2.25
C SER A 6 -6.51 -20.21 2.55
N GLY A 7 -6.96 -19.00 2.89
CA GLY A 7 -6.03 -17.92 3.20
C GLY A 7 -6.65 -16.88 4.12
N ARG A 8 -5.93 -15.79 4.33
CA ARG A 8 -6.41 -14.71 5.19
C ARG A 8 -6.08 -13.34 4.60
N MET A 9 -7.03 -12.42 4.70
CA MET A 9 -6.85 -11.07 4.17
C MET A 9 -5.93 -10.25 5.08
N LEU A 10 -5.02 -9.49 4.47
CA LEU A 10 -4.10 -8.67 5.23
C LEU A 10 -4.39 -7.18 5.03
N ASP A 11 -4.78 -6.50 6.10
CA ASP A 11 -5.08 -5.08 6.04
C ASP A 11 -3.81 -4.24 6.11
N PHE A 12 -3.70 -3.26 5.22
CA PHE A 12 -2.55 -2.39 5.18
C PHE A 12 -2.96 -0.91 5.10
N ARG A 13 -2.81 -0.22 6.22
CA ARG A 13 -3.17 1.19 6.28
C ARG A 13 -2.02 2.08 5.84
N VAL A 14 -2.12 2.62 4.63
CA VAL A 14 -1.08 3.48 4.07
C VAL A 14 -1.37 4.95 4.37
N GLU A 15 -0.62 5.52 5.30
CA GLU A 15 -0.81 6.92 5.68
C GLU A 15 -0.05 7.83 4.72
N TYR A 16 -0.79 8.52 3.86
CA TYR A 16 -0.19 9.43 2.89
C TYR A 16 -0.72 10.85 3.07
N ARG A 17 0.10 11.83 2.69
CA ARG A 17 -0.29 13.23 2.81
C ARG A 17 -1.79 13.40 2.62
N ASP A 18 -2.24 13.19 1.39
CA ASP A 18 -3.66 13.32 1.07
C ASP A 18 -4.53 12.71 2.15
N ARG A 19 -4.33 11.43 2.42
CA ARG A 19 -5.10 10.72 3.44
C ARG A 19 -4.58 9.30 3.62
N ASN A 20 -5.25 8.53 4.48
CA ASN A 20 -4.86 7.16 4.74
C ASN A 20 -5.83 6.17 4.09
N VAL A 21 -5.33 5.39 3.15
CA VAL A 21 -6.15 4.41 2.45
C VAL A 21 -5.91 3.00 3.00
N ASP A 22 -6.90 2.13 2.82
CA ASP A 22 -6.80 0.76 3.30
C ASP A 22 -6.65 -0.20 2.12
N VAL A 23 -5.69 -1.13 2.24
CA VAL A 23 -5.45 -2.10 1.18
C VAL A 23 -5.60 -3.53 1.72
N VAL A 24 -6.20 -4.39 0.90
CA VAL A 24 -6.39 -5.79 1.29
C VAL A 24 -5.86 -6.74 0.23
N LEU A 25 -4.87 -7.54 0.61
CA LEU A 25 -4.25 -8.51 -0.30
C LEU A 25 -3.80 -9.75 0.45
N GLU A 26 -4.02 -10.91 -0.16
CA GLU A 26 -3.62 -12.18 0.45
C GLU A 26 -2.14 -12.17 0.79
N ASP A 27 -1.75 -13.03 1.73
CA ASP A 27 -0.36 -13.13 2.15
C ASP A 27 0.49 -13.78 1.08
N THR A 28 -0.16 -14.17 -0.02
CA THR A 28 0.55 -14.82 -1.13
C THR A 28 1.13 -13.80 -2.08
N CYS A 29 0.64 -12.56 -2.00
CA CYS A 29 1.11 -11.48 -2.86
C CYS A 29 2.49 -11.00 -2.41
N THR A 30 3.25 -10.45 -3.36
CA THR A 30 4.59 -9.95 -3.07
C THR A 30 4.54 -8.55 -2.48
N VAL A 31 5.49 -8.26 -1.59
CA VAL A 31 5.55 -6.94 -0.95
C VAL A 31 5.46 -5.82 -1.98
N GLY A 32 5.91 -6.11 -3.19
CA GLY A 32 5.87 -5.11 -4.25
C GLY A 32 4.45 -4.71 -4.61
N GLU A 33 3.55 -5.68 -4.60
CA GLU A 33 2.15 -5.43 -4.93
C GLU A 33 1.63 -4.19 -4.20
N ILE A 34 1.66 -4.23 -2.88
CA ILE A 34 1.20 -3.11 -2.06
C ILE A 34 1.52 -1.78 -2.73
N LYS A 35 2.68 -1.71 -3.36
CA LYS A 35 3.10 -0.49 -4.05
C LYS A 35 2.17 -0.17 -5.21
N GLN A 36 2.19 -1.03 -6.23
CA GLN A 36 1.35 -0.84 -7.41
C GLN A 36 -0.11 -0.67 -7.01
N ILE A 37 -0.53 -1.41 -5.98
CA ILE A 37 -1.91 -1.35 -5.50
C ILE A 37 -2.31 0.09 -5.18
N LEU A 38 -1.43 0.79 -4.46
CA LEU A 38 -1.69 2.17 -4.08
C LEU A 38 -1.90 3.04 -5.31
N GLU A 39 -1.36 2.60 -6.44
CA GLU A 39 -1.49 3.34 -7.69
C GLU A 39 -2.88 3.12 -8.31
N ASN A 40 -3.58 2.11 -7.83
CA ASN A 40 -4.92 1.80 -8.34
C ASN A 40 -5.99 2.48 -7.50
N GLU A 41 -5.58 3.05 -6.37
CA GLU A 41 -6.51 3.73 -5.47
C GLU A 41 -6.13 5.20 -5.31
N LEU A 42 -4.83 5.48 -5.35
CA LEU A 42 -4.34 6.84 -5.21
C LEU A 42 -3.81 7.37 -6.54
N GLN A 43 -3.84 6.53 -7.56
CA GLN A 43 -3.38 6.91 -8.88
C GLN A 43 -1.96 7.47 -8.83
N ILE A 44 -1.18 6.98 -7.86
CA ILE A 44 0.19 7.43 -7.69
C ILE A 44 1.17 6.40 -8.25
N PRO A 45 2.16 6.89 -9.01
CA PRO A 45 3.19 6.02 -9.62
C PRO A 45 4.14 5.44 -8.57
N VAL A 46 4.18 4.12 -8.49
CA VAL A 46 5.04 3.44 -7.55
C VAL A 46 6.46 4.00 -7.59
N SER A 47 6.82 4.63 -8.71
CA SER A 47 8.14 5.20 -8.87
C SER A 47 8.35 6.37 -7.91
N LYS A 48 7.31 7.19 -7.74
CA LYS A 48 7.37 8.34 -6.85
C LYS A 48 7.12 7.91 -5.41
N MET A 49 6.45 6.78 -5.23
CA MET A 49 6.15 6.27 -3.90
C MET A 49 7.33 5.48 -3.34
N LEU A 50 7.45 5.46 -2.02
CA LEU A 50 8.54 4.74 -1.36
C LEU A 50 8.01 3.91 -0.20
N LEU A 51 7.84 2.61 -0.43
CA LEU A 51 7.34 1.70 0.60
C LEU A 51 8.29 1.67 1.79
N LYS A 52 7.77 1.99 2.97
CA LYS A 52 8.57 1.99 4.19
C LYS A 52 7.72 1.60 5.40
N GLY A 53 8.37 1.44 6.55
CA GLY A 53 7.66 1.07 7.75
C GLY A 53 7.48 -0.43 7.90
N TRP A 54 8.40 -1.18 7.29
CA TRP A 54 8.35 -2.64 7.35
C TRP A 54 8.66 -3.14 8.76
N LYS A 55 8.72 -4.47 8.91
CA LYS A 55 9.03 -5.06 10.20
C LYS A 55 10.54 -5.07 10.46
N THR A 56 11.30 -5.51 9.47
CA THR A 56 12.75 -5.56 9.58
C THR A 56 13.42 -4.64 8.58
N GLY A 57 14.17 -3.66 9.08
CA GLY A 57 14.85 -2.72 8.22
C GLY A 57 14.06 -2.41 6.96
N ASP A 58 14.68 -2.61 5.81
CA ASP A 58 14.02 -2.33 4.53
C ASP A 58 13.81 -3.63 3.75
N VAL A 59 12.55 -3.97 3.51
CA VAL A 59 12.20 -5.18 2.78
C VAL A 59 12.26 -4.95 1.28
N GLU A 60 12.70 -5.97 0.54
CA GLU A 60 12.80 -5.88 -0.92
C GLU A 60 11.51 -6.35 -1.59
N ASP A 61 11.20 -5.77 -2.73
CA ASP A 61 10.01 -6.13 -3.48
C ASP A 61 10.02 -7.61 -3.84
N SER A 62 11.16 -8.25 -3.65
CA SER A 62 11.31 -9.67 -3.96
C SER A 62 10.94 -10.54 -2.76
N THR A 63 10.25 -9.93 -1.80
CA THR A 63 9.83 -10.64 -0.61
C THR A 63 8.32 -10.86 -0.60
N VAL A 64 7.90 -11.97 -0.01
CA VAL A 64 6.47 -12.30 0.07
C VAL A 64 5.92 -12.01 1.46
N LEU A 65 4.68 -11.53 1.51
CA LEU A 65 4.03 -11.23 2.78
C LEU A 65 4.09 -12.42 3.73
N LYS A 66 3.70 -13.58 3.23
CA LYS A 66 3.70 -14.81 4.03
C LYS A 66 5.11 -15.11 4.54
N SER A 67 6.11 -14.53 3.88
CA SER A 67 7.51 -14.75 4.27
C SER A 67 7.83 -14.02 5.57
N LEU A 68 7.37 -12.78 5.68
CA LEU A 68 7.60 -11.96 6.87
C LEU A 68 6.60 -12.31 7.97
N HIS A 69 5.47 -12.89 7.57
CA HIS A 69 4.43 -13.27 8.52
C HIS A 69 3.67 -12.05 9.01
N LEU A 70 3.31 -11.18 8.08
CA LEU A 70 2.58 -9.96 8.41
C LEU A 70 1.40 -10.27 9.34
N PRO A 71 1.16 -9.37 10.30
CA PRO A 71 0.07 -9.54 11.28
C PRO A 71 -1.30 -9.36 10.64
N LYS A 72 -2.35 -9.35 11.47
CA LYS A 72 -3.71 -9.20 10.98
C LYS A 72 -3.93 -7.79 10.44
N ASN A 73 -3.40 -6.79 11.14
CA ASN A 73 -3.55 -5.40 10.73
C ASN A 73 -2.19 -4.70 10.73
N ASN A 74 -1.91 -3.96 9.66
CA ASN A 74 -0.65 -3.22 9.54
C ASN A 74 -0.90 -1.78 9.14
N SER A 75 0.07 -0.92 9.42
CA SER A 75 -0.04 0.50 9.09
C SER A 75 1.25 1.01 8.43
N LEU A 76 1.21 1.18 7.13
CA LEU A 76 2.36 1.66 6.38
C LEU A 76 2.22 3.14 6.05
N TYR A 77 3.22 3.68 5.37
CA TYR A 77 3.20 5.10 4.98
C TYR A 77 3.99 5.33 3.70
N VAL A 78 3.48 6.20 2.85
CA VAL A 78 4.14 6.51 1.58
C VAL A 78 4.82 7.88 1.63
N LEU A 79 6.01 7.96 1.05
CA LEU A 79 6.76 9.22 1.04
C LEU A 79 7.18 9.57 -0.39
N THR A 80 6.53 10.59 -0.95
CA THR A 80 6.84 11.03 -2.31
C THR A 80 7.66 12.31 -2.29
N PRO A 81 9.00 12.17 -2.37
CA PRO A 81 9.92 13.31 -2.36
C PRO A 81 9.83 14.13 -3.65
N ASP A 82 9.84 13.43 -4.79
CA ASP A 82 9.76 14.09 -6.09
C ASP A 82 8.36 14.63 -6.33
N LEU A 83 7.38 13.72 -6.40
CA LEU A 83 5.99 14.11 -6.64
C LEU A 83 5.58 15.24 -5.69
N PRO A 84 5.09 16.35 -6.27
CA PRO A 84 4.64 17.51 -5.51
C PRO A 84 3.36 17.24 -4.74
N PRO A 85 3.08 18.09 -3.74
CA PRO A 85 1.87 17.95 -2.90
C PRO A 85 0.60 18.28 -3.67
N PRO A 86 -0.41 17.42 -3.53
CA PRO A 86 -1.70 17.60 -4.21
C PRO A 86 -2.50 18.77 -3.63
N SER A 87 -3.08 19.57 -4.51
CA SER A 87 -3.87 20.72 -4.09
C SER A 87 -5.18 20.29 -3.46
N SER A 88 -5.46 20.81 -2.26
CA SER A 88 -6.68 20.46 -1.54
C SER A 88 -7.90 20.72 -2.40
N SER A 89 -8.49 19.64 -2.92
CA SER A 89 -9.67 19.75 -3.77
C SER A 89 -10.73 18.72 -3.35
N SER A 90 -12.01 19.10 -3.48
CA SER A 90 -13.10 18.22 -3.12
C SER A 90 -12.97 16.87 -3.82
N HIS A 91 -13.44 15.82 -3.17
CA HIS A 91 -13.38 14.47 -3.71
C HIS A 91 -14.03 14.43 -5.10
N ALA A 92 -13.78 13.34 -5.82
CA ALA A 92 -14.34 13.17 -7.16
C ALA A 92 -14.45 11.69 -7.53
N GLY A 93 -15.56 11.33 -8.16
CA GLY A 93 -15.77 9.95 -8.55
C GLY A 93 -16.42 9.13 -7.45
N ALA A 94 -16.71 7.86 -7.75
CA ALA A 94 -17.33 6.97 -6.78
C ALA A 94 -16.98 5.52 -7.07
N LEU A 95 -16.73 4.75 -6.01
CA LEU A 95 -16.39 3.34 -6.16
C LEU A 95 -17.03 2.51 -5.06
N GLN A 96 -17.99 1.66 -5.44
CA GLN A 96 -18.68 0.81 -4.48
C GLN A 96 -18.31 -0.66 -4.69
N GLU A 97 -17.34 -1.14 -3.94
CA GLU A 97 -16.89 -2.52 -4.05
C GLU A 97 -16.94 -3.22 -2.70
N SER A 98 -18.02 -3.95 -2.45
CA SER A 98 -18.20 -4.66 -1.19
C SER A 98 -17.95 -6.16 -1.38
N LEU A 99 -16.88 -6.49 -2.09
CA LEU A 99 -16.53 -7.89 -2.34
C LEU A 99 -17.57 -8.54 -3.25
N ASN A 100 -17.99 -7.83 -4.28
CA ASN A 100 -18.97 -8.35 -5.23
C ASN A 100 -18.65 -7.88 -6.65
N GLY A 1 -2.76 -24.72 -10.41
CA GLY A 1 -3.68 -25.35 -9.48
C GLY A 1 -3.58 -24.77 -8.09
N SER A 2 -4.63 -24.05 -7.67
CA SER A 2 -4.67 -23.44 -6.36
C SER A 2 -5.85 -23.96 -5.55
N SER A 3 -6.09 -25.26 -5.62
CA SER A 3 -7.19 -25.88 -4.90
C SER A 3 -7.22 -25.40 -3.45
N GLY A 4 -8.43 -25.23 -2.92
CA GLY A 4 -8.58 -24.78 -1.55
C GLY A 4 -8.73 -23.28 -1.44
N SER A 5 -9.93 -22.82 -1.09
CA SER A 5 -10.20 -21.40 -0.96
C SER A 5 -10.04 -20.95 0.49
N SER A 6 -8.80 -20.69 0.88
CA SER A 6 -8.51 -20.25 2.24
C SER A 6 -7.32 -19.30 2.27
N GLY A 7 -7.59 -18.04 2.59
CA GLY A 7 -6.54 -17.05 2.64
C GLY A 7 -6.80 -15.96 3.67
N ARG A 8 -5.77 -15.59 4.41
CA ARG A 8 -5.90 -14.56 5.43
C ARG A 8 -5.69 -13.16 4.84
N MET A 9 -6.68 -12.30 5.03
CA MET A 9 -6.62 -10.94 4.51
C MET A 9 -5.87 -10.03 5.47
N LEU A 10 -5.01 -9.17 4.94
CA LEU A 10 -4.24 -8.24 5.76
C LEU A 10 -4.61 -6.79 5.44
N ASP A 11 -5.11 -6.09 6.45
CA ASP A 11 -5.50 -4.69 6.27
C ASP A 11 -4.30 -3.76 6.41
N PHE A 12 -3.73 -3.37 5.28
CA PHE A 12 -2.56 -2.49 5.27
C PHE A 12 -3.00 -1.03 5.13
N ARG A 13 -2.83 -0.26 6.21
CA ARG A 13 -3.19 1.14 6.21
C ARG A 13 -2.00 2.02 5.78
N VAL A 14 -2.06 2.53 4.56
CA VAL A 14 -1.01 3.37 4.03
C VAL A 14 -1.28 4.85 4.30
N GLU A 15 -0.61 5.39 5.32
CA GLU A 15 -0.79 6.79 5.69
C GLU A 15 -0.03 7.70 4.73
N TYR A 16 -0.76 8.36 3.84
CA TYR A 16 -0.15 9.27 2.87
C TYR A 16 -0.63 10.70 3.10
N ARG A 17 0.22 11.66 2.73
CA ARG A 17 -0.10 13.07 2.89
C ARG A 17 -1.60 13.32 2.69
N ASP A 18 -2.11 12.86 1.56
CA ASP A 18 -3.53 13.02 1.24
C ASP A 18 -4.40 12.39 2.32
N ARG A 19 -4.24 11.09 2.52
CA ARG A 19 -5.01 10.37 3.53
C ARG A 19 -4.54 8.92 3.64
N ASN A 20 -5.15 8.18 4.55
CA ASN A 20 -4.80 6.78 4.76
C ASN A 20 -5.76 5.85 4.03
N VAL A 21 -5.25 5.15 3.02
CA VAL A 21 -6.05 4.24 2.23
C VAL A 21 -5.92 2.81 2.74
N ASP A 22 -7.05 2.10 2.79
CA ASP A 22 -7.05 0.72 3.26
C ASP A 22 -6.78 -0.25 2.11
N VAL A 23 -5.88 -1.19 2.35
CA VAL A 23 -5.53 -2.19 1.34
C VAL A 23 -5.76 -3.60 1.85
N VAL A 24 -6.17 -4.49 0.95
CA VAL A 24 -6.43 -5.88 1.30
C VAL A 24 -5.78 -6.83 0.30
N LEU A 25 -4.88 -7.67 0.79
CA LEU A 25 -4.18 -8.63 -0.06
C LEU A 25 -3.70 -9.83 0.74
N GLU A 26 -3.95 -11.03 0.24
CA GLU A 26 -3.54 -12.25 0.92
C GLU A 26 -2.04 -12.25 1.17
N ASP A 27 -1.61 -13.05 2.14
CA ASP A 27 -0.19 -13.14 2.49
C ASP A 27 0.61 -13.76 1.35
N THR A 28 -0.09 -14.19 0.30
CA THR A 28 0.55 -14.80 -0.85
C THR A 28 1.10 -13.74 -1.79
N CYS A 29 0.45 -12.59 -1.84
CA CYS A 29 0.88 -11.49 -2.70
C CYS A 29 2.27 -11.01 -2.32
N THR A 30 3.00 -10.47 -3.29
CA THR A 30 4.35 -9.98 -3.06
C THR A 30 4.33 -8.56 -2.51
N VAL A 31 5.31 -8.24 -1.67
CA VAL A 31 5.41 -6.92 -1.07
C VAL A 31 5.34 -5.83 -2.13
N GLY A 32 5.76 -6.17 -3.35
CA GLY A 32 5.73 -5.20 -4.43
C GLY A 32 4.33 -4.76 -4.78
N GLU A 33 3.37 -5.68 -4.68
CA GLU A 33 1.98 -5.37 -4.97
C GLU A 33 1.53 -4.12 -4.24
N ILE A 34 1.56 -4.16 -2.91
CA ILE A 34 1.16 -3.04 -2.10
C ILE A 34 1.52 -1.71 -2.76
N LYS A 35 2.66 -1.68 -3.43
CA LYS A 35 3.12 -0.48 -4.12
C LYS A 35 2.21 -0.15 -5.29
N GLN A 36 2.21 -1.01 -6.30
CA GLN A 36 1.39 -0.81 -7.49
C GLN A 36 -0.07 -0.58 -7.09
N ILE A 37 -0.56 -1.39 -6.15
CA ILE A 37 -1.94 -1.28 -5.69
C ILE A 37 -2.29 0.16 -5.35
N LEU A 38 -1.39 0.83 -4.61
CA LEU A 38 -1.61 2.21 -4.21
C LEU A 38 -1.78 3.11 -5.43
N GLU A 39 -1.25 2.67 -6.57
CA GLU A 39 -1.36 3.43 -7.81
C GLU A 39 -2.74 3.27 -8.44
N ASN A 40 -3.50 2.30 -7.94
CA ASN A 40 -4.84 2.04 -8.44
C ASN A 40 -5.89 2.74 -7.59
N GLU A 41 -5.46 3.30 -6.46
CA GLU A 41 -6.36 4.01 -5.56
C GLU A 41 -5.97 5.47 -5.43
N LEU A 42 -4.66 5.73 -5.43
CA LEU A 42 -4.16 7.09 -5.32
C LEU A 42 -3.66 7.61 -6.66
N GLN A 43 -3.60 6.71 -7.65
CA GLN A 43 -3.14 7.08 -8.98
C GLN A 43 -1.71 7.61 -8.95
N ILE A 44 -0.93 7.11 -7.99
CA ILE A 44 0.46 7.53 -7.84
C ILE A 44 1.42 6.47 -8.37
N PRO A 45 2.44 6.91 -9.12
CA PRO A 45 3.44 6.01 -9.70
C PRO A 45 4.35 5.41 -8.64
N VAL A 46 4.36 4.08 -8.57
CA VAL A 46 5.19 3.37 -7.59
C VAL A 46 6.62 3.91 -7.60
N SER A 47 6.99 4.55 -8.70
CA SER A 47 8.35 5.11 -8.83
C SER A 47 8.57 6.22 -7.81
N LYS A 48 7.59 7.10 -7.69
CA LYS A 48 7.68 8.22 -6.75
C LYS A 48 7.40 7.75 -5.32
N MET A 49 6.64 6.67 -5.19
CA MET A 49 6.31 6.11 -3.88
C MET A 49 7.42 5.19 -3.39
N LEU A 50 7.66 5.22 -2.07
CA LEU A 50 8.69 4.38 -1.48
C LEU A 50 8.13 3.62 -0.27
N LEU A 51 7.81 2.35 -0.49
CA LEU A 51 7.27 1.51 0.59
C LEU A 51 8.21 1.49 1.79
N LYS A 52 7.77 2.10 2.88
CA LYS A 52 8.57 2.15 4.10
C LYS A 52 7.78 1.62 5.29
N GLY A 53 8.40 1.61 6.46
CA GLY A 53 7.75 1.12 7.66
C GLY A 53 7.94 -0.37 7.86
N TRP A 54 8.48 -1.03 6.84
CA TRP A 54 8.71 -2.47 6.91
C TRP A 54 9.33 -2.85 8.25
N LYS A 55 8.69 -3.79 8.95
CA LYS A 55 9.17 -4.25 10.24
C LYS A 55 10.70 -4.37 10.24
N THR A 56 11.24 -4.91 9.15
CA THR A 56 12.68 -5.08 9.02
C THR A 56 13.25 -4.17 7.92
N GLY A 57 13.99 -3.16 8.34
CA GLY A 57 14.58 -2.22 7.39
C GLY A 57 13.70 -2.01 6.18
N ASP A 58 14.30 -2.05 5.00
CA ASP A 58 13.56 -1.84 3.76
C ASP A 58 13.39 -3.16 3.01
N VAL A 59 12.16 -3.67 3.02
CA VAL A 59 11.86 -4.93 2.35
C VAL A 59 11.92 -4.77 0.83
N GLU A 60 12.44 -5.78 0.15
CA GLU A 60 12.55 -5.75 -1.31
C GLU A 60 11.28 -6.29 -1.96
N ASP A 61 10.92 -5.70 -3.10
CA ASP A 61 9.72 -6.11 -3.82
C ASP A 61 9.79 -7.59 -4.18
N SER A 62 10.97 -8.18 -4.04
CA SER A 62 11.17 -9.59 -4.35
C SER A 62 10.84 -10.46 -3.13
N THR A 63 10.22 -9.86 -2.12
CA THR A 63 9.86 -10.57 -0.91
C THR A 63 8.35 -10.78 -0.83
N VAL A 64 7.95 -11.91 -0.26
CA VAL A 64 6.54 -12.25 -0.12
C VAL A 64 6.04 -11.98 1.30
N LEU A 65 4.80 -11.54 1.41
CA LEU A 65 4.20 -11.25 2.71
C LEU A 65 4.31 -12.46 3.64
N LYS A 66 3.85 -13.61 3.14
CA LYS A 66 3.89 -14.85 3.92
C LYS A 66 5.26 -15.05 4.55
N SER A 67 6.27 -14.36 4.01
CA SER A 67 7.63 -14.48 4.52
C SER A 67 7.79 -13.69 5.82
N LEU A 68 7.37 -12.43 5.80
CA LEU A 68 7.46 -11.58 6.99
C LEU A 68 6.35 -11.90 7.98
N HIS A 69 5.32 -12.59 7.50
CA HIS A 69 4.19 -12.96 8.34
C HIS A 69 3.63 -11.74 9.06
N LEU A 70 3.27 -10.71 8.29
CA LEU A 70 2.71 -9.49 8.86
C LEU A 70 1.48 -9.78 9.70
N PRO A 71 1.30 -8.99 10.77
CA PRO A 71 0.16 -9.15 11.68
C PRO A 71 -1.16 -8.76 11.04
N LYS A 72 -2.27 -9.14 11.67
CA LYS A 72 -3.59 -8.83 11.16
C LYS A 72 -3.72 -7.34 10.83
N ASN A 73 -3.33 -6.50 11.79
CA ASN A 73 -3.40 -5.05 11.60
C ASN A 73 -2.06 -4.51 11.15
N ASN A 74 -2.01 -4.02 9.91
CA ASN A 74 -0.78 -3.47 9.36
C ASN A 74 -0.93 -1.98 9.07
N SER A 75 0.10 -1.21 9.41
CA SER A 75 0.08 0.24 9.19
C SER A 75 1.36 0.71 8.51
N LEU A 76 1.24 1.08 7.24
CA LEU A 76 2.39 1.55 6.47
C LEU A 76 2.23 3.01 6.09
N TYR A 77 3.22 3.55 5.39
CA TYR A 77 3.18 4.94 4.96
C TYR A 77 4.05 5.16 3.73
N VAL A 78 3.58 5.99 2.81
CA VAL A 78 4.31 6.28 1.59
C VAL A 78 5.04 7.61 1.69
N LEU A 79 6.23 7.68 1.09
CA LEU A 79 7.03 8.89 1.12
C LEU A 79 7.51 9.26 -0.29
N THR A 80 6.96 10.36 -0.82
CA THR A 80 7.32 10.82 -2.15
C THR A 80 8.30 11.98 -2.09
N PRO A 81 9.60 11.68 -2.25
CA PRO A 81 10.66 12.69 -2.21
C PRO A 81 10.61 13.61 -3.42
N ASP A 82 10.52 13.03 -4.61
CA ASP A 82 10.47 13.80 -5.84
C ASP A 82 9.10 14.45 -6.03
N LEU A 83 8.08 13.63 -6.21
CA LEU A 83 6.72 14.13 -6.39
C LEU A 83 6.38 15.18 -5.35
N PRO A 84 5.99 16.37 -5.81
CA PRO A 84 5.62 17.48 -4.94
C PRO A 84 4.31 17.23 -4.20
N PRO A 85 4.03 18.07 -3.19
CA PRO A 85 2.81 17.97 -2.38
C PRO A 85 1.56 18.34 -3.17
N PRO A 86 0.45 17.62 -2.90
CA PRO A 86 -0.83 17.86 -3.58
C PRO A 86 -1.46 19.17 -3.16
N SER A 87 -2.29 19.73 -4.04
CA SER A 87 -2.96 20.99 -3.76
C SER A 87 -4.05 20.82 -2.70
N SER A 88 -4.23 21.83 -1.87
CA SER A 88 -5.22 21.78 -0.81
C SER A 88 -6.57 21.29 -1.34
N SER A 89 -7.09 21.99 -2.34
CA SER A 89 -8.37 21.63 -2.94
C SER A 89 -8.17 21.14 -4.38
N SER A 90 -8.68 19.94 -4.66
CA SER A 90 -8.55 19.36 -5.99
C SER A 90 -9.61 18.27 -6.20
N HIS A 91 -9.72 17.80 -7.44
CA HIS A 91 -10.68 16.75 -7.78
C HIS A 91 -10.40 15.48 -6.99
N ALA A 92 -11.19 15.26 -5.94
CA ALA A 92 -11.03 14.08 -5.09
C ALA A 92 -12.30 13.24 -5.09
N GLY A 93 -12.34 12.23 -5.95
CA GLY A 93 -13.50 11.36 -6.02
C GLY A 93 -13.25 9.99 -5.42
N ALA A 94 -13.86 9.74 -4.26
CA ALA A 94 -13.70 8.45 -3.58
C ALA A 94 -14.63 8.36 -2.38
N LEU A 95 -15.25 7.20 -2.21
CA LEU A 95 -16.16 6.97 -1.10
C LEU A 95 -16.29 5.48 -0.79
N GLN A 96 -16.44 5.15 0.48
CA GLN A 96 -16.57 3.77 0.91
C GLN A 96 -17.40 3.66 2.18
N GLU A 97 -18.18 2.58 2.29
CA GLU A 97 -19.03 2.37 3.46
C GLU A 97 -19.50 0.92 3.53
N SER A 98 -19.71 0.43 4.75
CA SER A 98 -20.15 -0.94 4.95
C SER A 98 -20.72 -1.12 6.35
N LEU A 99 -21.89 -1.76 6.44
CA LEU A 99 -22.54 -1.99 7.72
C LEU A 99 -23.66 -3.02 7.58
N ASN A 100 -24.08 -3.58 8.70
CA ASN A 100 -25.14 -4.58 8.70
C ASN A 100 -25.98 -4.47 9.97
N GLY A 1 -21.62 -18.88 9.66
CA GLY A 1 -20.57 -17.91 9.96
C GLY A 1 -19.26 -18.24 9.28
N SER A 2 -18.46 -19.10 9.92
CA SER A 2 -17.17 -19.49 9.36
C SER A 2 -17.34 -20.60 8.32
N SER A 3 -17.66 -20.19 7.09
CA SER A 3 -17.86 -21.14 5.99
C SER A 3 -16.54 -21.75 5.56
N GLY A 4 -15.52 -20.91 5.42
CA GLY A 4 -14.21 -21.38 5.01
C GLY A 4 -13.53 -20.42 4.05
N SER A 5 -12.22 -20.28 4.19
CA SER A 5 -11.44 -19.39 3.33
C SER A 5 -10.09 -20.01 2.98
N SER A 6 -9.58 -19.66 1.81
CA SER A 6 -8.29 -20.17 1.35
C SER A 6 -7.23 -19.09 1.35
N GLY A 7 -7.22 -18.29 2.42
CA GLY A 7 -6.25 -17.22 2.52
C GLY A 7 -6.66 -16.15 3.53
N ARG A 8 -5.70 -15.68 4.31
CA ARG A 8 -5.97 -14.65 5.31
C ARG A 8 -5.66 -13.26 4.78
N MET A 9 -6.67 -12.40 4.78
CA MET A 9 -6.52 -11.04 4.29
C MET A 9 -5.80 -10.17 5.33
N LEU A 10 -4.92 -9.30 4.85
CA LEU A 10 -4.17 -8.41 5.74
C LEU A 10 -4.58 -6.95 5.53
N ASP A 11 -5.06 -6.32 6.59
CA ASP A 11 -5.48 -4.92 6.51
C ASP A 11 -4.28 -3.99 6.61
N PHE A 12 -3.84 -3.49 5.46
CA PHE A 12 -2.70 -2.58 5.43
C PHE A 12 -3.16 -1.13 5.33
N ARG A 13 -2.98 -0.38 6.41
CA ARG A 13 -3.38 1.02 6.46
C ARG A 13 -2.21 1.93 6.07
N VAL A 14 -2.28 2.49 4.87
CA VAL A 14 -1.22 3.38 4.39
C VAL A 14 -1.57 4.84 4.66
N GLU A 15 -0.73 5.51 5.45
CA GLU A 15 -0.95 6.91 5.78
C GLU A 15 -0.14 7.82 4.87
N TYR A 16 -0.81 8.44 3.91
CA TYR A 16 -0.15 9.35 2.97
C TYR A 16 -0.66 10.77 3.14
N ARG A 17 0.24 11.74 2.97
CA ARG A 17 -0.11 13.14 3.09
C ARG A 17 -1.53 13.40 2.58
N ASP A 18 -1.78 13.03 1.34
CA ASP A 18 -3.10 13.22 0.73
C ASP A 18 -4.19 12.66 1.64
N ARG A 19 -4.11 11.38 1.93
CA ARG A 19 -5.10 10.72 2.78
C ARG A 19 -4.70 9.27 3.06
N ASN A 20 -5.30 8.69 4.10
CA ASN A 20 -5.01 7.31 4.47
C ASN A 20 -5.89 6.34 3.68
N VAL A 21 -5.25 5.34 3.07
CA VAL A 21 -5.98 4.35 2.29
C VAL A 21 -5.79 2.95 2.86
N ASP A 22 -6.79 2.09 2.69
CA ASP A 22 -6.73 0.73 3.19
C ASP A 22 -6.44 -0.25 2.05
N VAL A 23 -5.50 -1.15 2.29
CA VAL A 23 -5.12 -2.15 1.29
C VAL A 23 -5.31 -3.56 1.82
N VAL A 24 -5.82 -4.45 0.97
CA VAL A 24 -6.05 -5.84 1.36
C VAL A 24 -5.48 -6.80 0.32
N LEU A 25 -4.59 -7.68 0.76
CA LEU A 25 -3.97 -8.66 -0.13
C LEU A 25 -3.53 -9.90 0.64
N GLU A 26 -3.75 -11.06 0.05
CA GLU A 26 -3.38 -12.32 0.68
C GLU A 26 -1.89 -12.33 1.03
N ASP A 27 -1.52 -13.17 2.00
CA ASP A 27 -0.13 -13.28 2.43
C ASP A 27 0.72 -13.90 1.33
N THR A 28 0.09 -14.30 0.24
CA THR A 28 0.79 -14.92 -0.88
C THR A 28 1.30 -13.86 -1.85
N CYS A 29 0.67 -12.69 -1.82
CA CYS A 29 1.06 -11.59 -2.70
C CYS A 29 2.45 -11.06 -2.34
N THR A 30 3.14 -10.50 -3.33
CA THR A 30 4.47 -9.96 -3.12
C THR A 30 4.41 -8.54 -2.56
N VAL A 31 5.34 -8.22 -1.65
CA VAL A 31 5.39 -6.91 -1.05
C VAL A 31 5.32 -5.81 -2.11
N GLY A 32 5.73 -6.15 -3.33
CA GLY A 32 5.71 -5.19 -4.42
C GLY A 32 4.31 -4.80 -4.83
N GLU A 33 3.38 -5.74 -4.69
CA GLU A 33 1.99 -5.50 -5.05
C GLU A 33 1.45 -4.24 -4.38
N ILE A 34 1.41 -4.25 -3.05
CA ILE A 34 0.93 -3.11 -2.29
C ILE A 34 1.31 -1.80 -2.96
N LYS A 35 2.52 -1.74 -3.51
CA LYS A 35 3.01 -0.55 -4.18
C LYS A 35 2.14 -0.22 -5.40
N GLN A 36 2.14 -1.12 -6.37
CA GLN A 36 1.35 -0.93 -7.58
C GLN A 36 -0.12 -0.71 -7.25
N ILE A 37 -0.60 -1.43 -6.24
CA ILE A 37 -2.00 -1.31 -5.81
C ILE A 37 -2.33 0.12 -5.41
N LEU A 38 -1.45 0.73 -4.62
CA LEU A 38 -1.65 2.10 -4.16
C LEU A 38 -1.78 3.05 -5.34
N GLU A 39 -1.24 2.65 -6.49
CA GLU A 39 -1.31 3.46 -7.69
C GLU A 39 -2.69 3.37 -8.35
N ASN A 40 -3.47 2.38 -7.92
CA ASN A 40 -4.81 2.18 -8.46
C ASN A 40 -5.85 2.87 -7.60
N GLU A 41 -5.42 3.42 -6.46
CA GLU A 41 -6.32 4.11 -5.55
C GLU A 41 -5.90 5.57 -5.40
N LEU A 42 -4.60 5.82 -5.44
CA LEU A 42 -4.07 7.17 -5.30
C LEU A 42 -3.55 7.70 -6.63
N GLN A 43 -3.58 6.84 -7.64
CA GLN A 43 -3.11 7.22 -8.98
C GLN A 43 -1.66 7.71 -8.92
N ILE A 44 -0.92 7.21 -7.94
CA ILE A 44 0.48 7.59 -7.78
C ILE A 44 1.41 6.52 -8.34
N PRO A 45 2.44 6.97 -9.09
CA PRO A 45 3.42 6.06 -9.70
C PRO A 45 4.33 5.41 -8.66
N VAL A 46 4.51 4.10 -8.77
CA VAL A 46 5.35 3.35 -7.86
C VAL A 46 6.78 3.88 -7.87
N SER A 47 7.13 4.60 -8.93
CA SER A 47 8.47 5.16 -9.07
C SER A 47 8.64 6.37 -8.16
N LYS A 48 7.53 6.99 -7.77
CA LYS A 48 7.56 8.16 -6.91
C LYS A 48 7.09 7.80 -5.50
N MET A 49 6.79 6.52 -5.29
CA MET A 49 6.34 6.06 -3.98
C MET A 49 7.38 5.14 -3.33
N LEU A 50 7.61 5.34 -2.05
CA LEU A 50 8.58 4.53 -1.31
C LEU A 50 7.91 3.78 -0.16
N LEU A 51 7.71 2.48 -0.35
CA LEU A 51 7.08 1.65 0.66
C LEU A 51 7.97 1.53 1.90
N LYS A 52 7.43 1.95 3.05
CA LYS A 52 8.17 1.89 4.30
C LYS A 52 7.28 1.38 5.43
N GLY A 53 7.89 1.17 6.60
CA GLY A 53 7.13 0.69 7.74
C GLY A 53 7.50 -0.74 8.12
N TRP A 54 7.93 -1.52 7.13
CA TRP A 54 8.32 -2.90 7.37
C TRP A 54 8.97 -3.06 8.73
N LYS A 55 8.39 -3.89 9.58
CA LYS A 55 8.91 -4.14 10.92
C LYS A 55 10.43 -4.29 10.88
N THR A 56 10.91 -5.15 9.99
CA THR A 56 12.34 -5.39 9.85
C THR A 56 12.94 -4.52 8.75
N GLY A 57 13.76 -3.55 9.14
CA GLY A 57 14.39 -2.66 8.17
C GLY A 57 13.49 -2.37 6.99
N ASP A 58 14.08 -2.37 5.80
CA ASP A 58 13.32 -2.12 4.58
C ASP A 58 13.20 -3.38 3.73
N VAL A 59 11.96 -3.78 3.45
CA VAL A 59 11.70 -4.97 2.66
C VAL A 59 11.74 -4.66 1.16
N GLU A 60 12.27 -5.60 0.38
CA GLU A 60 12.37 -5.41 -1.06
C GLU A 60 11.16 -6.02 -1.77
N ASP A 61 10.88 -5.55 -2.98
CA ASP A 61 9.76 -6.05 -3.76
C ASP A 61 9.95 -7.53 -4.10
N SER A 62 11.14 -8.04 -3.83
CA SER A 62 11.46 -9.44 -4.12
C SER A 62 11.10 -10.33 -2.93
N THR A 63 10.40 -9.75 -1.96
CA THR A 63 9.99 -10.49 -0.78
C THR A 63 8.48 -10.69 -0.75
N VAL A 64 8.04 -11.84 -0.24
CA VAL A 64 6.63 -12.16 -0.15
C VAL A 64 6.09 -11.90 1.25
N LEU A 65 4.83 -11.48 1.33
CA LEU A 65 4.20 -11.20 2.61
C LEU A 65 4.36 -12.38 3.57
N LYS A 66 3.92 -13.56 3.13
CA LYS A 66 4.03 -14.75 3.96
C LYS A 66 5.38 -14.81 4.67
N SER A 67 6.44 -14.45 3.96
CA SER A 67 7.78 -14.46 4.54
C SER A 67 7.83 -13.63 5.82
N LEU A 68 7.20 -12.46 5.78
CA LEU A 68 7.18 -11.58 6.94
C LEU A 68 6.03 -11.95 7.88
N HIS A 69 5.06 -12.70 7.36
CA HIS A 69 3.92 -13.12 8.16
C HIS A 69 3.38 -11.97 8.99
N LEU A 70 3.08 -10.85 8.33
CA LEU A 70 2.55 -9.68 9.01
C LEU A 70 1.33 -10.03 9.85
N PRO A 71 1.10 -9.26 10.93
CA PRO A 71 -0.04 -9.47 11.83
C PRO A 71 -1.36 -9.11 11.17
N LYS A 72 -2.46 -9.48 11.83
CA LYS A 72 -3.79 -9.19 11.32
C LYS A 72 -3.89 -7.76 10.81
N ASN A 73 -3.42 -6.82 11.62
CA ASN A 73 -3.44 -5.41 11.26
C ASN A 73 -2.03 -4.88 11.01
N ASN A 74 -1.87 -4.15 9.91
CA ASN A 74 -0.58 -3.58 9.55
C ASN A 74 -0.66 -2.07 9.41
N SER A 75 0.45 -1.39 9.66
CA SER A 75 0.50 0.07 9.56
C SER A 75 1.66 0.51 8.67
N LEU A 76 1.32 1.02 7.50
CA LEU A 76 2.34 1.49 6.55
C LEU A 76 2.11 2.95 6.19
N TYR A 77 3.05 3.54 5.46
CA TYR A 77 2.96 4.93 5.04
C TYR A 77 3.78 5.17 3.79
N VAL A 78 3.29 6.08 2.94
CA VAL A 78 3.98 6.41 1.70
C VAL A 78 4.70 7.75 1.81
N LEU A 79 5.95 7.79 1.37
CA LEU A 79 6.75 9.00 1.42
C LEU A 79 7.26 9.38 0.03
N THR A 80 6.72 10.46 -0.52
CA THR A 80 7.14 10.93 -1.84
C THR A 80 8.02 12.17 -1.74
N PRO A 81 9.34 11.94 -1.73
CA PRO A 81 10.32 13.03 -1.64
C PRO A 81 10.37 13.88 -2.91
N ASP A 82 10.37 13.20 -4.06
CA ASP A 82 10.41 13.88 -5.35
C ASP A 82 9.05 14.47 -5.70
N LEU A 83 8.05 13.60 -5.79
CA LEU A 83 6.69 14.03 -6.13
C LEU A 83 6.25 15.19 -5.24
N PRO A 84 5.92 16.33 -5.88
CA PRO A 84 5.48 17.53 -5.17
C PRO A 84 4.10 17.36 -4.54
N PRO A 85 3.71 18.33 -3.69
CA PRO A 85 2.41 18.30 -3.01
C PRO A 85 1.25 18.55 -3.98
N PRO A 86 0.04 18.22 -3.52
CA PRO A 86 -1.18 18.41 -4.32
C PRO A 86 -1.53 19.87 -4.53
N SER A 87 -1.45 20.34 -5.77
CA SER A 87 -1.76 21.73 -6.09
C SER A 87 -2.95 21.81 -7.04
N SER A 88 -3.30 20.68 -7.65
CA SER A 88 -4.42 20.63 -8.59
C SER A 88 -5.53 19.73 -8.06
N SER A 89 -6.62 20.34 -7.61
CA SER A 89 -7.75 19.60 -7.08
C SER A 89 -8.30 18.62 -8.12
N SER A 90 -7.89 17.36 -8.01
CA SER A 90 -8.34 16.33 -8.93
C SER A 90 -9.72 15.82 -8.56
N HIS A 91 -10.74 16.31 -9.26
CA HIS A 91 -12.11 15.90 -8.99
C HIS A 91 -12.62 14.96 -10.08
N ALA A 92 -12.95 13.74 -9.69
CA ALA A 92 -13.44 12.74 -10.64
C ALA A 92 -14.74 13.21 -11.30
N GLY A 93 -15.60 13.86 -10.52
CA GLY A 93 -16.85 14.35 -11.04
C GLY A 93 -18.01 13.41 -10.75
N ALA A 94 -18.93 13.30 -11.70
CA ALA A 94 -20.08 12.43 -11.55
C ALA A 94 -19.68 11.08 -10.97
N LEU A 95 -20.58 10.47 -10.21
CA LEU A 95 -20.31 9.16 -9.60
C LEU A 95 -21.38 8.15 -10.00
N GLN A 96 -21.29 6.95 -9.43
CA GLN A 96 -22.26 5.90 -9.72
C GLN A 96 -23.36 5.87 -8.66
N GLU A 97 -24.61 5.77 -9.13
CA GLU A 97 -25.76 5.73 -8.24
C GLU A 97 -25.66 4.55 -7.28
N SER A 98 -25.02 4.76 -6.14
CA SER A 98 -24.87 3.72 -5.14
C SER A 98 -24.28 4.28 -3.84
N LEU A 99 -24.98 4.05 -2.74
CA LEU A 99 -24.54 4.54 -1.44
C LEU A 99 -24.92 3.56 -0.33
N ASN A 100 -24.55 3.89 0.90
CA ASN A 100 -24.86 3.03 2.05
C ASN A 100 -26.29 3.24 2.50
N GLY A 1 1.56 -22.26 -5.98
CA GLY A 1 0.99 -23.54 -5.62
C GLY A 1 1.46 -24.04 -4.27
N SER A 2 1.47 -25.37 -4.11
CA SER A 2 1.91 -25.97 -2.85
C SER A 2 1.34 -25.20 -1.66
N SER A 3 0.07 -24.82 -1.76
CA SER A 3 -0.58 -24.07 -0.70
C SER A 3 -2.06 -24.45 -0.60
N GLY A 4 -2.70 -24.06 0.50
CA GLY A 4 -4.11 -24.37 0.69
C GLY A 4 -5.02 -23.48 -0.15
N SER A 5 -6.27 -23.39 0.25
CA SER A 5 -7.25 -22.57 -0.46
C SER A 5 -7.57 -21.30 0.31
N SER A 6 -8.02 -21.48 1.55
CA SER A 6 -8.36 -20.34 2.40
C SER A 6 -7.15 -19.46 2.65
N GLY A 7 -7.38 -18.15 2.75
CA GLY A 7 -6.30 -17.22 2.99
C GLY A 7 -6.70 -16.07 3.90
N ARG A 8 -5.78 -15.67 4.77
CA ARG A 8 -6.05 -14.58 5.71
C ARG A 8 -5.75 -13.23 5.07
N MET A 9 -6.68 -12.29 5.22
CA MET A 9 -6.50 -10.96 4.66
C MET A 9 -5.69 -10.07 5.60
N LEU A 10 -4.79 -9.28 5.03
CA LEU A 10 -3.94 -8.39 5.81
C LEU A 10 -4.35 -6.93 5.60
N ASP A 11 -4.80 -6.29 6.68
CA ASP A 11 -5.21 -4.89 6.61
C ASP A 11 -4.00 -3.96 6.61
N PHE A 12 -3.71 -3.37 5.46
CA PHE A 12 -2.57 -2.46 5.33
C PHE A 12 -3.05 -1.02 5.20
N ARG A 13 -2.87 -0.25 6.27
CA ARG A 13 -3.27 1.15 6.28
C ARG A 13 -2.14 2.05 5.80
N VAL A 14 -2.28 2.56 4.59
CA VAL A 14 -1.27 3.44 4.01
C VAL A 14 -1.56 4.91 4.33
N GLU A 15 -0.84 5.46 5.29
CA GLU A 15 -1.03 6.85 5.69
C GLU A 15 -0.23 7.78 4.78
N TYR A 16 -0.94 8.49 3.91
CA TYR A 16 -0.31 9.42 2.98
C TYR A 16 -0.86 10.83 3.17
N ARG A 17 -0.06 11.82 2.75
CA ARG A 17 -0.47 13.21 2.87
C ARG A 17 -1.97 13.36 2.68
N ASP A 18 -2.42 13.23 1.43
CA ASP A 18 -3.83 13.35 1.10
C ASP A 18 -4.70 12.71 2.20
N ARG A 19 -4.51 11.42 2.42
CA ARG A 19 -5.28 10.71 3.43
C ARG A 19 -4.76 9.27 3.59
N ASN A 20 -5.36 8.53 4.51
CA ASN A 20 -4.95 7.15 4.77
C ASN A 20 -5.87 6.18 4.04
N VAL A 21 -5.29 5.39 3.13
CA VAL A 21 -6.06 4.41 2.37
C VAL A 21 -5.86 3.01 2.92
N ASP A 22 -6.92 2.21 2.91
CA ASP A 22 -6.87 0.84 3.41
C ASP A 22 -6.67 -0.14 2.27
N VAL A 23 -5.75 -1.09 2.45
CA VAL A 23 -5.47 -2.09 1.44
C VAL A 23 -5.60 -3.50 2.00
N VAL A 24 -6.25 -4.38 1.24
CA VAL A 24 -6.44 -5.76 1.66
C VAL A 24 -6.01 -6.73 0.57
N LEU A 25 -5.10 -7.64 0.92
CA LEU A 25 -4.61 -8.62 -0.03
C LEU A 25 -4.12 -9.87 0.69
N GLU A 26 -4.34 -11.04 0.07
CA GLU A 26 -3.92 -12.30 0.66
C GLU A 26 -2.43 -12.30 0.97
N ASP A 27 -1.99 -13.24 1.79
CA ASP A 27 -0.59 -13.35 2.17
C ASP A 27 0.20 -14.09 1.10
N THR A 28 -0.37 -14.19 -0.10
CA THR A 28 0.28 -14.88 -1.20
C THR A 28 0.88 -13.88 -2.20
N CYS A 29 0.48 -12.62 -2.07
CA CYS A 29 0.97 -11.57 -2.95
C CYS A 29 2.35 -11.09 -2.51
N THR A 30 3.12 -10.55 -3.46
CA THR A 30 4.45 -10.05 -3.18
C THR A 30 4.40 -8.64 -2.62
N VAL A 31 5.33 -8.33 -1.72
CA VAL A 31 5.39 -7.01 -1.11
C VAL A 31 5.33 -5.91 -2.18
N GLY A 32 5.80 -6.23 -3.38
CA GLY A 32 5.79 -5.27 -4.47
C GLY A 32 4.38 -4.88 -4.88
N GLU A 33 3.44 -5.81 -4.74
CA GLU A 33 2.05 -5.57 -5.11
C GLU A 33 1.53 -4.30 -4.45
N ILE A 34 1.48 -4.31 -3.11
CA ILE A 34 1.00 -3.17 -2.36
C ILE A 34 1.40 -1.86 -3.03
N LYS A 35 2.65 -1.77 -3.47
CA LYS A 35 3.15 -0.59 -4.14
C LYS A 35 2.30 -0.24 -5.35
N GLN A 36 2.22 -1.16 -6.30
CA GLN A 36 1.44 -0.95 -7.51
C GLN A 36 -0.03 -0.71 -7.17
N ILE A 37 -0.51 -1.41 -6.14
CA ILE A 37 -1.90 -1.28 -5.71
C ILE A 37 -2.23 0.16 -5.36
N LEU A 38 -1.35 0.79 -4.60
CA LEU A 38 -1.54 2.18 -4.19
C LEU A 38 -1.70 3.09 -5.41
N GLU A 39 -1.15 2.66 -6.53
CA GLU A 39 -1.23 3.43 -7.76
C GLU A 39 -2.61 3.32 -8.40
N ASN A 40 -3.38 2.34 -7.94
CA ASN A 40 -4.72 2.12 -8.46
C ASN A 40 -5.77 2.83 -7.61
N GLU A 41 -5.32 3.38 -6.49
CA GLU A 41 -6.21 4.11 -5.59
C GLU A 41 -5.81 5.57 -5.46
N LEU A 42 -4.51 5.82 -5.49
CA LEU A 42 -3.98 7.18 -5.38
C LEU A 42 -3.49 7.68 -6.73
N GLN A 43 -3.53 6.80 -7.73
CA GLN A 43 -3.08 7.16 -9.07
C GLN A 43 -1.63 7.63 -9.06
N ILE A 44 -0.88 7.17 -8.06
CA ILE A 44 0.53 7.54 -7.93
C ILE A 44 1.44 6.43 -8.47
N PRO A 45 2.45 6.83 -9.26
CA PRO A 45 3.41 5.90 -9.85
C PRO A 45 4.34 5.29 -8.81
N VAL A 46 4.51 3.97 -8.86
CA VAL A 46 5.38 3.28 -7.92
C VAL A 46 6.81 3.80 -8.00
N SER A 47 7.11 4.54 -9.07
CA SER A 47 8.44 5.09 -9.27
C SER A 47 8.63 6.36 -8.44
N LYS A 48 7.52 6.99 -8.07
CA LYS A 48 7.56 8.21 -7.28
C LYS A 48 7.12 7.95 -5.85
N MET A 49 6.85 6.69 -5.54
CA MET A 49 6.41 6.30 -4.21
C MET A 49 7.49 5.48 -3.50
N LEU A 50 7.51 5.56 -2.18
CA LEU A 50 8.50 4.81 -1.39
C LEU A 50 7.82 4.00 -0.29
N LEU A 51 7.72 2.70 -0.49
CA LEU A 51 7.09 1.81 0.47
C LEU A 51 7.96 1.66 1.72
N LYS A 52 7.44 2.09 2.86
CA LYS A 52 8.17 1.99 4.12
C LYS A 52 7.25 1.52 5.24
N GLY A 53 7.83 1.30 6.42
CA GLY A 53 7.05 0.85 7.56
C GLY A 53 7.34 -0.59 7.93
N TRP A 54 7.91 -1.34 6.99
CA TRP A 54 8.24 -2.75 7.23
C TRP A 54 8.86 -2.93 8.60
N LYS A 55 8.46 -3.99 9.30
CA LYS A 55 8.99 -4.28 10.63
C LYS A 55 10.50 -4.48 10.59
N THR A 56 10.98 -5.07 9.50
CA THR A 56 12.40 -5.32 9.33
C THR A 56 13.00 -4.43 8.25
N GLY A 57 13.76 -3.43 8.66
CA GLY A 57 14.38 -2.52 7.71
C GLY A 57 13.49 -2.25 6.51
N ASP A 58 14.05 -2.40 5.31
CA ASP A 58 13.31 -2.16 4.09
C ASP A 58 13.13 -3.46 3.30
N VAL A 59 11.90 -3.95 3.24
CA VAL A 59 11.60 -5.18 2.53
C VAL A 59 11.69 -4.98 1.01
N GLU A 60 12.29 -5.94 0.33
CA GLU A 60 12.46 -5.87 -1.11
C GLU A 60 11.22 -6.42 -1.83
N ASP A 61 10.91 -5.85 -2.98
CA ASP A 61 9.76 -6.29 -3.76
C ASP A 61 9.85 -7.78 -4.08
N SER A 62 11.06 -8.32 -4.00
CA SER A 62 11.28 -9.73 -4.28
C SER A 62 10.90 -10.59 -3.09
N THR A 63 10.33 -9.96 -2.07
CA THR A 63 9.92 -10.67 -0.87
C THR A 63 8.40 -10.87 -0.83
N VAL A 64 7.97 -11.96 -0.22
CA VAL A 64 6.55 -12.27 -0.11
C VAL A 64 6.04 -12.04 1.30
N LEU A 65 4.81 -11.55 1.41
CA LEU A 65 4.20 -11.28 2.71
C LEU A 65 4.34 -12.48 3.63
N LYS A 66 3.83 -13.63 3.20
CA LYS A 66 3.90 -14.85 3.98
C LYS A 66 5.29 -15.01 4.60
N SER A 67 6.29 -14.40 3.97
CA SER A 67 7.66 -14.49 4.46
C SER A 67 7.81 -13.75 5.79
N LEU A 68 7.28 -12.54 5.86
CA LEU A 68 7.35 -11.73 7.07
C LEU A 68 6.18 -12.04 8.00
N HIS A 69 5.18 -12.73 7.47
CA HIS A 69 3.99 -13.09 8.25
C HIS A 69 3.53 -11.91 9.09
N LEU A 70 3.28 -10.78 8.43
CA LEU A 70 2.82 -9.57 9.12
C LEU A 70 1.60 -9.88 9.98
N PRO A 71 1.40 -9.06 11.03
CA PRO A 71 0.28 -9.22 11.95
C PRO A 71 -1.05 -8.86 11.31
N LYS A 72 -2.13 -9.40 11.86
CA LYS A 72 -3.47 -9.15 11.33
C LYS A 72 -3.61 -7.70 10.89
N ASN A 73 -3.25 -6.78 11.77
CA ASN A 73 -3.33 -5.36 11.46
C ASN A 73 -1.97 -4.80 11.05
N ASN A 74 -1.95 -4.09 9.92
CA ASN A 74 -0.71 -3.51 9.42
C ASN A 74 -0.84 -2.00 9.24
N SER A 75 0.28 -1.30 9.32
CA SER A 75 0.27 0.16 9.17
C SER A 75 1.45 0.61 8.31
N LEU A 76 1.15 1.05 7.10
CA LEU A 76 2.18 1.50 6.17
C LEU A 76 1.97 2.98 5.81
N TYR A 77 2.91 3.54 5.07
CA TYR A 77 2.83 4.93 4.64
C TYR A 77 3.62 5.17 3.36
N VAL A 78 3.27 6.23 2.64
CA VAL A 78 3.96 6.57 1.40
C VAL A 78 4.65 7.92 1.50
N LEU A 79 5.75 8.08 0.77
CA LEU A 79 6.51 9.32 0.78
C LEU A 79 6.98 9.68 -0.62
N THR A 80 6.46 10.79 -1.15
CA THR A 80 6.84 11.24 -2.49
C THR A 80 7.75 12.46 -2.42
N PRO A 81 9.07 12.22 -2.45
CA PRO A 81 10.07 13.29 -2.38
C PRO A 81 10.09 14.13 -3.65
N ASP A 82 10.14 13.46 -4.81
CA ASP A 82 10.15 14.15 -6.09
C ASP A 82 8.75 14.58 -6.51
N LEU A 83 7.86 13.61 -6.64
CA LEU A 83 6.48 13.89 -7.04
C LEU A 83 5.78 14.74 -5.98
N PRO A 84 5.15 15.83 -6.43
CA PRO A 84 4.43 16.75 -5.55
C PRO A 84 3.16 16.13 -4.99
N PRO A 85 2.54 16.82 -4.01
CA PRO A 85 1.31 16.36 -3.37
C PRO A 85 0.11 16.45 -4.31
N PRO A 86 -0.84 15.52 -4.13
CA PRO A 86 -2.06 15.47 -4.94
C PRO A 86 -3.00 16.64 -4.66
N SER A 87 -3.50 17.26 -5.72
CA SER A 87 -4.41 18.40 -5.58
C SER A 87 -5.83 17.99 -5.92
N SER A 88 -6.79 18.79 -5.46
CA SER A 88 -8.20 18.50 -5.70
C SER A 88 -8.71 19.27 -6.92
N SER A 89 -8.47 18.71 -8.11
CA SER A 89 -8.90 19.35 -9.35
C SER A 89 -10.40 19.64 -9.32
N SER A 90 -10.87 20.32 -10.37
CA SER A 90 -12.28 20.67 -10.47
C SER A 90 -13.08 19.52 -11.09
N HIS A 91 -12.78 18.30 -10.66
CA HIS A 91 -13.47 17.12 -11.16
C HIS A 91 -13.95 16.24 -10.01
N ALA A 92 -15.12 16.55 -9.48
CA ALA A 92 -15.69 15.78 -8.38
C ALA A 92 -15.46 14.28 -8.58
N GLY A 93 -16.00 13.75 -9.66
CA GLY A 93 -15.84 12.33 -9.95
C GLY A 93 -17.13 11.56 -9.78
N ALA A 94 -17.23 10.41 -10.42
CA ALA A 94 -18.41 9.57 -10.33
C ALA A 94 -18.34 8.63 -9.13
N LEU A 95 -18.95 9.05 -8.01
CA LEU A 95 -18.94 8.25 -6.80
C LEU A 95 -19.79 6.99 -6.97
N GLN A 96 -19.15 5.83 -6.83
CA GLN A 96 -19.86 4.56 -6.97
C GLN A 96 -19.71 3.71 -5.71
N GLU A 97 -18.47 3.58 -5.23
CA GLU A 97 -18.21 2.80 -4.03
C GLU A 97 -18.09 3.71 -2.81
N SER A 98 -19.07 3.64 -1.92
CA SER A 98 -19.09 4.46 -0.71
C SER A 98 -18.00 4.00 0.26
N LEU A 99 -18.15 2.78 0.77
CA LEU A 99 -17.18 2.23 1.72
C LEU A 99 -16.50 0.99 1.14
N ASN A 100 -15.26 0.74 1.54
CA ASN A 100 -14.50 -0.41 1.06
C ASN A 100 -15.32 -1.69 1.22
N GLY A 1 -5.56 -24.77 -10.24
CA GLY A 1 -6.75 -25.49 -9.88
C GLY A 1 -7.91 -24.58 -9.50
N SER A 2 -8.53 -24.85 -8.37
CA SER A 2 -9.66 -24.06 -7.91
C SER A 2 -9.18 -22.78 -7.20
N SER A 3 -10.12 -21.92 -6.86
CA SER A 3 -9.79 -20.67 -6.18
C SER A 3 -11.04 -20.00 -5.63
N GLY A 4 -11.05 -19.72 -4.33
CA GLY A 4 -12.19 -19.08 -3.71
C GLY A 4 -11.80 -18.11 -2.61
N SER A 5 -12.32 -18.34 -1.41
CA SER A 5 -12.02 -17.48 -0.27
C SER A 5 -11.00 -18.14 0.65
N SER A 6 -9.98 -18.75 0.05
CA SER A 6 -8.93 -19.42 0.81
C SER A 6 -7.70 -18.53 0.93
N GLY A 7 -7.60 -17.81 2.04
CA GLY A 7 -6.47 -16.92 2.27
C GLY A 7 -6.76 -15.87 3.33
N ARG A 8 -5.74 -15.56 4.13
CA ARG A 8 -5.88 -14.58 5.19
C ARG A 8 -5.65 -13.17 4.66
N MET A 9 -6.64 -12.29 4.83
CA MET A 9 -6.53 -10.92 4.37
C MET A 9 -5.84 -10.04 5.41
N LEU A 10 -4.95 -9.18 4.94
CA LEU A 10 -4.22 -8.28 5.84
C LEU A 10 -4.61 -6.83 5.59
N ASP A 11 -5.06 -6.15 6.64
CA ASP A 11 -5.46 -4.75 6.54
C ASP A 11 -4.26 -3.84 6.60
N PHE A 12 -3.75 -3.44 5.44
CA PHE A 12 -2.59 -2.56 5.36
C PHE A 12 -3.02 -1.11 5.21
N ARG A 13 -2.89 -0.34 6.29
CA ARG A 13 -3.25 1.06 6.27
C ARG A 13 -2.10 1.94 5.80
N VAL A 14 -2.24 2.51 4.61
CA VAL A 14 -1.21 3.37 4.04
C VAL A 14 -1.49 4.84 4.34
N GLU A 15 -0.78 5.38 5.33
CA GLU A 15 -0.95 6.78 5.71
C GLU A 15 -0.21 7.71 4.74
N TYR A 16 -0.96 8.37 3.88
CA TYR A 16 -0.37 9.28 2.90
C TYR A 16 -0.86 10.71 3.13
N ARG A 17 -0.04 11.67 2.73
CA ARG A 17 -0.38 13.09 2.89
C ARG A 17 -1.88 13.30 2.73
N ASP A 18 -2.37 13.19 1.50
CA ASP A 18 -3.79 13.37 1.22
C ASP A 18 -4.65 12.70 2.29
N ARG A 19 -4.40 11.41 2.52
CA ARG A 19 -5.15 10.66 3.51
C ARG A 19 -4.59 9.24 3.66
N ASN A 20 -5.18 8.47 4.56
CA ASN A 20 -4.74 7.10 4.79
C ASN A 20 -5.66 6.10 4.09
N VAL A 21 -5.15 5.47 3.04
CA VAL A 21 -5.92 4.49 2.28
C VAL A 21 -5.71 3.09 2.82
N ASP A 22 -6.76 2.27 2.78
CA ASP A 22 -6.70 0.90 3.26
C ASP A 22 -6.38 -0.06 2.13
N VAL A 23 -5.58 -1.08 2.42
CA VAL A 23 -5.21 -2.08 1.42
C VAL A 23 -5.43 -3.48 1.93
N VAL A 24 -5.94 -4.36 1.07
CA VAL A 24 -6.21 -5.74 1.43
C VAL A 24 -5.63 -6.70 0.39
N LEU A 25 -4.72 -7.55 0.84
CA LEU A 25 -4.08 -8.53 -0.05
C LEU A 25 -3.59 -9.74 0.74
N GLU A 26 -3.84 -10.93 0.20
CA GLU A 26 -3.42 -12.16 0.86
C GLU A 26 -1.91 -12.14 1.12
N ASP A 27 -1.48 -12.95 2.09
CA ASP A 27 -0.07 -13.03 2.43
C ASP A 27 0.73 -13.69 1.33
N THR A 28 0.04 -14.14 0.29
CA THR A 28 0.68 -14.80 -0.84
C THR A 28 1.21 -13.78 -1.84
N CYS A 29 0.65 -12.57 -1.80
CA CYS A 29 1.07 -11.50 -2.70
C CYS A 29 2.46 -11.01 -2.34
N THR A 30 3.17 -10.46 -3.32
CA THR A 30 4.51 -9.94 -3.11
C THR A 30 4.48 -8.52 -2.57
N VAL A 31 5.39 -8.21 -1.66
CA VAL A 31 5.47 -6.88 -1.06
C VAL A 31 5.42 -5.80 -2.13
N GLY A 32 5.77 -6.17 -3.36
CA GLY A 32 5.74 -5.21 -4.45
C GLY A 32 4.34 -4.81 -4.85
N GLU A 33 3.42 -5.76 -4.78
CA GLU A 33 2.03 -5.50 -5.15
C GLU A 33 1.51 -4.23 -4.47
N ILE A 34 1.53 -4.24 -3.14
CA ILE A 34 1.07 -3.08 -2.36
C ILE A 34 1.41 -1.78 -3.08
N LYS A 35 2.61 -1.71 -3.64
CA LYS A 35 3.05 -0.51 -4.36
C LYS A 35 2.14 -0.22 -5.54
N GLN A 36 2.07 -1.15 -6.48
CA GLN A 36 1.24 -0.99 -7.66
C GLN A 36 -0.22 -0.80 -7.27
N ILE A 37 -0.62 -1.42 -6.17
CA ILE A 37 -1.99 -1.31 -5.68
C ILE A 37 -2.34 0.13 -5.31
N LEU A 38 -1.53 0.71 -4.44
CA LEU A 38 -1.75 2.09 -4.01
C LEU A 38 -1.85 3.04 -5.20
N GLU A 39 -1.30 2.60 -6.33
CA GLU A 39 -1.32 3.41 -7.55
C GLU A 39 -2.69 3.34 -8.21
N ASN A 40 -3.42 2.25 -7.94
CA ASN A 40 -4.74 2.06 -8.52
C ASN A 40 -5.80 2.79 -7.71
N GLU A 41 -5.39 3.35 -6.57
CA GLU A 41 -6.30 4.07 -5.70
C GLU A 41 -5.89 5.53 -5.55
N LEU A 42 -4.58 5.77 -5.66
CA LEU A 42 -4.05 7.12 -5.54
C LEU A 42 -3.56 7.63 -6.90
N GLN A 43 -3.56 6.76 -7.89
CA GLN A 43 -3.12 7.11 -9.24
C GLN A 43 -1.67 7.61 -9.22
N ILE A 44 -0.89 7.10 -8.27
CA ILE A 44 0.51 7.49 -8.15
C ILE A 44 1.42 6.41 -8.69
N PRO A 45 2.43 6.81 -9.48
CA PRO A 45 3.41 5.90 -10.07
C PRO A 45 4.34 5.28 -9.04
N VAL A 46 4.46 3.95 -9.06
CA VAL A 46 5.32 3.25 -8.12
C VAL A 46 6.76 3.77 -8.20
N SER A 47 7.07 4.43 -9.30
CA SER A 47 8.42 4.97 -9.50
C SER A 47 8.63 6.22 -8.65
N LYS A 48 7.53 6.85 -8.25
CA LYS A 48 7.59 8.05 -7.43
C LYS A 48 7.17 7.76 -6.00
N MET A 49 6.84 6.51 -5.73
CA MET A 49 6.42 6.09 -4.39
C MET A 49 7.48 5.22 -3.74
N LEU A 50 7.55 5.28 -2.41
CA LEU A 50 8.53 4.50 -1.65
C LEU A 50 7.86 3.74 -0.52
N LEU A 51 7.76 2.42 -0.66
CA LEU A 51 7.14 1.58 0.36
C LEU A 51 8.03 1.48 1.59
N LYS A 52 7.56 2.00 2.71
CA LYS A 52 8.31 1.96 3.96
C LYS A 52 7.43 1.49 5.11
N GLY A 53 8.04 1.30 6.28
CA GLY A 53 7.30 0.85 7.44
C GLY A 53 7.70 -0.54 7.90
N TRP A 54 8.23 -1.32 6.98
CA TRP A 54 8.67 -2.69 7.28
C TRP A 54 9.41 -2.72 8.62
N LYS A 55 9.05 -3.69 9.46
CA LYS A 55 9.69 -3.83 10.76
C LYS A 55 11.19 -4.04 10.62
N THR A 56 11.58 -4.88 9.65
CA THR A 56 12.98 -5.17 9.41
C THR A 56 13.52 -4.36 8.24
N GLY A 57 14.41 -3.40 8.53
CA GLY A 57 14.97 -2.57 7.48
C GLY A 57 13.99 -2.29 6.38
N ASP A 58 14.48 -2.26 5.14
CA ASP A 58 13.63 -1.99 3.99
C ASP A 58 13.41 -3.26 3.16
N VAL A 59 12.20 -3.80 3.23
CA VAL A 59 11.85 -5.01 2.50
C VAL A 59 11.88 -4.77 1.00
N GLU A 60 12.43 -5.73 0.26
CA GLU A 60 12.53 -5.62 -1.19
C GLU A 60 11.28 -6.19 -1.86
N ASP A 61 11.00 -5.74 -3.08
CA ASP A 61 9.84 -6.21 -3.82
C ASP A 61 9.97 -7.69 -4.17
N SER A 62 11.13 -8.26 -3.86
CA SER A 62 11.39 -9.67 -4.14
C SER A 62 10.96 -10.54 -2.97
N THR A 63 10.46 -9.90 -1.91
CA THR A 63 10.02 -10.62 -0.72
C THR A 63 8.51 -10.77 -0.70
N VAL A 64 8.03 -11.85 -0.08
CA VAL A 64 6.60 -12.11 0.00
C VAL A 64 6.09 -11.90 1.43
N LEU A 65 4.88 -11.38 1.54
CA LEU A 65 4.27 -11.13 2.84
C LEU A 65 4.40 -12.35 3.74
N LYS A 66 3.85 -13.47 3.30
CA LYS A 66 3.91 -14.71 4.05
C LYS A 66 5.29 -14.93 4.65
N SER A 67 6.29 -14.31 4.03
CA SER A 67 7.67 -14.43 4.51
C SER A 67 7.84 -13.74 5.85
N LEU A 68 7.32 -12.52 5.96
CA LEU A 68 7.43 -11.75 7.19
C LEU A 68 6.33 -12.15 8.17
N HIS A 69 5.22 -12.62 7.64
CA HIS A 69 4.08 -13.04 8.46
C HIS A 69 3.51 -11.86 9.24
N LEU A 70 3.17 -10.79 8.53
CA LEU A 70 2.60 -9.60 9.14
C LEU A 70 1.36 -9.93 9.94
N PRO A 71 1.08 -9.12 10.98
CA PRO A 71 -0.10 -9.31 11.84
C PRO A 71 -1.40 -8.99 11.12
N LYS A 72 -2.50 -9.47 11.68
CA LYS A 72 -3.82 -9.24 11.08
C LYS A 72 -3.94 -7.81 10.57
N ASN A 73 -3.54 -6.85 11.40
CA ASN A 73 -3.61 -5.44 11.02
C ASN A 73 -2.21 -4.86 10.85
N ASN A 74 -2.00 -4.15 9.75
CA ASN A 74 -0.71 -3.54 9.46
C ASN A 74 -0.84 -2.02 9.29
N SER A 75 0.27 -1.32 9.41
CA SER A 75 0.29 0.13 9.26
C SER A 75 1.50 0.59 8.45
N LEU A 76 1.25 1.03 7.22
CA LEU A 76 2.31 1.49 6.34
C LEU A 76 2.09 2.94 5.93
N TYR A 77 3.06 3.52 5.24
CA TYR A 77 2.96 4.90 4.79
C TYR A 77 3.82 5.13 3.54
N VAL A 78 3.36 6.04 2.69
CA VAL A 78 4.08 6.36 1.45
C VAL A 78 4.85 7.67 1.59
N LEU A 79 5.95 7.78 0.84
CA LEU A 79 6.78 8.98 0.87
C LEU A 79 7.26 9.35 -0.52
N THR A 80 6.77 10.48 -1.03
CA THR A 80 7.14 10.94 -2.36
C THR A 80 8.06 12.16 -2.28
N PRO A 81 9.38 11.91 -2.31
CA PRO A 81 10.38 12.97 -2.25
C PRO A 81 10.40 13.83 -3.50
N ASP A 82 10.19 13.19 -4.65
CA ASP A 82 10.20 13.90 -5.94
C ASP A 82 8.80 14.45 -6.25
N LEU A 83 7.82 13.56 -6.30
CA LEU A 83 6.44 13.95 -6.60
C LEU A 83 5.93 14.93 -5.56
N PRO A 84 5.36 16.05 -6.04
CA PRO A 84 4.81 17.09 -5.16
C PRO A 84 3.55 16.64 -4.44
N PRO A 85 3.15 17.40 -3.41
CA PRO A 85 1.96 17.10 -2.61
C PRO A 85 0.67 17.31 -3.39
N PRO A 86 -0.44 16.79 -2.85
CA PRO A 86 -1.76 16.90 -3.49
C PRO A 86 -2.30 18.33 -3.45
N SER A 87 -2.36 18.96 -4.62
CA SER A 87 -2.86 20.33 -4.72
C SER A 87 -4.28 20.35 -5.27
N SER A 88 -4.54 19.48 -6.25
CA SER A 88 -5.86 19.41 -6.86
C SER A 88 -6.09 18.04 -7.49
N SER A 89 -6.95 17.25 -6.86
CA SER A 89 -7.26 15.91 -7.35
C SER A 89 -8.77 15.64 -7.31
N SER A 90 -9.19 14.57 -7.97
CA SER A 90 -10.61 14.20 -8.00
C SER A 90 -11.06 13.66 -6.65
N HIS A 91 -12.36 13.80 -6.37
CA HIS A 91 -12.92 13.32 -5.12
C HIS A 91 -13.75 12.06 -5.33
N ALA A 92 -14.71 12.13 -6.24
CA ALA A 92 -15.56 11.00 -6.55
C ALA A 92 -15.08 10.26 -7.79
N GLY A 93 -14.06 9.41 -7.61
CA GLY A 93 -13.52 8.66 -8.72
C GLY A 93 -13.53 9.45 -10.02
N ALA A 94 -13.61 8.74 -11.14
CA ALA A 94 -13.63 9.38 -12.45
C ALA A 94 -14.79 8.87 -13.30
N LEU A 95 -15.85 9.66 -13.39
CA LEU A 95 -17.02 9.29 -14.17
C LEU A 95 -16.74 9.38 -15.66
N GLN A 96 -16.62 8.24 -16.32
CA GLN A 96 -16.35 8.19 -17.75
C GLN A 96 -16.95 6.94 -18.38
N GLU A 97 -17.73 7.14 -19.43
CA GLU A 97 -18.37 6.02 -20.13
C GLU A 97 -17.61 5.67 -21.41
N SER A 98 -17.45 4.37 -21.66
CA SER A 98 -16.73 3.90 -22.84
C SER A 98 -17.70 3.31 -23.86
N LEU A 99 -18.80 2.73 -23.36
CA LEU A 99 -19.80 2.12 -24.23
C LEU A 99 -20.26 3.11 -25.30
N ASN A 100 -20.64 4.30 -24.86
CA ASN A 100 -21.10 5.33 -25.79
C ASN A 100 -20.10 6.48 -25.87
N GLY A 1 -5.11 -28.39 -3.79
CA GLY A 1 -6.46 -28.91 -3.79
C GLY A 1 -7.36 -28.21 -4.80
N SER A 2 -8.67 -28.36 -4.63
CA SER A 2 -9.63 -27.74 -5.55
C SER A 2 -10.57 -26.82 -4.79
N SER A 3 -10.73 -25.60 -5.29
CA SER A 3 -11.59 -24.61 -4.66
C SER A 3 -11.19 -24.38 -3.20
N GLY A 4 -9.90 -24.25 -2.97
CA GLY A 4 -9.40 -24.03 -1.62
C GLY A 4 -8.36 -22.93 -1.56
N SER A 5 -8.61 -21.92 -0.74
CA SER A 5 -7.70 -20.79 -0.59
C SER A 5 -7.00 -20.84 0.76
N SER A 6 -7.78 -21.00 1.82
CA SER A 6 -7.23 -21.05 3.18
C SER A 6 -6.32 -19.86 3.44
N GLY A 7 -6.74 -18.69 2.98
CA GLY A 7 -5.94 -17.49 3.18
C GLY A 7 -6.59 -16.52 4.16
N ARG A 8 -5.99 -15.34 4.29
CA ARG A 8 -6.50 -14.32 5.19
C ARG A 8 -6.19 -12.93 4.69
N MET A 9 -7.18 -12.04 4.74
CA MET A 9 -7.01 -10.66 4.28
C MET A 9 -6.16 -9.86 5.27
N LEU A 10 -5.16 -9.16 4.76
CA LEU A 10 -4.27 -8.36 5.60
C LEU A 10 -4.64 -6.88 5.50
N ASP A 11 -5.04 -6.30 6.62
CA ASP A 11 -5.41 -4.89 6.66
C ASP A 11 -4.18 -4.00 6.66
N PHE A 12 -3.85 -3.45 5.50
CA PHE A 12 -2.69 -2.57 5.36
C PHE A 12 -3.11 -1.11 5.25
N ARG A 13 -2.89 -0.36 6.33
CA ARG A 13 -3.24 1.06 6.36
C ARG A 13 -2.08 1.92 5.87
N VAL A 14 -2.21 2.42 4.64
CA VAL A 14 -1.18 3.26 4.05
C VAL A 14 -1.45 4.74 4.32
N GLU A 15 -0.68 5.31 5.24
CA GLU A 15 -0.83 6.71 5.60
C GLU A 15 -0.06 7.61 4.64
N TYR A 16 -0.78 8.26 3.73
CA TYR A 16 -0.17 9.13 2.74
C TYR A 16 -0.58 10.59 2.98
N ARG A 17 0.32 11.51 2.68
CA ARG A 17 0.06 12.93 2.87
C ARG A 17 -1.41 13.25 2.58
N ASP A 18 -1.85 12.93 1.36
CA ASP A 18 -3.23 13.19 0.97
C ASP A 18 -4.20 12.64 2.01
N ARG A 19 -4.10 11.34 2.27
CA ARG A 19 -4.98 10.70 3.25
C ARG A 19 -4.57 9.25 3.46
N ASN A 20 -5.08 8.64 4.53
CA ASN A 20 -4.78 7.25 4.85
C ASN A 20 -5.75 6.30 4.16
N VAL A 21 -5.22 5.47 3.27
CA VAL A 21 -6.05 4.51 2.54
C VAL A 21 -5.86 3.10 3.09
N ASP A 22 -6.93 2.31 3.08
CA ASP A 22 -6.88 0.94 3.56
C ASP A 22 -6.72 -0.04 2.41
N VAL A 23 -5.74 -0.93 2.53
CA VAL A 23 -5.47 -1.92 1.50
C VAL A 23 -5.68 -3.34 2.03
N VAL A 24 -6.19 -4.22 1.17
CA VAL A 24 -6.43 -5.61 1.55
C VAL A 24 -5.94 -6.57 0.48
N LEU A 25 -4.95 -7.39 0.82
CA LEU A 25 -4.40 -8.35 -0.12
C LEU A 25 -3.96 -9.62 0.60
N GLU A 26 -4.20 -10.77 -0.02
CA GLU A 26 -3.83 -12.06 0.56
C GLU A 26 -2.35 -12.08 0.91
N ASP A 27 -1.96 -13.06 1.72
CA ASP A 27 -0.57 -13.20 2.14
C ASP A 27 0.23 -13.97 1.09
N THR A 28 -0.24 -13.91 -0.16
CA THR A 28 0.44 -14.60 -1.25
C THR A 28 1.10 -13.61 -2.21
N CYS A 29 0.57 -12.39 -2.24
CA CYS A 29 1.11 -11.36 -3.12
C CYS A 29 2.49 -10.91 -2.63
N THR A 30 3.28 -10.38 -3.56
CA THR A 30 4.63 -9.91 -3.24
C THR A 30 4.60 -8.49 -2.69
N VAL A 31 5.52 -8.22 -1.76
CA VAL A 31 5.60 -6.89 -1.16
C VAL A 31 5.54 -5.80 -2.22
N GLY A 32 6.00 -6.13 -3.42
CA GLY A 32 5.98 -5.17 -4.51
C GLY A 32 4.58 -4.78 -4.93
N GLU A 33 3.68 -5.74 -4.90
CA GLU A 33 2.29 -5.50 -5.30
C GLU A 33 1.73 -4.27 -4.58
N ILE A 34 1.70 -4.33 -3.25
CA ILE A 34 1.20 -3.21 -2.46
C ILE A 34 1.52 -1.87 -3.11
N LYS A 35 2.75 -1.74 -3.60
CA LYS A 35 3.18 -0.53 -4.25
C LYS A 35 2.29 -0.19 -5.44
N GLN A 36 2.29 -1.06 -6.45
CA GLN A 36 1.47 -0.85 -7.64
C GLN A 36 0.00 -0.69 -7.26
N ILE A 37 -0.44 -1.44 -6.27
CA ILE A 37 -1.83 -1.38 -5.81
C ILE A 37 -2.21 0.04 -5.41
N LEU A 38 -1.32 0.71 -4.70
CA LEU A 38 -1.57 2.09 -4.25
C LEU A 38 -1.81 3.00 -5.45
N GLU A 39 -1.28 2.61 -6.61
CA GLU A 39 -1.45 3.40 -7.82
C GLU A 39 -2.84 3.22 -8.41
N ASN A 40 -3.57 2.24 -7.89
CA ASN A 40 -4.93 1.96 -8.36
C ASN A 40 -5.96 2.64 -7.48
N GLU A 41 -5.50 3.18 -6.35
CA GLU A 41 -6.39 3.85 -5.41
C GLU A 41 -6.00 5.32 -5.25
N LEU A 42 -4.70 5.58 -5.21
CA LEU A 42 -4.20 6.94 -5.05
C LEU A 42 -3.71 7.49 -6.39
N GLN A 43 -3.68 6.63 -7.40
CA GLN A 43 -3.25 7.03 -8.74
C GLN A 43 -1.82 7.60 -8.69
N ILE A 44 -1.01 7.04 -7.82
CA ILE A 44 0.37 7.48 -7.68
C ILE A 44 1.35 6.46 -8.26
N PRO A 45 2.35 6.94 -9.00
CA PRO A 45 3.36 6.09 -9.62
C PRO A 45 4.30 5.46 -8.60
N VAL A 46 4.32 4.13 -8.56
CA VAL A 46 5.17 3.41 -7.61
C VAL A 46 6.59 3.99 -7.61
N SER A 47 6.96 4.63 -8.71
CA SER A 47 8.29 5.22 -8.83
C SER A 47 8.47 6.37 -7.85
N LYS A 48 7.47 7.24 -7.78
CA LYS A 48 7.51 8.38 -6.87
C LYS A 48 7.21 7.96 -5.44
N MET A 49 6.50 6.84 -5.30
CA MET A 49 6.15 6.33 -3.98
C MET A 49 7.29 5.47 -3.41
N LEU A 50 7.42 5.49 -2.08
CA LEU A 50 8.46 4.72 -1.42
C LEU A 50 7.88 3.89 -0.28
N LEU A 51 7.66 2.60 -0.54
CA LEU A 51 7.11 1.70 0.47
C LEU A 51 8.04 1.60 1.67
N LYS A 52 7.57 2.08 2.82
CA LYS A 52 8.36 2.03 4.05
C LYS A 52 7.50 1.57 5.22
N GLY A 53 8.14 1.40 6.38
CA GLY A 53 7.42 0.97 7.56
C GLY A 53 7.88 -0.39 8.05
N TRP A 54 8.23 -1.27 7.11
CA TRP A 54 8.68 -2.61 7.46
C TRP A 54 9.46 -2.61 8.77
N LYS A 55 9.18 -3.59 9.62
CA LYS A 55 9.85 -3.68 10.92
C LYS A 55 11.35 -3.90 10.73
N THR A 56 11.71 -4.88 9.90
CA THR A 56 13.11 -5.18 9.64
C THR A 56 13.66 -4.29 8.53
N GLY A 57 14.54 -3.36 8.90
CA GLY A 57 15.13 -2.46 7.93
C GLY A 57 14.17 -2.12 6.80
N ASP A 58 14.60 -2.35 5.57
CA ASP A 58 13.78 -2.06 4.40
C ASP A 58 13.60 -3.31 3.53
N VAL A 59 12.38 -3.83 3.49
CA VAL A 59 12.09 -5.02 2.70
C VAL A 59 12.19 -4.72 1.21
N GLU A 60 12.60 -5.72 0.44
CA GLU A 60 12.75 -5.57 -1.01
C GLU A 60 11.52 -6.13 -1.73
N ASP A 61 11.15 -5.48 -2.84
CA ASP A 61 10.00 -5.91 -3.62
C ASP A 61 10.10 -7.39 -3.96
N SER A 62 11.30 -7.94 -3.86
CA SER A 62 11.52 -9.35 -4.16
C SER A 62 11.18 -10.22 -2.96
N THR A 63 10.41 -9.66 -2.02
CA THR A 63 9.99 -10.39 -0.83
C THR A 63 8.49 -10.65 -0.84
N VAL A 64 8.08 -11.76 -0.22
CA VAL A 64 6.67 -12.13 -0.16
C VAL A 64 6.11 -11.91 1.24
N LEU A 65 4.88 -11.43 1.31
CA LEU A 65 4.23 -11.19 2.60
C LEU A 65 4.37 -12.39 3.52
N LYS A 66 3.84 -13.53 3.09
CA LYS A 66 3.92 -14.75 3.88
C LYS A 66 5.28 -14.88 4.54
N SER A 67 6.29 -14.26 3.94
CA SER A 67 7.65 -14.31 4.49
C SER A 67 7.76 -13.51 5.77
N LEU A 68 7.18 -12.31 5.76
CA LEU A 68 7.21 -11.45 6.95
C LEU A 68 6.06 -11.76 7.89
N HIS A 69 5.10 -12.56 7.40
CA HIS A 69 3.95 -12.95 8.20
C HIS A 69 3.39 -11.75 8.96
N LEU A 70 3.07 -10.69 8.23
CA LEU A 70 2.53 -9.47 8.83
C LEU A 70 1.33 -9.80 9.73
N PRO A 71 1.17 -9.04 10.81
CA PRO A 71 0.07 -9.22 11.76
C PRO A 71 -1.28 -8.82 11.16
N LYS A 72 -2.35 -9.38 11.72
CA LYS A 72 -3.70 -9.09 11.25
C LYS A 72 -3.84 -7.60 10.92
N ASN A 73 -3.51 -6.75 11.88
CA ASN A 73 -3.59 -5.31 11.69
C ASN A 73 -2.25 -4.73 11.28
N ASN A 74 -2.20 -4.13 10.10
CA ASN A 74 -0.97 -3.54 9.58
C ASN A 74 -1.16 -2.05 9.31
N SER A 75 -0.07 -1.30 9.41
CA SER A 75 -0.12 0.15 9.19
C SER A 75 1.16 0.64 8.52
N LEU A 76 1.07 0.95 7.23
CA LEU A 76 2.22 1.44 6.48
C LEU A 76 2.07 2.90 6.13
N TYR A 77 3.06 3.45 5.43
CA TYR A 77 3.03 4.86 5.03
C TYR A 77 3.90 5.09 3.79
N VAL A 78 3.49 6.04 2.97
CA VAL A 78 4.23 6.36 1.74
C VAL A 78 4.82 7.77 1.81
N LEU A 79 6.00 7.94 1.24
CA LEU A 79 6.67 9.24 1.24
C LEU A 79 7.21 9.56 -0.15
N THR A 80 6.65 10.60 -0.76
CA THR A 80 7.08 11.02 -2.09
C THR A 80 7.96 12.26 -2.03
N PRO A 81 9.29 12.04 -2.02
CA PRO A 81 10.27 13.13 -1.96
C PRO A 81 10.30 13.95 -3.25
N ASP A 82 10.35 13.27 -4.38
CA ASP A 82 10.39 13.93 -5.68
C ASP A 82 9.05 14.59 -5.99
N LEU A 83 7.99 13.78 -6.03
CA LEU A 83 6.66 14.28 -6.32
C LEU A 83 6.37 15.56 -5.53
N PRO A 84 6.01 16.63 -6.25
CA PRO A 84 5.70 17.92 -5.64
C PRO A 84 4.40 17.90 -4.85
N PRO A 85 4.16 18.96 -4.06
CA PRO A 85 2.95 19.09 -3.24
C PRO A 85 1.69 19.30 -4.08
N PRO A 86 0.79 18.30 -4.06
CA PRO A 86 -0.46 18.35 -4.81
C PRO A 86 -1.44 19.39 -4.24
N SER A 87 -1.27 20.63 -4.66
CA SER A 87 -2.14 21.71 -4.18
C SER A 87 -3.13 22.13 -5.26
N SER A 88 -3.71 21.14 -5.95
CA SER A 88 -4.67 21.40 -7.01
C SER A 88 -5.61 20.21 -7.19
N SER A 89 -6.91 20.49 -7.17
CA SER A 89 -7.91 19.44 -7.34
C SER A 89 -7.45 18.40 -8.35
N SER A 90 -7.10 17.22 -7.85
CA SER A 90 -6.65 16.14 -8.73
C SER A 90 -7.82 15.35 -9.29
N HIS A 91 -7.55 14.53 -10.30
CA HIS A 91 -8.59 13.73 -10.94
C HIS A 91 -8.64 12.33 -10.32
N ALA A 92 -9.82 11.72 -10.38
CA ALA A 92 -10.00 10.38 -9.83
C ALA A 92 -9.92 9.32 -10.92
N GLY A 93 -9.12 8.28 -10.69
CA GLY A 93 -8.97 7.23 -11.67
C GLY A 93 -10.23 6.39 -11.81
N ALA A 94 -10.08 5.18 -12.35
CA ALA A 94 -11.22 4.28 -12.54
C ALA A 94 -11.59 3.59 -11.23
N LEU A 95 -12.89 3.44 -11.00
CA LEU A 95 -13.38 2.80 -9.78
C LEU A 95 -14.49 1.80 -10.12
N GLN A 96 -14.32 1.08 -11.21
CA GLN A 96 -15.30 0.08 -11.63
C GLN A 96 -14.78 -1.33 -11.43
N GLU A 97 -13.52 -1.55 -11.83
CA GLU A 97 -12.90 -2.86 -11.69
C GLU A 97 -12.46 -3.10 -10.25
N SER A 98 -11.70 -2.15 -9.71
CA SER A 98 -11.20 -2.27 -8.34
C SER A 98 -12.35 -2.45 -7.36
N LEU A 99 -12.62 -3.70 -7.00
CA LEU A 99 -13.69 -4.02 -6.06
C LEU A 99 -13.50 -3.29 -4.74
N ASN A 100 -12.30 -2.72 -4.55
CA ASN A 100 -11.99 -1.99 -3.33
C ASN A 100 -12.68 -2.62 -2.13
N GLY A 1 -7.55 -31.62 -2.58
CA GLY A 1 -8.57 -30.70 -3.05
C GLY A 1 -8.31 -30.23 -4.47
N SER A 2 -8.82 -29.04 -4.80
CA SER A 2 -8.66 -28.49 -6.13
C SER A 2 -7.58 -27.39 -6.13
N SER A 3 -6.49 -27.64 -5.41
CA SER A 3 -5.40 -26.68 -5.32
C SER A 3 -5.94 -25.26 -5.18
N GLY A 4 -6.98 -25.10 -4.37
CA GLY A 4 -7.57 -23.79 -4.17
C GLY A 4 -6.81 -22.97 -3.15
N SER A 5 -5.90 -22.14 -3.64
CA SER A 5 -5.10 -21.29 -2.76
C SER A 5 -5.98 -20.45 -1.85
N SER A 6 -5.90 -20.72 -0.55
CA SER A 6 -6.71 -19.99 0.43
C SER A 6 -5.83 -19.47 1.57
N GLY A 7 -6.30 -18.43 2.24
CA GLY A 7 -5.56 -17.86 3.34
C GLY A 7 -6.38 -16.86 4.14
N ARG A 8 -5.83 -15.66 4.32
CA ARG A 8 -6.52 -14.62 5.08
C ARG A 8 -6.19 -13.23 4.52
N MET A 9 -7.08 -12.28 4.78
CA MET A 9 -6.87 -10.91 4.30
C MET A 9 -6.04 -10.10 5.29
N LEU A 10 -5.17 -9.26 4.76
CA LEU A 10 -4.31 -8.43 5.61
C LEU A 10 -4.66 -6.95 5.44
N ASP A 11 -5.11 -6.33 6.52
CA ASP A 11 -5.46 -4.91 6.50
C ASP A 11 -4.22 -4.04 6.54
N PHE A 12 -3.93 -3.35 5.45
CA PHE A 12 -2.77 -2.48 5.36
C PHE A 12 -3.19 -1.02 5.21
N ARG A 13 -3.06 -0.25 6.29
CA ARG A 13 -3.42 1.16 6.28
C ARG A 13 -2.24 2.02 5.88
N VAL A 14 -2.24 2.49 4.63
CA VAL A 14 -1.16 3.34 4.13
C VAL A 14 -1.46 4.81 4.37
N GLU A 15 -0.61 5.46 5.16
CA GLU A 15 -0.78 6.87 5.48
C GLU A 15 -0.01 7.74 4.48
N TYR A 16 -0.75 8.46 3.65
CA TYR A 16 -0.15 9.33 2.65
C TYR A 16 -0.62 10.77 2.82
N ARG A 17 0.21 11.71 2.39
CA ARG A 17 -0.12 13.12 2.49
C ARG A 17 -1.62 13.35 2.31
N ASP A 18 -2.12 13.04 1.12
CA ASP A 18 -3.53 13.20 0.80
C ASP A 18 -4.40 12.67 1.95
N ARG A 19 -4.27 11.38 2.23
CA ARG A 19 -5.04 10.75 3.29
C ARG A 19 -4.60 9.30 3.51
N ASN A 20 -5.24 8.63 4.46
CA ASN A 20 -4.92 7.24 4.76
C ASN A 20 -5.86 6.30 4.01
N VAL A 21 -5.28 5.42 3.20
CA VAL A 21 -6.06 4.45 2.43
C VAL A 21 -5.88 3.04 2.97
N ASP A 22 -6.91 2.21 2.81
CA ASP A 22 -6.86 0.84 3.27
C ASP A 22 -6.57 -0.13 2.13
N VAL A 23 -5.80 -1.18 2.41
CA VAL A 23 -5.46 -2.16 1.40
C VAL A 23 -5.65 -3.58 1.92
N VAL A 24 -6.15 -4.47 1.07
CA VAL A 24 -6.38 -5.86 1.45
C VAL A 24 -5.81 -6.81 0.40
N LEU A 25 -4.84 -7.61 0.80
CA LEU A 25 -4.22 -8.58 -0.10
C LEU A 25 -3.71 -9.80 0.66
N GLU A 26 -3.87 -10.96 0.06
CA GLU A 26 -3.43 -12.21 0.68
C GLU A 26 -1.93 -12.18 0.97
N ASP A 27 -1.51 -12.94 1.97
CA ASP A 27 -0.11 -12.99 2.35
C ASP A 27 0.73 -13.66 1.25
N THR A 28 0.06 -14.13 0.21
CA THR A 28 0.74 -14.78 -0.90
C THR A 28 1.32 -13.76 -1.86
N CYS A 29 0.70 -12.59 -1.92
CA CYS A 29 1.15 -11.52 -2.82
C CYS A 29 2.53 -11.02 -2.39
N THR A 30 3.28 -10.48 -3.35
CA THR A 30 4.61 -9.97 -3.09
C THR A 30 4.55 -8.52 -2.58
N VAL A 31 5.45 -8.19 -1.66
CA VAL A 31 5.50 -6.84 -1.10
C VAL A 31 5.44 -5.79 -2.19
N GLY A 32 5.93 -6.14 -3.38
CA GLY A 32 5.93 -5.21 -4.50
C GLY A 32 4.52 -4.86 -4.95
N GLU A 33 3.61 -5.83 -4.84
CA GLU A 33 2.22 -5.62 -5.25
C GLU A 33 1.66 -4.35 -4.61
N ILE A 34 1.55 -4.35 -3.29
CA ILE A 34 1.03 -3.21 -2.56
C ILE A 34 1.42 -1.90 -3.24
N LYS A 35 2.69 -1.80 -3.62
CA LYS A 35 3.20 -0.60 -4.28
C LYS A 35 2.32 -0.23 -5.47
N GLN A 36 2.15 -1.16 -6.39
CA GLN A 36 1.34 -0.93 -7.58
C GLN A 36 -0.13 -0.73 -7.21
N ILE A 37 -0.54 -1.33 -6.09
CA ILE A 37 -1.91 -1.22 -5.62
C ILE A 37 -2.25 0.23 -5.26
N LEU A 38 -1.39 0.85 -4.47
CA LEU A 38 -1.60 2.24 -4.06
C LEU A 38 -1.76 3.16 -5.27
N GLU A 39 -1.28 2.69 -6.42
CA GLU A 39 -1.37 3.47 -7.65
C GLU A 39 -2.77 3.35 -8.26
N ASN A 40 -3.50 2.31 -7.88
CA ASN A 40 -4.84 2.10 -8.38
C ASN A 40 -5.87 2.80 -7.50
N GLU A 41 -5.41 3.36 -6.40
CA GLU A 41 -6.29 4.06 -5.48
C GLU A 41 -5.84 5.51 -5.28
N LEU A 42 -4.53 5.72 -5.32
CA LEU A 42 -3.97 7.06 -5.16
C LEU A 42 -3.47 7.62 -6.50
N GLN A 43 -3.59 6.81 -7.54
CA GLN A 43 -3.16 7.21 -8.88
C GLN A 43 -1.71 7.67 -8.86
N ILE A 44 -0.95 7.18 -7.88
CA ILE A 44 0.45 7.54 -7.75
C ILE A 44 1.36 6.48 -8.39
N PRO A 45 2.37 6.94 -9.14
CA PRO A 45 3.33 6.05 -9.82
C PRO A 45 4.25 5.34 -8.83
N VAL A 46 4.40 4.03 -9.02
CA VAL A 46 5.25 3.24 -8.14
C VAL A 46 6.69 3.74 -8.17
N SER A 47 6.99 4.61 -9.14
CA SER A 47 8.33 5.16 -9.28
C SER A 47 8.53 6.35 -8.33
N LYS A 48 7.43 6.99 -7.96
CA LYS A 48 7.48 8.14 -7.06
C LYS A 48 7.03 7.74 -5.65
N MET A 49 6.79 6.45 -5.46
CA MET A 49 6.36 5.94 -4.15
C MET A 49 7.42 5.04 -3.55
N LEU A 50 7.50 5.02 -2.22
CA LEU A 50 8.47 4.20 -1.52
C LEU A 50 7.82 3.45 -0.36
N LEU A 51 7.90 2.12 -0.40
CA LEU A 51 7.31 1.29 0.65
C LEU A 51 8.18 1.32 1.91
N LYS A 52 7.59 1.75 3.02
CA LYS A 52 8.30 1.81 4.28
C LYS A 52 7.39 1.41 5.44
N GLY A 53 8.00 1.07 6.58
CA GLY A 53 7.23 0.67 7.74
C GLY A 53 7.21 -0.83 7.93
N TRP A 54 8.16 -1.52 7.31
CA TRP A 54 8.25 -2.97 7.43
C TRP A 54 8.74 -3.38 8.80
N LYS A 55 8.82 -4.69 9.04
CA LYS A 55 9.27 -5.21 10.32
C LYS A 55 10.80 -5.26 10.37
N THR A 56 11.41 -5.76 9.30
CA THR A 56 12.87 -5.87 9.23
C THR A 56 13.43 -4.88 8.21
N GLY A 57 14.21 -3.92 8.70
CA GLY A 57 14.81 -2.93 7.81
C GLY A 57 13.91 -2.58 6.65
N ASP A 58 14.46 -2.65 5.44
CA ASP A 58 13.70 -2.34 4.24
C ASP A 58 13.47 -3.58 3.39
N VAL A 59 12.21 -4.00 3.28
CA VAL A 59 11.87 -5.18 2.50
C VAL A 59 11.86 -4.87 1.01
N GLU A 60 12.47 -5.76 0.23
CA GLU A 60 12.54 -5.58 -1.22
C GLU A 60 11.29 -6.15 -1.89
N ASP A 61 10.95 -5.59 -3.05
CA ASP A 61 9.78 -6.05 -3.80
C ASP A 61 9.89 -7.53 -4.13
N SER A 62 11.11 -8.05 -4.12
CA SER A 62 11.35 -9.45 -4.42
C SER A 62 10.94 -10.34 -3.25
N THR A 63 10.53 -9.72 -2.16
CA THR A 63 10.11 -10.45 -0.98
C THR A 63 8.59 -10.64 -0.96
N VAL A 64 8.14 -11.67 -0.25
CA VAL A 64 6.72 -11.96 -0.15
C VAL A 64 6.19 -11.69 1.26
N LEU A 65 4.89 -11.42 1.35
CA LEU A 65 4.27 -11.14 2.63
C LEU A 65 4.37 -12.35 3.56
N LYS A 66 3.93 -13.50 3.08
CA LYS A 66 3.97 -14.73 3.86
C LYS A 66 5.35 -14.93 4.49
N SER A 67 6.34 -14.25 3.94
CA SER A 67 7.71 -14.35 4.44
C SER A 67 7.83 -13.69 5.82
N LEU A 68 7.27 -12.50 5.94
CA LEU A 68 7.32 -11.75 7.19
C LEU A 68 6.18 -12.16 8.11
N HIS A 69 5.20 -12.87 7.55
CA HIS A 69 4.05 -13.34 8.32
C HIS A 69 3.40 -12.18 9.08
N LEU A 70 3.15 -11.08 8.37
CA LEU A 70 2.54 -9.90 8.97
C LEU A 70 1.30 -10.29 9.77
N PRO A 71 1.08 -9.59 10.90
CA PRO A 71 -0.07 -9.84 11.78
C PRO A 71 -1.39 -9.41 11.14
N LYS A 72 -2.48 -9.65 11.85
CA LYS A 72 -3.81 -9.28 11.36
C LYS A 72 -3.90 -7.79 11.10
N ASN A 73 -3.34 -6.99 12.01
CA ASN A 73 -3.36 -5.54 11.87
C ASN A 73 -2.00 -5.02 11.41
N ASN A 74 -2.02 -4.13 10.42
CA ASN A 74 -0.79 -3.55 9.90
C ASN A 74 -1.01 -2.10 9.47
N SER A 75 0.07 -1.32 9.49
CA SER A 75 0.00 0.09 9.10
C SER A 75 1.26 0.52 8.37
N LEU A 76 1.09 1.03 7.16
CA LEU A 76 2.23 1.48 6.35
C LEU A 76 2.07 2.94 5.98
N TYR A 77 3.06 3.47 5.26
CA TYR A 77 3.03 4.86 4.82
C TYR A 77 3.88 5.07 3.58
N VAL A 78 3.42 5.93 2.69
CA VAL A 78 4.14 6.22 1.45
C VAL A 78 4.85 7.57 1.53
N LEU A 79 6.11 7.59 1.09
CA LEU A 79 6.89 8.82 1.11
C LEU A 79 7.38 9.18 -0.29
N THR A 80 6.89 10.29 -0.83
CA THR A 80 7.29 10.73 -2.17
C THR A 80 8.26 11.90 -2.08
N PRO A 81 9.57 11.59 -2.12
CA PRO A 81 10.63 12.59 -2.07
C PRO A 81 10.69 13.45 -3.33
N ASP A 82 10.55 12.80 -4.48
CA ASP A 82 10.59 13.50 -5.76
C ASP A 82 9.25 14.17 -6.06
N LEU A 83 8.17 13.40 -6.01
CA LEU A 83 6.84 13.92 -6.28
C LEU A 83 6.58 15.17 -5.44
N PRO A 84 6.05 16.21 -6.10
CA PRO A 84 5.73 17.49 -5.45
C PRO A 84 4.55 17.37 -4.49
N PRO A 85 4.34 18.42 -3.69
CA PRO A 85 3.24 18.46 -2.71
C PRO A 85 1.88 18.56 -3.38
N PRO A 86 0.85 18.05 -2.69
CA PRO A 86 -0.53 18.07 -3.20
C PRO A 86 -1.12 19.47 -3.21
N SER A 87 -0.33 20.45 -2.77
CA SER A 87 -0.78 21.83 -2.73
C SER A 87 -1.65 22.16 -3.94
N SER A 88 -2.96 22.19 -3.72
CA SER A 88 -3.91 22.48 -4.79
C SER A 88 -5.21 23.04 -4.23
N SER A 89 -5.56 24.25 -4.64
CA SER A 89 -6.78 24.90 -4.18
C SER A 89 -7.85 24.89 -5.26
N SER A 90 -8.76 23.94 -5.17
CA SER A 90 -9.85 23.82 -6.15
C SER A 90 -10.84 22.73 -5.73
N HIS A 91 -12.03 22.77 -6.32
CA HIS A 91 -13.06 21.79 -6.01
C HIS A 91 -12.94 20.57 -6.93
N ALA A 92 -12.04 19.66 -6.58
CA ALA A 92 -11.82 18.46 -7.37
C ALA A 92 -12.16 17.21 -6.57
N GLY A 93 -12.67 16.19 -7.25
CA GLY A 93 -13.02 14.95 -6.58
C GLY A 93 -12.19 13.77 -7.05
N ALA A 94 -12.59 13.19 -8.18
CA ALA A 94 -11.87 12.05 -8.74
C ALA A 94 -11.63 12.23 -10.23
N LEU A 95 -10.92 11.28 -10.84
CA LEU A 95 -10.62 11.33 -12.26
C LEU A 95 -11.80 11.93 -13.04
N GLN A 96 -11.55 13.08 -13.66
CA GLN A 96 -12.58 13.76 -14.45
C GLN A 96 -13.17 12.82 -15.50
N GLU A 97 -12.39 11.82 -15.89
CA GLU A 97 -12.83 10.85 -16.89
C GLU A 97 -13.70 9.77 -16.27
N SER A 98 -14.69 9.30 -17.01
CA SER A 98 -15.60 8.28 -16.51
C SER A 98 -14.82 7.06 -16.02
N LEU A 99 -14.85 6.85 -14.71
CA LEU A 99 -14.14 5.73 -14.10
C LEU A 99 -14.72 4.40 -14.58
N ASN A 100 -13.84 3.49 -14.99
CA ASN A 100 -14.27 2.18 -15.48
C ASN A 100 -14.52 1.23 -14.31
N GLY A 1 -0.88 -14.39 -8.90
CA GLY A 1 -1.36 -15.33 -7.90
C GLY A 1 -2.86 -15.24 -7.71
N SER A 2 -3.62 -15.74 -8.69
CA SER A 2 -5.07 -15.70 -8.61
C SER A 2 -5.61 -16.90 -7.84
N SER A 3 -5.77 -16.73 -6.53
CA SER A 3 -6.27 -17.81 -5.67
C SER A 3 -7.62 -17.44 -5.09
N GLY A 4 -8.60 -18.33 -5.26
CA GLY A 4 -9.93 -18.08 -4.74
C GLY A 4 -9.94 -17.89 -3.23
N SER A 5 -10.10 -18.99 -2.50
CA SER A 5 -10.14 -18.94 -1.05
C SER A 5 -8.81 -19.42 -0.46
N SER A 6 -7.83 -18.54 -0.43
CA SER A 6 -6.51 -18.87 0.10
C SER A 6 -5.72 -17.62 0.45
N GLY A 7 -4.77 -17.76 1.37
CA GLY A 7 -3.96 -16.62 1.77
C GLY A 7 -4.76 -15.57 2.51
N ARG A 8 -4.79 -15.67 3.83
CA ARG A 8 -5.53 -14.71 4.65
C ARG A 8 -5.24 -13.28 4.22
N MET A 9 -6.29 -12.49 4.05
CA MET A 9 -6.14 -11.10 3.64
C MET A 9 -5.69 -10.23 4.81
N LEU A 10 -4.88 -9.23 4.52
CA LEU A 10 -4.37 -8.33 5.55
C LEU A 10 -4.85 -6.89 5.29
N ASP A 11 -5.05 -6.14 6.37
CA ASP A 11 -5.50 -4.75 6.26
C ASP A 11 -4.30 -3.80 6.35
N PHE A 12 -3.76 -3.44 5.19
CA PHE A 12 -2.63 -2.52 5.14
C PHE A 12 -3.09 -1.07 5.07
N ARG A 13 -2.89 -0.34 6.15
CA ARG A 13 -3.29 1.06 6.21
C ARG A 13 -2.13 1.98 5.82
N VAL A 14 -2.19 2.51 4.61
CA VAL A 14 -1.15 3.41 4.11
C VAL A 14 -1.48 4.87 4.42
N GLU A 15 -0.67 5.48 5.29
CA GLU A 15 -0.88 6.87 5.68
C GLU A 15 -0.08 7.80 4.76
N TYR A 16 -0.78 8.46 3.84
CA TYR A 16 -0.15 9.39 2.91
C TYR A 16 -0.65 10.81 3.11
N ARG A 17 0.17 11.78 2.76
CA ARG A 17 -0.20 13.19 2.90
C ARG A 17 -1.69 13.38 2.64
N ASP A 18 -2.13 13.06 1.42
CA ASP A 18 -3.52 13.21 1.05
C ASP A 18 -4.44 12.66 2.14
N ARG A 19 -4.36 11.36 2.38
CA ARG A 19 -5.17 10.71 3.39
C ARG A 19 -4.79 9.24 3.55
N ASN A 20 -5.34 8.59 4.58
CA ASN A 20 -5.06 7.19 4.83
C ASN A 20 -6.00 6.28 4.04
N VAL A 21 -5.44 5.24 3.44
CA VAL A 21 -6.23 4.30 2.65
C VAL A 21 -6.02 2.87 3.13
N ASP A 22 -7.07 2.06 3.05
CA ASP A 22 -7.00 0.66 3.47
C ASP A 22 -6.77 -0.25 2.28
N VAL A 23 -5.80 -1.15 2.41
CA VAL A 23 -5.49 -2.08 1.34
C VAL A 23 -5.67 -3.53 1.80
N VAL A 24 -6.25 -4.36 0.93
CA VAL A 24 -6.48 -5.76 1.25
C VAL A 24 -5.81 -6.67 0.22
N LEU A 25 -4.77 -7.38 0.67
CA LEU A 25 -4.04 -8.29 -0.21
C LEU A 25 -3.58 -9.53 0.56
N GLU A 26 -3.83 -10.70 -0.01
CA GLU A 26 -3.45 -11.95 0.62
C GLU A 26 -1.95 -11.97 0.91
N ASP A 27 -1.53 -12.91 1.75
CA ASP A 27 -0.12 -13.03 2.12
C ASP A 27 0.68 -13.69 1.00
N THR A 28 -0.02 -14.14 -0.03
CA THR A 28 0.63 -14.78 -1.17
C THR A 28 1.21 -13.75 -2.12
N CYS A 29 0.64 -12.54 -2.11
CA CYS A 29 1.12 -11.47 -2.98
C CYS A 29 2.52 -11.02 -2.59
N THR A 30 3.24 -10.46 -3.54
CA THR A 30 4.60 -9.99 -3.30
C THR A 30 4.60 -8.57 -2.73
N VAL A 31 5.54 -8.30 -1.83
CA VAL A 31 5.64 -6.98 -1.20
C VAL A 31 5.59 -5.89 -2.25
N GLY A 32 5.96 -6.22 -3.48
CA GLY A 32 5.94 -5.24 -4.56
C GLY A 32 4.54 -4.83 -4.95
N GLU A 33 3.62 -5.78 -4.93
CA GLU A 33 2.23 -5.51 -5.28
C GLU A 33 1.72 -4.27 -4.55
N ILE A 34 1.72 -4.33 -3.22
CA ILE A 34 1.25 -3.22 -2.42
C ILE A 34 1.59 -1.88 -3.07
N LYS A 35 2.81 -1.77 -3.58
CA LYS A 35 3.27 -0.55 -4.23
C LYS A 35 2.35 -0.18 -5.40
N GLN A 36 2.28 -1.08 -6.39
CA GLN A 36 1.45 -0.85 -7.56
C GLN A 36 -0.02 -0.68 -7.15
N ILE A 37 -0.43 -1.38 -6.11
CA ILE A 37 -1.80 -1.30 -5.63
C ILE A 37 -2.17 0.12 -5.26
N LEU A 38 -1.30 0.79 -4.53
CA LEU A 38 -1.54 2.17 -4.11
C LEU A 38 -1.76 3.07 -5.33
N GLU A 39 -1.24 2.64 -6.48
CA GLU A 39 -1.39 3.41 -7.71
C GLU A 39 -2.78 3.22 -8.31
N ASN A 40 -3.48 2.19 -7.84
CA ASN A 40 -4.82 1.90 -8.33
C ASN A 40 -5.88 2.52 -7.42
N GLU A 41 -5.44 3.09 -6.31
CA GLU A 41 -6.35 3.72 -5.36
C GLU A 41 -6.00 5.20 -5.17
N LEU A 42 -4.71 5.50 -5.20
CA LEU A 42 -4.24 6.87 -5.03
C LEU A 42 -3.76 7.45 -6.36
N GLN A 43 -3.71 6.61 -7.39
CA GLN A 43 -3.28 7.04 -8.71
C GLN A 43 -1.85 7.57 -8.66
N ILE A 44 -1.05 7.04 -7.73
CA ILE A 44 0.33 7.46 -7.58
C ILE A 44 1.29 6.43 -8.17
N PRO A 45 2.30 6.90 -8.91
CA PRO A 45 3.30 6.05 -9.54
C PRO A 45 4.23 5.39 -8.52
N VAL A 46 4.38 4.07 -8.63
CA VAL A 46 5.23 3.33 -7.71
C VAL A 46 6.65 3.88 -7.72
N SER A 47 6.99 4.62 -8.78
CA SER A 47 8.32 5.20 -8.90
C SER A 47 8.50 6.36 -7.93
N LYS A 48 7.46 7.18 -7.78
CA LYS A 48 7.50 8.32 -6.88
C LYS A 48 7.21 7.89 -5.45
N MET A 49 6.51 6.77 -5.29
CA MET A 49 6.16 6.25 -3.98
C MET A 49 7.31 5.43 -3.40
N LEU A 50 7.57 5.60 -2.10
CA LEU A 50 8.64 4.87 -1.43
C LEU A 50 8.09 4.05 -0.28
N LEU A 51 7.91 2.76 -0.51
CA LEU A 51 7.39 1.85 0.52
C LEU A 51 8.33 1.82 1.73
N LYS A 52 7.79 2.16 2.89
CA LYS A 52 8.57 2.16 4.12
C LYS A 52 7.72 1.76 5.31
N GLY A 53 8.34 1.61 6.47
CA GLY A 53 7.63 1.23 7.67
C GLY A 53 7.39 -0.27 7.75
N TRP A 54 8.29 -1.04 7.15
CA TRP A 54 8.18 -2.50 7.15
C TRP A 54 8.39 -3.06 8.55
N LYS A 55 8.36 -4.38 8.67
CA LYS A 55 8.54 -5.04 9.95
C LYS A 55 10.03 -5.16 10.29
N THR A 56 10.80 -5.74 9.38
CA THR A 56 12.23 -5.91 9.58
C THR A 56 13.03 -5.05 8.61
N GLY A 57 13.83 -4.14 9.16
CA GLY A 57 14.64 -3.27 8.32
C GLY A 57 13.93 -2.88 7.03
N ASP A 58 14.61 -3.06 5.91
CA ASP A 58 14.04 -2.73 4.61
C ASP A 58 13.74 -3.98 3.80
N VAL A 59 12.50 -4.12 3.35
CA VAL A 59 12.10 -5.28 2.57
C VAL A 59 12.19 -5.00 1.08
N GLU A 60 12.62 -6.00 0.32
CA GLU A 60 12.77 -5.86 -1.13
C GLU A 60 11.55 -6.43 -1.85
N ASP A 61 11.25 -5.87 -3.02
CA ASP A 61 10.11 -6.32 -3.81
C ASP A 61 10.22 -7.80 -4.12
N SER A 62 11.40 -8.37 -3.93
CA SER A 62 11.64 -9.78 -4.19
C SER A 62 11.24 -10.63 -2.99
N THR A 63 10.54 -10.01 -2.05
CA THR A 63 10.10 -10.71 -0.84
C THR A 63 8.58 -10.88 -0.83
N VAL A 64 8.12 -12.00 -0.30
CA VAL A 64 6.69 -12.29 -0.23
C VAL A 64 6.15 -12.01 1.18
N LEU A 65 4.90 -11.55 1.24
CA LEU A 65 4.27 -11.24 2.52
C LEU A 65 4.34 -12.44 3.46
N LYS A 66 3.78 -13.57 3.03
CA LYS A 66 3.77 -14.78 3.83
C LYS A 66 5.13 -14.99 4.50
N SER A 67 6.18 -14.41 3.91
CA SER A 67 7.51 -14.53 4.45
C SER A 67 7.63 -13.83 5.80
N LEU A 68 7.19 -12.58 5.86
CA LEU A 68 7.23 -11.80 7.09
C LEU A 68 6.02 -12.09 7.96
N HIS A 69 4.95 -12.59 7.35
CA HIS A 69 3.73 -12.91 8.07
C HIS A 69 3.20 -11.68 8.82
N LEU A 70 3.04 -10.59 8.10
CA LEU A 70 2.53 -9.35 8.69
C LEU A 70 1.30 -9.62 9.55
N PRO A 71 1.19 -8.86 10.66
CA PRO A 71 0.06 -9.00 11.58
C PRO A 71 -1.25 -8.51 10.98
N LYS A 72 -2.36 -9.07 11.45
CA LYS A 72 -3.68 -8.69 10.95
C LYS A 72 -3.77 -7.18 10.75
N ASN A 73 -3.38 -6.43 11.77
CA ASN A 73 -3.41 -4.97 11.70
C ASN A 73 -2.04 -4.42 11.28
N ASN A 74 -1.97 -3.88 10.07
CA ASN A 74 -0.74 -3.31 9.54
C ASN A 74 -0.88 -1.81 9.31
N SER A 75 0.21 -1.09 9.50
CA SER A 75 0.21 0.36 9.30
C SER A 75 1.43 0.81 8.50
N LEU A 76 1.21 1.09 7.23
CA LEU A 76 2.29 1.53 6.34
C LEU A 76 2.14 3.01 5.99
N TYR A 77 3.14 3.55 5.31
CA TYR A 77 3.13 4.95 4.91
C TYR A 77 4.01 5.18 3.68
N VAL A 78 3.58 6.11 2.83
CA VAL A 78 4.33 6.42 1.61
C VAL A 78 5.01 7.78 1.73
N LEU A 79 6.24 7.86 1.23
CA LEU A 79 7.00 9.12 1.27
C LEU A 79 7.46 9.52 -0.12
N THR A 80 6.79 10.52 -0.69
CA THR A 80 7.13 11.00 -2.02
C THR A 80 7.89 12.33 -1.94
N PRO A 81 9.23 12.24 -1.96
CA PRO A 81 10.10 13.42 -1.90
C PRO A 81 10.05 14.25 -3.17
N ASP A 82 10.11 13.58 -4.32
CA ASP A 82 10.06 14.26 -5.60
C ASP A 82 8.65 14.74 -5.92
N LEU A 83 7.72 13.79 -5.98
CA LEU A 83 6.33 14.11 -6.28
C LEU A 83 5.94 15.45 -5.66
N PRO A 84 5.55 16.41 -6.50
CA PRO A 84 5.14 17.74 -6.07
C PRO A 84 3.79 17.72 -5.33
N PRO A 85 3.45 18.85 -4.69
CA PRO A 85 2.20 18.99 -3.95
C PRO A 85 0.98 19.02 -4.87
N PRO A 86 -0.21 18.86 -4.27
CA PRO A 86 -1.47 18.87 -5.01
C PRO A 86 -1.82 20.26 -5.57
N SER A 87 -1.07 21.27 -5.12
CA SER A 87 -1.30 22.63 -5.57
C SER A 87 -1.69 22.67 -7.04
N SER A 88 -0.89 22.00 -7.87
CA SER A 88 -1.16 21.96 -9.31
C SER A 88 -1.43 20.52 -9.77
N SER A 89 -2.70 20.12 -9.73
CA SER A 89 -3.08 18.78 -10.14
C SER A 89 -4.60 18.64 -10.17
N SER A 90 -5.11 17.96 -11.20
CA SER A 90 -6.54 17.75 -11.35
C SER A 90 -6.84 16.36 -11.90
N HIS A 91 -7.55 15.56 -11.13
CA HIS A 91 -7.90 14.20 -11.55
C HIS A 91 -9.42 14.06 -11.69
N ALA A 92 -9.85 12.92 -12.24
CA ALA A 92 -11.27 12.65 -12.44
C ALA A 92 -11.99 12.53 -11.11
N GLY A 93 -11.38 11.81 -10.17
CA GLY A 93 -11.98 11.62 -8.86
C GLY A 93 -11.83 10.21 -8.36
N ALA A 94 -12.08 10.01 -7.07
CA ALA A 94 -11.98 8.69 -6.46
C ALA A 94 -12.88 7.68 -7.18
N LEU A 95 -12.35 6.48 -7.40
CA LEU A 95 -13.10 5.43 -8.08
C LEU A 95 -13.57 4.37 -7.09
N GLN A 96 -14.83 4.47 -6.68
CA GLN A 96 -15.41 3.53 -5.73
C GLN A 96 -16.42 2.62 -6.42
N GLU A 97 -16.19 1.32 -6.33
CA GLU A 97 -17.08 0.33 -6.95
C GLU A 97 -17.45 -0.77 -5.95
N SER A 98 -18.52 -0.53 -5.20
CA SER A 98 -18.97 -1.50 -4.20
C SER A 98 -20.19 -2.26 -4.71
N LEU A 99 -20.14 -3.58 -4.62
CA LEU A 99 -21.25 -4.42 -5.07
C LEU A 99 -22.54 -4.07 -4.34
N ASN A 100 -23.66 -4.22 -5.03
CA ASN A 100 -24.97 -3.91 -4.44
C ASN A 100 -25.00 -4.30 -2.96
N GLY A 1 -1.75 -17.59 -7.96
CA GLY A 1 -2.52 -18.69 -7.40
C GLY A 1 -3.93 -18.27 -7.04
N SER A 2 -4.90 -18.68 -7.84
CA SER A 2 -6.29 -18.33 -7.60
C SER A 2 -6.94 -19.33 -6.63
N SER A 3 -6.75 -20.62 -6.91
CA SER A 3 -7.32 -21.66 -6.06
C SER A 3 -6.69 -21.63 -4.67
N GLY A 4 -7.29 -20.84 -3.78
CA GLY A 4 -6.77 -20.74 -2.43
C GLY A 4 -7.60 -21.53 -1.43
N SER A 5 -6.93 -22.20 -0.51
CA SER A 5 -7.62 -23.00 0.51
C SER A 5 -7.52 -22.34 1.88
N SER A 6 -6.31 -21.95 2.27
CA SER A 6 -6.08 -21.31 3.55
C SER A 6 -5.40 -19.95 3.37
N GLY A 7 -6.19 -18.89 3.37
CA GLY A 7 -5.65 -17.56 3.21
C GLY A 7 -6.28 -16.55 4.16
N ARG A 8 -5.60 -15.43 4.38
CA ARG A 8 -6.10 -14.39 5.27
C ARG A 8 -5.81 -13.01 4.70
N MET A 9 -6.78 -12.11 4.83
CA MET A 9 -6.64 -10.75 4.34
C MET A 9 -5.82 -9.90 5.30
N LEU A 10 -4.95 -9.06 4.76
CA LEU A 10 -4.11 -8.19 5.57
C LEU A 10 -4.48 -6.72 5.37
N ASP A 11 -4.97 -6.09 6.43
CA ASP A 11 -5.37 -4.69 6.37
C ASP A 11 -4.16 -3.78 6.47
N PHE A 12 -3.67 -3.31 5.33
CA PHE A 12 -2.50 -2.44 5.30
C PHE A 12 -2.93 -0.98 5.20
N ARG A 13 -2.80 -0.26 6.31
CA ARG A 13 -3.17 1.14 6.36
C ARG A 13 -2.04 2.03 5.86
N VAL A 14 -2.19 2.55 4.64
CA VAL A 14 -1.17 3.41 4.04
C VAL A 14 -1.43 4.87 4.37
N GLU A 15 -0.68 5.42 5.32
CA GLU A 15 -0.84 6.80 5.72
C GLU A 15 -0.06 7.73 4.79
N TYR A 16 -0.77 8.41 3.90
CA TYR A 16 -0.15 9.32 2.95
C TYR A 16 -0.69 10.73 3.12
N ARG A 17 0.13 11.72 2.77
CA ARG A 17 -0.26 13.12 2.88
C ARG A 17 -1.77 13.28 2.63
N ASP A 18 -2.17 13.19 1.36
CA ASP A 18 -3.57 13.32 1.00
C ASP A 18 -4.47 12.73 2.08
N ARG A 19 -4.29 11.45 2.35
CA ARG A 19 -5.10 10.77 3.37
C ARG A 19 -4.58 9.34 3.59
N ASN A 20 -5.27 8.61 4.46
CA ASN A 20 -4.88 7.23 4.76
C ASN A 20 -5.85 6.24 4.12
N VAL A 21 -5.32 5.42 3.20
CA VAL A 21 -6.13 4.43 2.51
C VAL A 21 -5.84 3.02 3.03
N ASP A 22 -6.85 2.17 3.00
CA ASP A 22 -6.70 0.79 3.47
C ASP A 22 -6.52 -0.17 2.29
N VAL A 23 -5.59 -1.10 2.43
CA VAL A 23 -5.31 -2.07 1.39
C VAL A 23 -5.53 -3.50 1.88
N VAL A 24 -6.17 -4.33 1.07
CA VAL A 24 -6.44 -5.71 1.43
C VAL A 24 -5.91 -6.67 0.37
N LEU A 25 -4.90 -7.45 0.73
CA LEU A 25 -4.30 -8.41 -0.20
C LEU A 25 -3.76 -9.62 0.56
N GLU A 26 -3.94 -10.80 -0.02
CA GLU A 26 -3.46 -12.03 0.60
C GLU A 26 -1.96 -11.97 0.85
N ASP A 27 -1.49 -12.78 1.78
CA ASP A 27 -0.07 -12.82 2.13
C ASP A 27 0.75 -13.43 0.99
N THR A 28 0.06 -14.01 0.02
CA THR A 28 0.71 -14.63 -1.13
C THR A 28 1.26 -13.58 -2.08
N CYS A 29 0.70 -12.38 -2.00
CA CYS A 29 1.13 -11.28 -2.87
C CYS A 29 2.55 -10.83 -2.51
N THR A 30 3.25 -10.31 -3.50
CA THR A 30 4.63 -9.84 -3.30
C THR A 30 4.64 -8.45 -2.67
N VAL A 31 5.60 -8.23 -1.78
CA VAL A 31 5.72 -6.94 -1.11
C VAL A 31 5.66 -5.78 -2.10
N GLY A 32 6.00 -6.08 -3.36
CA GLY A 32 5.98 -5.06 -4.39
C GLY A 32 4.57 -4.68 -4.80
N GLU A 33 3.67 -5.66 -4.80
CA GLU A 33 2.29 -5.42 -5.18
C GLU A 33 1.73 -4.20 -4.46
N ILE A 34 1.73 -4.25 -3.14
CA ILE A 34 1.23 -3.14 -2.33
C ILE A 34 1.51 -1.80 -3.00
N LYS A 35 2.68 -1.69 -3.60
CA LYS A 35 3.08 -0.46 -4.28
C LYS A 35 2.18 -0.18 -5.47
N GLN A 36 2.26 -1.04 -6.49
CA GLN A 36 1.45 -0.90 -7.69
C GLN A 36 -0.02 -0.76 -7.34
N ILE A 37 -0.44 -1.44 -6.27
CA ILE A 37 -1.82 -1.40 -5.82
C ILE A 37 -2.23 0.01 -5.43
N LEU A 38 -1.38 0.69 -4.67
CA LEU A 38 -1.65 2.05 -4.23
C LEU A 38 -1.87 2.98 -5.42
N GLU A 39 -1.35 2.58 -6.58
CA GLU A 39 -1.49 3.36 -7.79
C GLU A 39 -2.88 3.19 -8.39
N ASN A 40 -3.58 2.15 -7.96
CA ASN A 40 -4.92 1.87 -8.45
C ASN A 40 -5.98 2.52 -7.58
N GLU A 41 -5.55 3.06 -6.44
CA GLU A 41 -6.47 3.71 -5.51
C GLU A 41 -6.08 5.17 -5.30
N LEU A 42 -4.78 5.45 -5.36
CA LEU A 42 -4.27 6.81 -5.17
C LEU A 42 -3.78 7.39 -6.49
N GLN A 43 -3.78 6.56 -7.54
CA GLN A 43 -3.33 7.00 -8.85
C GLN A 43 -1.90 7.52 -8.79
N ILE A 44 -1.15 7.05 -7.81
CA ILE A 44 0.24 7.47 -7.65
C ILE A 44 1.20 6.47 -8.29
N PRO A 45 2.21 7.00 -9.00
CA PRO A 45 3.22 6.17 -9.68
C PRO A 45 4.14 5.45 -8.69
N VAL A 46 4.31 4.15 -8.88
CA VAL A 46 5.18 3.36 -8.02
C VAL A 46 6.61 3.89 -8.03
N SER A 47 6.91 4.75 -8.99
CA SER A 47 8.24 5.33 -9.12
C SER A 47 8.43 6.47 -8.12
N LYS A 48 7.33 7.13 -7.76
CA LYS A 48 7.39 8.23 -6.80
C LYS A 48 7.13 7.73 -5.39
N MET A 49 6.39 6.64 -5.28
CA MET A 49 6.07 6.07 -3.97
C MET A 49 7.25 5.25 -3.43
N LEU A 50 7.42 5.26 -2.12
CA LEU A 50 8.49 4.51 -1.49
C LEU A 50 7.99 3.75 -0.27
N LEU A 51 7.83 2.44 -0.42
CA LEU A 51 7.36 1.59 0.66
C LEU A 51 8.31 1.66 1.86
N LYS A 52 7.74 1.94 3.04
CA LYS A 52 8.54 2.02 4.26
C LYS A 52 7.70 1.64 5.48
N GLY A 53 8.37 1.19 6.53
CA GLY A 53 7.67 0.81 7.74
C GLY A 53 7.75 -0.69 8.00
N TRP A 54 8.50 -1.40 7.16
CA TRP A 54 8.65 -2.85 7.31
C TRP A 54 9.18 -3.20 8.69
N LYS A 55 8.93 -4.44 9.11
CA LYS A 55 9.38 -4.91 10.41
C LYS A 55 10.87 -5.28 10.36
N THR A 56 11.35 -5.62 9.17
CA THR A 56 12.75 -6.00 8.99
C THR A 56 13.58 -4.81 8.50
N GLY A 57 14.86 -4.81 8.86
CA GLY A 57 15.74 -3.74 8.45
C GLY A 57 15.40 -3.19 7.08
N ASP A 58 15.28 -4.08 6.10
CA ASP A 58 14.95 -3.68 4.74
C ASP A 58 14.30 -4.84 3.98
N VAL A 59 13.25 -4.52 3.22
CA VAL A 59 12.54 -5.53 2.44
C VAL A 59 12.56 -5.18 0.96
N GLU A 60 12.80 -6.20 0.13
CA GLU A 60 12.85 -6.00 -1.32
C GLU A 60 11.57 -6.52 -1.98
N ASP A 61 11.28 -6.02 -3.17
CA ASP A 61 10.09 -6.43 -3.91
C ASP A 61 10.15 -7.92 -4.26
N SER A 62 11.32 -8.52 -4.03
CA SER A 62 11.51 -9.93 -4.33
C SER A 62 11.06 -10.81 -3.15
N THR A 63 10.52 -10.17 -2.13
CA THR A 63 10.05 -10.88 -0.95
C THR A 63 8.53 -10.92 -0.89
N VAL A 64 7.99 -12.01 -0.36
CA VAL A 64 6.54 -12.16 -0.25
C VAL A 64 6.06 -11.88 1.17
N LEU A 65 4.84 -11.36 1.29
CA LEU A 65 4.27 -11.04 2.59
C LEU A 65 4.35 -12.24 3.53
N LYS A 66 3.65 -13.31 3.19
CA LYS A 66 3.64 -14.51 4.00
C LYS A 66 5.04 -14.81 4.55
N SER A 67 6.05 -14.31 3.85
CA SER A 67 7.44 -14.53 4.26
C SER A 67 7.70 -13.91 5.63
N LEU A 68 7.24 -12.68 5.81
CA LEU A 68 7.42 -11.97 7.07
C LEU A 68 6.30 -12.31 8.06
N HIS A 69 5.14 -12.67 7.51
CA HIS A 69 3.98 -13.01 8.33
C HIS A 69 3.53 -11.83 9.16
N LEU A 70 3.26 -10.71 8.49
CA LEU A 70 2.82 -9.49 9.17
C LEU A 70 1.55 -9.75 10.00
N PRO A 71 1.35 -8.94 11.04
CA PRO A 71 0.18 -9.06 11.92
C PRO A 71 -1.11 -8.67 11.23
N LYS A 72 -2.23 -9.27 11.67
CA LYS A 72 -3.52 -8.98 11.09
C LYS A 72 -3.70 -7.48 10.88
N ASN A 73 -3.37 -6.70 11.90
CA ASN A 73 -3.50 -5.25 11.81
C ASN A 73 -2.17 -4.61 11.42
N ASN A 74 -2.07 -4.20 10.16
CA ASN A 74 -0.86 -3.57 9.66
C ASN A 74 -1.10 -2.10 9.32
N SER A 75 -0.05 -1.30 9.42
CA SER A 75 -0.15 0.13 9.12
C SER A 75 1.13 0.64 8.45
N LEU A 76 1.03 0.90 7.15
CA LEU A 76 2.17 1.39 6.39
C LEU A 76 2.01 2.87 6.06
N TYR A 77 3.01 3.43 5.39
CA TYR A 77 2.98 4.85 5.01
C TYR A 77 3.82 5.09 3.76
N VAL A 78 3.34 5.99 2.90
CA VAL A 78 4.04 6.33 1.67
C VAL A 78 4.76 7.67 1.79
N LEU A 79 6.01 7.70 1.35
CA LEU A 79 6.82 8.91 1.41
C LEU A 79 7.35 9.28 0.03
N THR A 80 6.76 10.31 -0.57
CA THR A 80 7.17 10.76 -1.90
C THR A 80 8.04 12.01 -1.80
N PRO A 81 9.37 11.81 -1.86
CA PRO A 81 10.33 12.91 -1.79
C PRO A 81 10.31 13.79 -3.03
N ASP A 82 10.28 13.16 -4.20
CA ASP A 82 10.26 13.89 -5.46
C ASP A 82 8.88 14.52 -5.69
N LEU A 83 7.86 13.69 -5.77
CA LEU A 83 6.49 14.16 -5.98
C LEU A 83 6.23 15.43 -5.17
N PRO A 84 5.71 16.47 -5.85
CA PRO A 84 5.38 17.75 -5.20
C PRO A 84 4.19 17.64 -4.25
N PRO A 85 4.07 18.63 -3.35
CA PRO A 85 2.98 18.67 -2.37
C PRO A 85 1.63 18.95 -3.02
N PRO A 86 0.58 18.31 -2.49
CA PRO A 86 -0.79 18.48 -3.00
C PRO A 86 -1.35 19.87 -2.70
N SER A 87 -1.20 20.78 -3.65
CA SER A 87 -1.69 22.15 -3.48
C SER A 87 -3.21 22.19 -3.55
N SER A 88 -3.77 21.63 -4.62
CA SER A 88 -5.21 21.60 -4.81
C SER A 88 -5.73 20.16 -4.86
N SER A 89 -6.03 19.61 -3.69
CA SER A 89 -6.54 18.25 -3.61
C SER A 89 -7.77 18.06 -4.48
N SER A 90 -7.97 16.84 -4.96
CA SER A 90 -9.11 16.53 -5.82
C SER A 90 -9.38 15.03 -5.85
N HIS A 91 -10.59 14.64 -5.46
CA HIS A 91 -10.97 13.23 -5.44
C HIS A 91 -12.48 13.09 -5.24
N ALA A 92 -13.14 12.45 -6.20
CA ALA A 92 -14.57 12.23 -6.12
C ALA A 92 -15.05 11.26 -7.20
N GLY A 93 -15.90 10.32 -6.80
CA GLY A 93 -16.41 9.34 -7.75
C GLY A 93 -15.68 8.01 -7.66
N ALA A 94 -15.70 7.41 -6.47
CA ALA A 94 -15.04 6.13 -6.26
C ALA A 94 -16.05 5.02 -6.01
N LEU A 95 -15.56 3.80 -5.84
CA LEU A 95 -16.43 2.64 -5.59
C LEU A 95 -15.62 1.45 -5.09
N GLN A 96 -16.31 0.50 -4.48
CA GLN A 96 -15.66 -0.69 -3.95
C GLN A 96 -16.68 -1.77 -3.62
N GLU A 97 -16.52 -2.94 -4.25
CA GLU A 97 -17.42 -4.05 -4.02
C GLU A 97 -16.76 -5.15 -3.20
N SER A 98 -17.00 -5.13 -1.89
CA SER A 98 -16.41 -6.11 -0.99
C SER A 98 -17.07 -6.04 0.39
N LEU A 99 -16.75 -7.01 1.23
CA LEU A 99 -17.31 -7.06 2.58
C LEU A 99 -16.20 -7.22 3.62
N ASN A 100 -16.58 -7.12 4.89
CA ASN A 100 -15.62 -7.25 5.98
C ASN A 100 -16.30 -7.77 7.25
N GLY A 1 -12.24 -22.82 -7.50
CA GLY A 1 -12.89 -24.11 -7.30
C GLY A 1 -13.50 -24.24 -5.91
N SER A 2 -14.13 -25.38 -5.66
CA SER A 2 -14.77 -25.63 -4.38
C SER A 2 -13.72 -25.76 -3.27
N SER A 3 -12.80 -26.71 -3.44
CA SER A 3 -11.75 -26.94 -2.46
C SER A 3 -10.42 -26.36 -2.94
N GLY A 4 -9.92 -25.37 -2.22
CA GLY A 4 -8.66 -24.75 -2.58
C GLY A 4 -8.58 -23.29 -2.16
N SER A 5 -9.37 -22.45 -2.82
CA SER A 5 -9.38 -21.02 -2.52
C SER A 5 -9.45 -20.79 -1.01
N SER A 6 -8.34 -20.35 -0.43
CA SER A 6 -8.26 -20.09 1.00
C SER A 6 -7.03 -19.27 1.34
N GLY A 7 -7.25 -18.11 1.96
CA GLY A 7 -6.14 -17.24 2.33
C GLY A 7 -6.56 -16.15 3.29
N ARG A 8 -5.64 -15.72 4.14
CA ARG A 8 -5.92 -14.68 5.12
C ARG A 8 -5.74 -13.29 4.50
N MET A 9 -6.61 -12.36 4.87
CA MET A 9 -6.56 -11.01 4.35
C MET A 9 -5.85 -10.08 5.32
N LEU A 10 -4.90 -9.30 4.82
CA LEU A 10 -4.15 -8.36 5.65
C LEU A 10 -4.54 -6.92 5.35
N ASP A 11 -5.03 -6.22 6.36
CA ASP A 11 -5.43 -4.83 6.20
C ASP A 11 -4.24 -3.89 6.34
N PHE A 12 -3.66 -3.52 5.22
CA PHE A 12 -2.50 -2.62 5.22
C PHE A 12 -2.94 -1.16 5.10
N ARG A 13 -2.79 -0.42 6.19
CA ARG A 13 -3.17 1.00 6.21
C ARG A 13 -2.00 1.88 5.81
N VAL A 14 -2.11 2.52 4.65
CA VAL A 14 -1.06 3.40 4.15
C VAL A 14 -1.40 4.86 4.42
N GLU A 15 -0.58 5.51 5.26
CA GLU A 15 -0.79 6.91 5.60
C GLU A 15 -0.04 7.82 4.63
N TYR A 16 -0.78 8.48 3.75
CA TYR A 16 -0.19 9.39 2.78
C TYR A 16 -0.74 10.80 2.93
N ARG A 17 0.07 11.79 2.58
CA ARG A 17 -0.34 13.18 2.68
C ARG A 17 -1.83 13.33 2.42
N ASP A 18 -2.25 13.00 1.20
CA ASP A 18 -3.65 13.09 0.82
C ASP A 18 -4.56 12.53 1.91
N ARG A 19 -4.43 11.22 2.17
CA ARG A 19 -5.23 10.56 3.18
C ARG A 19 -4.80 9.10 3.35
N ASN A 20 -5.35 8.44 4.36
CA ASN A 20 -5.02 7.04 4.63
C ASN A 20 -5.92 6.12 3.82
N VAL A 21 -5.31 5.19 3.08
CA VAL A 21 -6.05 4.24 2.27
C VAL A 21 -5.91 2.82 2.81
N ASP A 22 -6.97 2.04 2.69
CA ASP A 22 -6.97 0.66 3.15
C ASP A 22 -6.61 -0.30 2.02
N VAL A 23 -5.75 -1.26 2.32
CA VAL A 23 -5.32 -2.25 1.34
C VAL A 23 -5.51 -3.67 1.86
N VAL A 24 -5.99 -4.55 0.98
CA VAL A 24 -6.22 -5.94 1.34
C VAL A 24 -5.64 -6.89 0.30
N LEU A 25 -4.65 -7.69 0.70
CA LEU A 25 -4.02 -8.64 -0.21
C LEU A 25 -3.59 -9.90 0.54
N GLU A 26 -3.86 -11.06 -0.04
CA GLU A 26 -3.50 -12.33 0.57
C GLU A 26 -2.00 -12.37 0.89
N ASP A 27 -1.63 -13.25 1.82
CA ASP A 27 -0.24 -13.39 2.22
C ASP A 27 0.60 -14.00 1.09
N THR A 28 -0.07 -14.33 -0.01
CA THR A 28 0.60 -14.92 -1.17
C THR A 28 1.18 -13.85 -2.08
N CYS A 29 0.55 -12.67 -2.08
CA CYS A 29 1.00 -11.56 -2.90
C CYS A 29 2.37 -11.07 -2.46
N THR A 30 3.11 -10.47 -3.39
CA THR A 30 4.44 -9.95 -3.09
C THR A 30 4.37 -8.56 -2.48
N VAL A 31 5.33 -8.25 -1.63
CA VAL A 31 5.37 -6.93 -0.98
C VAL A 31 5.30 -5.81 -2.01
N GLY A 32 5.73 -6.11 -3.24
CA GLY A 32 5.71 -5.12 -4.29
C GLY A 32 4.29 -4.70 -4.67
N GLU A 33 3.36 -5.64 -4.64
CA GLU A 33 1.97 -5.36 -4.96
C GLU A 33 1.48 -4.11 -4.25
N ILE A 34 1.52 -4.15 -2.92
CA ILE A 34 1.07 -3.02 -2.12
C ILE A 34 1.39 -1.69 -2.81
N LYS A 35 2.56 -1.63 -3.45
CA LYS A 35 2.98 -0.43 -4.16
C LYS A 35 2.11 -0.18 -5.39
N GLN A 36 2.23 -1.06 -6.38
CA GLN A 36 1.45 -0.93 -7.60
C GLN A 36 -0.04 -0.76 -7.30
N ILE A 37 -0.46 -1.29 -6.16
CA ILE A 37 -1.86 -1.19 -5.75
C ILE A 37 -2.21 0.24 -5.37
N LEU A 38 -1.34 0.88 -4.59
CA LEU A 38 -1.55 2.25 -4.16
C LEU A 38 -1.75 3.18 -5.35
N GLU A 39 -1.30 2.73 -6.52
CA GLU A 39 -1.43 3.53 -7.74
C GLU A 39 -2.84 3.41 -8.31
N ASN A 40 -3.56 2.38 -7.90
CA ASN A 40 -4.92 2.15 -8.37
C ASN A 40 -5.93 2.82 -7.46
N GLU A 41 -5.45 3.37 -6.35
CA GLU A 41 -6.32 4.06 -5.39
C GLU A 41 -5.87 5.50 -5.18
N LEU A 42 -4.56 5.72 -5.22
CA LEU A 42 -4.00 7.04 -5.04
C LEU A 42 -3.55 7.64 -6.37
N GLN A 43 -3.53 6.81 -7.40
CA GLN A 43 -3.13 7.25 -8.73
C GLN A 43 -1.66 7.70 -8.73
N ILE A 44 -0.89 7.19 -7.79
CA ILE A 44 0.53 7.53 -7.68
C ILE A 44 1.40 6.49 -8.38
N PRO A 45 2.40 6.97 -9.14
CA PRO A 45 3.33 6.09 -9.86
C PRO A 45 4.26 5.34 -8.92
N VAL A 46 4.39 4.04 -9.15
CA VAL A 46 5.26 3.20 -8.33
C VAL A 46 6.70 3.68 -8.39
N SER A 47 7.01 4.50 -9.39
CA SER A 47 8.35 5.03 -9.57
C SER A 47 8.63 6.14 -8.57
N LYS A 48 7.59 6.89 -8.20
CA LYS A 48 7.72 7.98 -7.25
C LYS A 48 7.44 7.51 -5.83
N MET A 49 6.61 6.47 -5.71
CA MET A 49 6.26 5.91 -4.41
C MET A 49 7.38 5.04 -3.86
N LEU A 50 7.54 5.02 -2.54
CA LEU A 50 8.57 4.23 -1.90
C LEU A 50 8.04 3.56 -0.63
N LEU A 51 7.99 2.23 -0.65
CA LEU A 51 7.50 1.47 0.49
C LEU A 51 8.42 1.66 1.71
N LYS A 52 7.83 1.96 2.85
CA LYS A 52 8.59 2.15 4.08
C LYS A 52 7.72 1.89 5.30
N GLY A 53 8.36 1.74 6.45
CA GLY A 53 7.63 1.48 7.68
C GLY A 53 7.35 0.01 7.89
N TRP A 54 8.16 -0.84 7.26
CA TRP A 54 7.99 -2.28 7.39
C TRP A 54 8.18 -2.73 8.84
N LYS A 55 8.13 -4.04 9.05
CA LYS A 55 8.29 -4.61 10.39
C LYS A 55 9.76 -4.80 10.73
N THR A 56 10.48 -5.46 9.82
CA THR A 56 11.91 -5.71 10.03
C THR A 56 12.75 -4.86 9.09
N GLY A 57 13.51 -3.94 9.66
CA GLY A 57 14.37 -3.07 8.87
C GLY A 57 13.71 -2.65 7.57
N ASP A 58 14.31 -3.04 6.45
CA ASP A 58 13.77 -2.70 5.13
C ASP A 58 13.54 -3.96 4.31
N VAL A 59 12.31 -4.11 3.81
CA VAL A 59 11.96 -5.28 3.00
C VAL A 59 12.10 -4.96 1.51
N GLU A 60 12.52 -5.97 0.74
CA GLU A 60 12.69 -5.81 -0.70
C GLU A 60 11.44 -6.26 -1.46
N ASP A 61 11.07 -5.50 -2.48
CA ASP A 61 9.90 -5.82 -3.28
C ASP A 61 9.92 -7.29 -3.72
N SER A 62 11.11 -7.89 -3.69
CA SER A 62 11.26 -9.28 -4.08
C SER A 62 10.94 -10.22 -2.92
N THR A 63 10.22 -9.70 -1.93
CA THR A 63 9.85 -10.48 -0.76
C THR A 63 8.35 -10.76 -0.74
N VAL A 64 7.97 -11.86 -0.09
CA VAL A 64 6.56 -12.23 0.00
C VAL A 64 6.01 -11.96 1.40
N LEU A 65 4.74 -11.55 1.46
CA LEU A 65 4.10 -11.25 2.73
C LEU A 65 4.23 -12.43 3.70
N LYS A 66 3.78 -13.60 3.26
CA LYS A 66 3.85 -14.80 4.09
C LYS A 66 5.22 -14.94 4.74
N SER A 67 6.26 -14.51 4.02
CA SER A 67 7.62 -14.59 4.52
C SER A 67 7.77 -13.76 5.79
N LEU A 68 7.19 -12.56 5.79
CA LEU A 68 7.26 -11.66 6.94
C LEU A 68 6.22 -12.04 7.98
N HIS A 69 5.12 -12.64 7.53
CA HIS A 69 4.05 -13.04 8.42
C HIS A 69 3.46 -11.84 9.14
N LEU A 70 3.11 -10.81 8.38
CA LEU A 70 2.54 -9.60 8.96
C LEU A 70 1.26 -9.91 9.73
N PRO A 71 1.04 -9.17 10.82
CA PRO A 71 -0.14 -9.35 11.67
C PRO A 71 -1.41 -8.88 10.99
N LYS A 72 -2.54 -9.51 11.36
CA LYS A 72 -3.83 -9.16 10.78
C LYS A 72 -3.91 -7.66 10.48
N ASN A 73 -3.45 -6.85 11.43
CA ASN A 73 -3.46 -5.40 11.26
C ASN A 73 -2.04 -4.86 11.07
N ASN A 74 -1.87 -4.01 10.06
CA ASN A 74 -0.58 -3.43 9.77
C ASN A 74 -0.69 -1.91 9.58
N SER A 75 0.45 -1.24 9.56
CA SER A 75 0.48 0.21 9.39
C SER A 75 1.68 0.63 8.55
N LEU A 76 1.41 1.06 7.33
CA LEU A 76 2.48 1.50 6.42
C LEU A 76 2.27 2.95 5.99
N TYR A 77 3.23 3.50 5.26
CA TYR A 77 3.15 4.87 4.79
C TYR A 77 3.99 5.06 3.53
N VAL A 78 3.60 6.03 2.70
CA VAL A 78 4.32 6.32 1.47
C VAL A 78 5.13 7.60 1.60
N LEU A 79 6.36 7.57 1.11
CA LEU A 79 7.25 8.73 1.16
C LEU A 79 7.84 9.04 -0.20
N THR A 80 7.22 9.98 -0.92
CA THR A 80 7.70 10.36 -2.24
C THR A 80 8.63 11.57 -2.17
N PRO A 81 9.93 11.32 -2.34
CA PRO A 81 10.95 12.36 -2.31
C PRO A 81 10.87 13.30 -3.50
N ASP A 82 10.79 12.72 -4.70
CA ASP A 82 10.72 13.50 -5.93
C ASP A 82 9.35 14.16 -6.06
N LEU A 83 8.31 13.35 -6.23
CA LEU A 83 6.95 13.86 -6.37
C LEU A 83 6.69 14.99 -5.38
N PRO A 84 6.35 16.17 -5.91
CA PRO A 84 6.06 17.36 -5.09
C PRO A 84 4.76 17.22 -4.31
N PRO A 85 4.72 17.83 -3.12
CA PRO A 85 3.54 17.80 -2.25
C PRO A 85 2.38 18.60 -2.82
N PRO A 86 1.21 17.97 -2.94
CA PRO A 86 0.00 18.60 -3.47
C PRO A 86 -0.57 19.64 -2.52
N SER A 87 -0.18 20.90 -2.73
CA SER A 87 -0.65 21.99 -1.88
C SER A 87 -2.10 21.78 -1.46
N SER A 88 -2.41 22.14 -0.23
CA SER A 88 -3.76 21.98 0.30
C SER A 88 -4.62 23.19 -0.03
N SER A 89 -5.53 23.03 -0.99
CA SER A 89 -6.40 24.11 -1.40
C SER A 89 -7.84 23.61 -1.59
N SER A 90 -8.75 24.53 -1.88
CA SER A 90 -10.15 24.18 -2.08
C SER A 90 -10.38 23.63 -3.49
N HIS A 91 -10.02 24.43 -4.50
CA HIS A 91 -10.19 24.03 -5.88
C HIS A 91 -9.32 22.81 -6.21
N ALA A 92 -9.96 21.66 -6.35
CA ALA A 92 -9.24 20.42 -6.66
C ALA A 92 -10.20 19.36 -7.18
N GLY A 93 -9.65 18.39 -7.91
CA GLY A 93 -10.46 17.32 -8.47
C GLY A 93 -11.27 17.77 -9.67
N ALA A 94 -11.23 16.98 -10.74
CA ALA A 94 -11.97 17.31 -11.95
C ALA A 94 -13.29 16.54 -12.02
N LEU A 95 -13.21 15.22 -11.94
CA LEU A 95 -14.39 14.38 -11.99
C LEU A 95 -15.47 14.90 -11.04
N GLN A 96 -16.64 15.19 -11.60
CA GLN A 96 -17.76 15.69 -10.80
C GLN A 96 -18.43 14.56 -10.02
N GLU A 97 -19.17 14.93 -8.98
CA GLU A 97 -19.86 13.95 -8.16
C GLU A 97 -19.03 12.68 -8.01
N SER A 98 -17.73 12.86 -7.77
CA SER A 98 -16.83 11.72 -7.60
C SER A 98 -16.51 11.50 -6.13
N LEU A 99 -15.76 10.43 -5.85
CA LEU A 99 -15.39 10.09 -4.48
C LEU A 99 -13.86 9.99 -4.35
N ASN A 100 -13.15 10.34 -5.42
CA ASN A 100 -11.70 10.29 -5.42
C ASN A 100 -11.12 11.66 -5.09
N GLY A 1 -13.25 -13.78 -3.37
CA GLY A 1 -12.39 -14.87 -3.80
C GLY A 1 -12.22 -14.92 -5.31
N SER A 2 -11.07 -15.41 -5.76
CA SER A 2 -10.78 -15.50 -7.19
C SER A 2 -9.68 -16.51 -7.45
N SER A 3 -9.76 -17.18 -8.60
CA SER A 3 -8.77 -18.18 -8.98
C SER A 3 -8.28 -18.95 -7.75
N GLY A 4 -9.20 -19.30 -6.87
CA GLY A 4 -8.84 -20.02 -5.67
C GLY A 4 -8.15 -19.14 -4.64
N SER A 5 -8.93 -18.58 -3.73
CA SER A 5 -8.39 -17.71 -2.69
C SER A 5 -8.10 -18.50 -1.42
N SER A 6 -6.83 -18.50 -1.01
CA SER A 6 -6.42 -19.21 0.19
C SER A 6 -5.76 -18.26 1.20
N GLY A 7 -4.88 -17.40 0.69
CA GLY A 7 -4.21 -16.46 1.55
C GLY A 7 -5.16 -15.48 2.21
N ARG A 8 -5.07 -15.37 3.53
CA ARG A 8 -5.94 -14.47 4.29
C ARG A 8 -5.68 -13.02 3.89
N MET A 9 -6.76 -12.24 3.82
CA MET A 9 -6.65 -10.83 3.46
C MET A 9 -6.05 -10.01 4.59
N LEU A 10 -5.10 -9.14 4.25
CA LEU A 10 -4.44 -8.30 5.25
C LEU A 10 -4.83 -6.84 5.07
N ASP A 11 -5.26 -6.20 6.15
CA ASP A 11 -5.64 -4.80 6.11
C ASP A 11 -4.43 -3.89 6.26
N PHE A 12 -3.90 -3.44 5.12
CA PHE A 12 -2.73 -2.56 5.14
C PHE A 12 -3.14 -1.10 5.04
N ARG A 13 -3.00 -0.37 6.15
CA ARG A 13 -3.36 1.04 6.19
C ARG A 13 -2.17 1.92 5.84
N VAL A 14 -2.18 2.46 4.63
CA VAL A 14 -1.09 3.32 4.18
C VAL A 14 -1.41 4.80 4.44
N GLU A 15 -0.60 5.43 5.27
CA GLU A 15 -0.79 6.84 5.60
C GLU A 15 0.00 7.74 4.66
N TYR A 16 -0.70 8.38 3.73
CA TYR A 16 -0.05 9.27 2.77
C TYR A 16 -0.46 10.72 3.01
N ARG A 17 0.40 11.64 2.59
CA ARG A 17 0.13 13.06 2.77
C ARG A 17 -1.36 13.36 2.62
N ASP A 18 -1.92 13.03 1.47
CA ASP A 18 -3.34 13.25 1.21
C ASP A 18 -4.19 12.73 2.36
N ARG A 19 -4.14 11.42 2.58
CA ARG A 19 -4.91 10.80 3.65
C ARG A 19 -4.57 9.30 3.76
N ASN A 20 -5.13 8.65 4.78
CA ASN A 20 -4.89 7.23 4.99
C ASN A 20 -5.89 6.38 4.21
N VAL A 21 -5.39 5.36 3.53
CA VAL A 21 -6.24 4.48 2.75
C VAL A 21 -6.06 3.02 3.18
N ASP A 22 -7.15 2.26 3.13
CA ASP A 22 -7.13 0.86 3.52
C ASP A 22 -6.83 -0.04 2.31
N VAL A 23 -5.87 -0.92 2.46
CA VAL A 23 -5.49 -1.84 1.38
C VAL A 23 -5.72 -3.29 1.79
N VAL A 24 -6.14 -4.11 0.82
CA VAL A 24 -6.40 -5.52 1.07
C VAL A 24 -5.65 -6.40 0.08
N LEU A 25 -4.73 -7.21 0.60
CA LEU A 25 -3.93 -8.10 -0.24
C LEU A 25 -3.50 -9.34 0.54
N GLU A 26 -3.70 -10.51 -0.06
CA GLU A 26 -3.33 -11.76 0.58
C GLU A 26 -1.84 -11.78 0.91
N ASP A 27 -1.45 -12.74 1.76
CA ASP A 27 -0.05 -12.87 2.16
C ASP A 27 0.75 -13.58 1.08
N THR A 28 0.05 -14.17 0.12
CA THR A 28 0.71 -14.88 -0.98
C THR A 28 1.23 -13.91 -2.03
N CYS A 29 0.89 -12.64 -1.89
CA CYS A 29 1.32 -11.62 -2.83
C CYS A 29 2.70 -11.08 -2.45
N THR A 30 3.41 -10.55 -3.44
CA THR A 30 4.75 -10.01 -3.20
C THR A 30 4.67 -8.59 -2.65
N VAL A 31 5.53 -8.29 -1.68
CA VAL A 31 5.55 -6.97 -1.07
C VAL A 31 5.46 -5.87 -2.12
N GLY A 32 5.96 -6.16 -3.32
CA GLY A 32 5.92 -5.19 -4.40
C GLY A 32 4.49 -4.81 -4.78
N GLU A 33 3.60 -5.79 -4.76
CA GLU A 33 2.20 -5.54 -5.12
C GLU A 33 1.68 -4.28 -4.44
N ILE A 34 1.74 -4.26 -3.12
CA ILE A 34 1.28 -3.10 -2.36
C ILE A 34 1.55 -1.80 -3.10
N LYS A 35 2.75 -1.69 -3.67
CA LYS A 35 3.14 -0.50 -4.41
C LYS A 35 2.19 -0.26 -5.59
N GLN A 36 2.18 -1.21 -6.53
CA GLN A 36 1.32 -1.09 -7.70
C GLN A 36 -0.13 -0.92 -7.30
N ILE A 37 -0.50 -1.51 -6.16
CA ILE A 37 -1.87 -1.42 -5.66
C ILE A 37 -2.21 0.01 -5.27
N LEU A 38 -1.31 0.65 -4.53
CA LEU A 38 -1.52 2.03 -4.08
C LEU A 38 -1.73 2.95 -5.28
N GLU A 39 -1.30 2.52 -6.45
CA GLU A 39 -1.44 3.30 -7.67
C GLU A 39 -2.85 3.18 -8.23
N ASN A 40 -3.59 2.18 -7.76
CA ASN A 40 -4.95 1.94 -8.22
C ASN A 40 -5.96 2.64 -7.31
N GLU A 41 -5.47 3.20 -6.21
CA GLU A 41 -6.31 3.90 -5.26
C GLU A 41 -5.91 5.37 -5.13
N LEU A 42 -4.60 5.61 -5.18
CA LEU A 42 -4.07 6.97 -5.06
C LEU A 42 -3.63 7.50 -6.42
N GLN A 43 -3.67 6.63 -7.43
CA GLN A 43 -3.27 7.02 -8.78
C GLN A 43 -1.82 7.49 -8.81
N ILE A 44 -1.03 7.01 -7.86
CA ILE A 44 0.37 7.39 -7.77
C ILE A 44 1.27 6.34 -8.42
N PRO A 45 2.23 6.80 -9.23
CA PRO A 45 3.18 5.91 -9.93
C PRO A 45 4.16 5.25 -8.97
N VAL A 46 4.34 3.94 -9.13
CA VAL A 46 5.26 3.18 -8.30
C VAL A 46 6.68 3.71 -8.40
N SER A 47 6.92 4.53 -9.43
CA SER A 47 8.24 5.11 -9.65
C SER A 47 8.46 6.32 -8.74
N LYS A 48 7.37 6.90 -8.27
CA LYS A 48 7.44 8.06 -7.40
C LYS A 48 7.05 7.69 -5.97
N MET A 49 6.80 6.41 -5.74
CA MET A 49 6.43 5.93 -4.42
C MET A 49 7.54 5.09 -3.81
N LEU A 50 7.61 5.07 -2.48
CA LEU A 50 8.63 4.32 -1.78
C LEU A 50 8.04 3.60 -0.57
N LEU A 51 7.96 2.28 -0.65
CA LEU A 51 7.41 1.47 0.44
C LEU A 51 8.33 1.50 1.65
N LYS A 52 7.80 1.99 2.77
CA LYS A 52 8.57 2.06 4.01
C LYS A 52 7.71 1.70 5.21
N GLY A 53 8.35 1.50 6.36
CA GLY A 53 7.62 1.15 7.56
C GLY A 53 7.90 -0.28 8.01
N TRP A 54 8.29 -1.12 7.08
CA TRP A 54 8.58 -2.52 7.38
C TRP A 54 9.24 -2.65 8.76
N LYS A 55 8.99 -3.78 9.42
CA LYS A 55 9.55 -4.03 10.74
C LYS A 55 11.05 -4.29 10.66
N THR A 56 11.45 -5.10 9.68
CA THR A 56 12.85 -5.43 9.49
C THR A 56 13.48 -4.58 8.40
N GLY A 57 14.37 -3.67 8.80
CA GLY A 57 15.02 -2.80 7.85
C GLY A 57 14.12 -2.42 6.69
N ASP A 58 14.64 -2.54 5.47
CA ASP A 58 13.87 -2.21 4.28
C ASP A 58 13.61 -3.45 3.43
N VAL A 59 12.36 -3.91 3.42
CA VAL A 59 11.99 -5.08 2.65
C VAL A 59 12.07 -4.81 1.15
N GLU A 60 12.57 -5.79 0.40
CA GLU A 60 12.70 -5.66 -1.04
C GLU A 60 11.50 -6.26 -1.76
N ASP A 61 11.14 -5.67 -2.89
CA ASP A 61 10.01 -6.15 -3.67
C ASP A 61 10.16 -7.64 -4.01
N SER A 62 11.37 -8.15 -3.83
CA SER A 62 11.66 -9.55 -4.12
C SER A 62 11.28 -10.44 -2.94
N THR A 63 10.58 -9.86 -1.97
CA THR A 63 10.15 -10.59 -0.78
C THR A 63 8.65 -10.85 -0.80
N VAL A 64 8.22 -11.90 -0.10
CA VAL A 64 6.81 -12.25 -0.04
C VAL A 64 6.24 -11.95 1.36
N LEU A 65 5.03 -11.42 1.39
CA LEU A 65 4.37 -11.10 2.65
C LEU A 65 4.47 -12.27 3.63
N LYS A 66 3.96 -13.42 3.21
CA LYS A 66 3.99 -14.62 4.05
C LYS A 66 5.33 -14.73 4.78
N SER A 67 6.40 -14.31 4.11
CA SER A 67 7.74 -14.37 4.69
C SER A 67 7.81 -13.53 5.97
N LEU A 68 7.21 -12.35 5.92
CA LEU A 68 7.21 -11.46 7.07
C LEU A 68 6.02 -11.73 7.98
N HIS A 69 5.04 -12.46 7.46
CA HIS A 69 3.84 -12.80 8.22
C HIS A 69 3.33 -11.59 8.99
N LEU A 70 3.09 -10.49 8.28
CA LEU A 70 2.61 -9.27 8.91
C LEU A 70 1.39 -9.54 9.78
N PRO A 71 1.20 -8.73 10.82
CA PRO A 71 0.08 -8.86 11.76
C PRO A 71 -1.26 -8.50 11.11
N LYS A 72 -2.32 -9.16 11.55
CA LYS A 72 -3.65 -8.90 11.02
C LYS A 72 -3.82 -7.42 10.66
N ASN A 73 -3.41 -6.55 11.57
CA ASN A 73 -3.53 -5.11 11.35
C ASN A 73 -2.20 -4.54 10.84
N ASN A 74 -2.15 -4.24 9.55
CA ASN A 74 -0.94 -3.69 8.94
C ASN A 74 -1.00 -2.16 8.90
N SER A 75 0.15 -1.52 9.04
CA SER A 75 0.23 -0.07 9.02
C SER A 75 1.48 0.40 8.28
N LEU A 76 1.29 0.97 7.10
CA LEU A 76 2.40 1.46 6.30
C LEU A 76 2.23 2.95 5.97
N TYR A 77 3.19 3.50 5.24
CA TYR A 77 3.13 4.91 4.85
C TYR A 77 3.96 5.16 3.59
N VAL A 78 3.40 5.96 2.69
CA VAL A 78 4.09 6.28 1.43
C VAL A 78 4.81 7.63 1.54
N LEU A 79 5.98 7.70 0.91
CA LEU A 79 6.77 8.93 0.93
C LEU A 79 7.25 9.28 -0.48
N THR A 80 6.70 10.35 -1.05
CA THR A 80 7.07 10.79 -2.38
C THR A 80 7.99 12.01 -2.32
N PRO A 81 9.31 11.76 -2.37
CA PRO A 81 10.31 12.83 -2.32
C PRO A 81 10.32 13.67 -3.60
N ASP A 82 10.32 13.01 -4.74
CA ASP A 82 10.33 13.69 -6.03
C ASP A 82 8.95 14.26 -6.35
N LEU A 83 7.97 13.38 -6.48
CA LEU A 83 6.60 13.80 -6.78
C LEU A 83 6.26 15.12 -6.09
N PRO A 84 5.65 16.04 -6.85
CA PRO A 84 5.26 17.36 -6.32
C PRO A 84 4.12 17.27 -5.32
N PRO A 85 3.84 18.39 -4.63
CA PRO A 85 2.77 18.46 -3.65
C PRO A 85 1.38 18.39 -4.28
N PRO A 86 0.42 17.83 -3.54
CA PRO A 86 -0.96 17.68 -4.00
C PRO A 86 -1.69 19.02 -4.11
N SER A 87 -1.02 20.09 -3.67
CA SER A 87 -1.59 21.42 -3.71
C SER A 87 -2.99 21.43 -3.09
N SER A 88 -3.16 20.68 -2.01
CA SER A 88 -4.43 20.59 -1.32
C SER A 88 -5.58 20.48 -2.32
N SER A 89 -5.41 19.61 -3.33
CA SER A 89 -6.42 19.41 -4.34
C SER A 89 -6.16 18.11 -5.11
N SER A 90 -7.24 17.48 -5.57
CA SER A 90 -7.14 16.23 -6.32
C SER A 90 -8.47 15.87 -6.95
N HIS A 91 -8.46 14.83 -7.78
CA HIS A 91 -9.67 14.38 -8.46
C HIS A 91 -10.03 12.95 -8.03
N ALA A 92 -10.75 12.85 -6.93
CA ALA A 92 -11.17 11.55 -6.41
C ALA A 92 -11.50 10.58 -7.55
N GLY A 93 -10.63 9.59 -7.74
CA GLY A 93 -10.85 8.61 -8.79
C GLY A 93 -12.15 7.86 -8.62
N ALA A 94 -12.71 7.39 -9.73
CA ALA A 94 -13.96 6.65 -9.70
C ALA A 94 -13.70 5.16 -9.50
N LEU A 95 -12.75 4.83 -8.63
CA LEU A 95 -12.41 3.45 -8.35
C LEU A 95 -13.23 2.91 -7.17
N GLN A 96 -14.39 2.35 -7.47
CA GLN A 96 -15.26 1.80 -6.45
C GLN A 96 -15.66 0.37 -6.77
N GLU A 97 -14.98 -0.59 -6.16
CA GLU A 97 -15.25 -2.01 -6.39
C GLU A 97 -14.86 -2.84 -5.19
N SER A 98 -15.76 -3.71 -4.75
CA SER A 98 -15.49 -4.58 -3.60
C SER A 98 -15.13 -5.99 -4.06
N LEU A 99 -15.80 -6.47 -5.10
CA LEU A 99 -15.54 -7.80 -5.62
C LEU A 99 -15.58 -8.85 -4.51
N ASN A 100 -16.59 -8.75 -3.65
CA ASN A 100 -16.74 -9.69 -2.55
C ASN A 100 -17.68 -10.83 -2.93
N GLY A 1 -20.77 -25.86 -1.36
CA GLY A 1 -19.64 -26.73 -1.64
C GLY A 1 -18.73 -26.91 -0.46
N SER A 2 -18.41 -25.80 0.21
CA SER A 2 -17.53 -25.84 1.38
C SER A 2 -17.49 -24.48 2.07
N SER A 3 -17.24 -24.51 3.38
CA SER A 3 -17.18 -23.28 4.17
C SER A 3 -15.90 -23.22 4.99
N GLY A 4 -15.20 -22.10 4.91
CA GLY A 4 -13.96 -21.94 5.65
C GLY A 4 -13.07 -20.86 5.05
N SER A 5 -11.93 -20.62 5.70
CA SER A 5 -10.99 -19.60 5.24
C SER A 5 -9.66 -20.24 4.85
N SER A 6 -9.17 -19.89 3.67
CA SER A 6 -7.91 -20.43 3.17
C SER A 6 -6.82 -19.37 3.19
N GLY A 7 -7.14 -18.19 2.65
CA GLY A 7 -6.18 -17.11 2.62
C GLY A 7 -6.54 -15.98 3.56
N ARG A 8 -5.68 -15.71 4.53
CA ARG A 8 -5.92 -14.65 5.50
C ARG A 8 -5.64 -13.28 4.89
N MET A 9 -6.60 -12.37 5.02
CA MET A 9 -6.46 -11.02 4.48
C MET A 9 -5.78 -10.10 5.49
N LEU A 10 -4.93 -9.21 5.00
CA LEU A 10 -4.21 -8.27 5.86
C LEU A 10 -4.64 -6.84 5.57
N ASP A 11 -5.10 -6.14 6.61
CA ASP A 11 -5.53 -4.76 6.47
C ASP A 11 -4.34 -3.81 6.56
N PHE A 12 -3.76 -3.48 5.42
CA PHE A 12 -2.62 -2.57 5.37
C PHE A 12 -3.07 -1.12 5.27
N ARG A 13 -2.94 -0.38 6.37
CA ARG A 13 -3.32 1.02 6.41
C ARG A 13 -2.18 1.93 5.98
N VAL A 14 -2.26 2.44 4.77
CA VAL A 14 -1.22 3.32 4.24
C VAL A 14 -1.53 4.77 4.54
N GLU A 15 -0.64 5.42 5.29
CA GLU A 15 -0.82 6.82 5.66
C GLU A 15 -0.04 7.73 4.72
N TYR A 16 -0.77 8.38 3.80
CA TYR A 16 -0.15 9.27 2.83
C TYR A 16 -0.64 10.71 3.03
N ARG A 17 0.21 11.67 2.70
CA ARG A 17 -0.14 13.08 2.83
C ARG A 17 -1.62 13.30 2.54
N ASP A 18 -2.05 12.91 1.35
CA ASP A 18 -3.45 13.06 0.96
C ASP A 18 -4.38 12.53 2.03
N ARG A 19 -4.27 11.23 2.33
CA ARG A 19 -5.11 10.60 3.35
C ARG A 19 -4.67 9.15 3.58
N ASN A 20 -5.32 8.50 4.55
CA ASN A 20 -5.00 7.13 4.88
C ASN A 20 -5.92 6.16 4.13
N VAL A 21 -5.33 5.37 3.23
CA VAL A 21 -6.09 4.41 2.44
C VAL A 21 -5.91 2.99 3.00
N ASP A 22 -6.96 2.18 2.86
CA ASP A 22 -6.92 0.80 3.33
C ASP A 22 -6.65 -0.17 2.18
N VAL A 23 -5.71 -1.08 2.39
CA VAL A 23 -5.36 -2.06 1.37
C VAL A 23 -5.56 -3.48 1.89
N VAL A 24 -5.98 -4.37 0.99
CA VAL A 24 -6.22 -5.77 1.35
C VAL A 24 -5.65 -6.71 0.30
N LEU A 25 -4.74 -7.58 0.74
CA LEU A 25 -4.11 -8.55 -0.17
C LEU A 25 -3.67 -9.80 0.59
N GLU A 26 -3.93 -10.96 0.00
CA GLU A 26 -3.56 -12.22 0.61
C GLU A 26 -2.07 -12.26 0.94
N ASP A 27 -1.69 -13.11 1.89
CA ASP A 27 -0.30 -13.24 2.28
C ASP A 27 0.55 -13.84 1.15
N THR A 28 -0.12 -14.27 0.10
CA THR A 28 0.56 -14.87 -1.05
C THR A 28 1.09 -13.79 -1.99
N CYS A 29 0.50 -12.60 -1.91
CA CYS A 29 0.91 -11.49 -2.75
C CYS A 29 2.32 -11.04 -2.41
N THR A 30 3.02 -10.47 -3.38
CA THR A 30 4.38 -9.99 -3.18
C THR A 30 4.39 -8.56 -2.64
N VAL A 31 5.31 -8.30 -1.72
CA VAL A 31 5.43 -6.97 -1.13
C VAL A 31 5.36 -5.88 -2.18
N GLY A 32 5.78 -6.22 -3.40
CA GLY A 32 5.76 -5.27 -4.50
C GLY A 32 4.36 -4.82 -4.85
N GLU A 33 3.41 -5.74 -4.77
CA GLU A 33 2.02 -5.43 -5.09
C GLU A 33 1.56 -4.17 -4.36
N ILE A 34 1.59 -4.22 -3.04
CA ILE A 34 1.18 -3.08 -2.23
C ILE A 34 1.54 -1.75 -2.91
N LYS A 35 2.70 -1.73 -3.55
CA LYS A 35 3.16 -0.53 -4.25
C LYS A 35 2.25 -0.20 -5.43
N GLN A 36 2.23 -1.07 -6.42
CA GLN A 36 1.39 -0.87 -7.60
C GLN A 36 -0.06 -0.64 -7.20
N ILE A 37 -0.55 -1.46 -6.29
CA ILE A 37 -1.93 -1.36 -5.81
C ILE A 37 -2.27 0.08 -5.42
N LEU A 38 -1.33 0.72 -4.73
CA LEU A 38 -1.52 2.10 -4.28
C LEU A 38 -1.71 3.03 -5.47
N GLU A 39 -1.19 2.62 -6.63
CA GLU A 39 -1.30 3.42 -7.85
C GLU A 39 -2.70 3.30 -8.44
N ASN A 40 -3.43 2.27 -8.03
CA ASN A 40 -4.78 2.04 -8.53
C ASN A 40 -5.81 2.73 -7.64
N GLU A 41 -5.35 3.29 -6.53
CA GLU A 41 -6.24 3.97 -5.59
C GLU A 41 -5.83 5.44 -5.42
N LEU A 42 -4.52 5.68 -5.46
CA LEU A 42 -4.00 7.04 -5.31
C LEU A 42 -3.53 7.59 -6.65
N GLN A 43 -3.56 6.74 -7.67
CA GLN A 43 -3.13 7.14 -9.01
C GLN A 43 -1.68 7.62 -9.01
N ILE A 44 -0.91 7.14 -8.05
CA ILE A 44 0.49 7.52 -7.94
C ILE A 44 1.40 6.42 -8.49
N PRO A 45 2.40 6.83 -9.29
CA PRO A 45 3.36 5.91 -9.90
C PRO A 45 4.30 5.29 -8.88
N VAL A 46 4.41 3.96 -8.91
CA VAL A 46 5.29 3.25 -7.99
C VAL A 46 6.72 3.76 -8.07
N SER A 47 7.02 4.49 -9.14
CA SER A 47 8.36 5.02 -9.35
C SER A 47 8.57 6.28 -8.51
N LYS A 48 7.48 6.90 -8.11
CA LYS A 48 7.54 8.11 -7.29
C LYS A 48 7.12 7.82 -5.85
N MET A 49 6.80 6.56 -5.58
CA MET A 49 6.37 6.16 -4.25
C MET A 49 7.45 5.31 -3.57
N LEU A 50 7.63 5.52 -2.27
CA LEU A 50 8.63 4.77 -1.50
C LEU A 50 7.98 4.00 -0.36
N LEU A 51 7.80 2.70 -0.57
CA LEU A 51 7.19 1.84 0.45
C LEU A 51 8.11 1.69 1.65
N LYS A 52 7.65 2.14 2.81
CA LYS A 52 8.44 2.04 4.04
C LYS A 52 7.57 1.53 5.19
N GLY A 53 8.20 1.34 6.35
CA GLY A 53 7.48 0.86 7.51
C GLY A 53 7.85 -0.57 7.87
N TRP A 54 8.26 -1.34 6.87
CA TRP A 54 8.66 -2.73 7.09
C TRP A 54 9.41 -2.88 8.40
N LYS A 55 8.91 -3.75 9.28
CA LYS A 55 9.55 -3.98 10.56
C LYS A 55 11.02 -4.32 10.39
N THR A 56 11.33 -5.09 9.35
CA THR A 56 12.71 -5.48 9.07
C THR A 56 13.51 -4.32 8.49
N GLY A 57 14.81 -4.32 8.75
CA GLY A 57 15.67 -3.26 8.26
C GLY A 57 15.24 -2.76 6.88
N ASP A 58 14.87 -3.69 6.01
CA ASP A 58 14.43 -3.35 4.66
C ASP A 58 13.82 -4.55 3.97
N VAL A 59 12.81 -4.30 3.14
CA VAL A 59 12.13 -5.36 2.40
C VAL A 59 12.17 -5.11 0.90
N GLU A 60 12.62 -6.11 0.15
CA GLU A 60 12.70 -5.99 -1.30
C GLU A 60 11.42 -6.49 -1.97
N ASP A 61 11.05 -5.85 -3.06
CA ASP A 61 9.84 -6.22 -3.79
C ASP A 61 9.87 -7.70 -4.16
N SER A 62 11.05 -8.30 -4.10
CA SER A 62 11.22 -9.71 -4.43
C SER A 62 10.84 -10.59 -3.25
N THR A 63 10.34 -9.97 -2.18
CA THR A 63 9.95 -10.69 -0.98
C THR A 63 8.43 -10.84 -0.90
N VAL A 64 7.98 -11.97 -0.36
CA VAL A 64 6.55 -12.22 -0.22
C VAL A 64 6.06 -11.93 1.20
N LEU A 65 4.79 -11.58 1.32
CA LEU A 65 4.21 -11.27 2.62
C LEU A 65 4.34 -12.46 3.57
N LYS A 66 3.84 -13.61 3.15
CA LYS A 66 3.91 -14.81 3.95
C LYS A 66 5.29 -15.00 4.56
N SER A 67 6.29 -14.36 3.95
CA SER A 67 7.66 -14.45 4.43
C SER A 67 7.84 -13.65 5.71
N LEU A 68 7.36 -12.41 5.70
CA LEU A 68 7.47 -11.53 6.87
C LEU A 68 6.42 -11.91 7.92
N HIS A 69 5.32 -12.49 7.46
CA HIS A 69 4.24 -12.89 8.36
C HIS A 69 3.66 -11.68 9.09
N LEU A 70 3.25 -10.68 8.32
CA LEU A 70 2.67 -9.46 8.89
C LEU A 70 1.47 -9.79 9.77
N PRO A 71 1.28 -9.00 10.84
CA PRO A 71 0.18 -9.18 11.79
C PRO A 71 -1.17 -8.82 11.16
N LYS A 72 -2.24 -9.31 11.78
CA LYS A 72 -3.59 -9.03 11.30
C LYS A 72 -3.74 -7.57 10.89
N ASN A 73 -3.41 -6.67 11.82
CA ASN A 73 -3.51 -5.24 11.55
C ASN A 73 -2.14 -4.65 11.22
N ASN A 74 -2.04 -4.03 10.04
CA ASN A 74 -0.78 -3.43 9.61
C ASN A 74 -0.95 -1.92 9.40
N SER A 75 0.17 -1.20 9.45
CA SER A 75 0.14 0.24 9.27
C SER A 75 1.39 0.71 8.52
N LEU A 76 1.22 1.06 7.25
CA LEU A 76 2.32 1.53 6.42
C LEU A 76 2.15 3.00 6.07
N TYR A 77 3.11 3.54 5.32
CA TYR A 77 3.06 4.94 4.91
C TYR A 77 3.85 5.16 3.63
N VAL A 78 3.36 6.05 2.78
CA VAL A 78 4.03 6.35 1.51
C VAL A 78 4.68 7.72 1.56
N LEU A 79 5.94 7.78 1.12
CA LEU A 79 6.67 9.05 1.10
C LEU A 79 7.06 9.44 -0.33
N THR A 80 6.37 10.44 -0.87
CA THR A 80 6.64 10.90 -2.22
C THR A 80 7.42 12.21 -2.21
N PRO A 81 8.75 12.11 -2.30
CA PRO A 81 9.64 13.28 -2.31
C PRO A 81 9.51 14.10 -3.58
N ASP A 82 9.60 13.43 -4.72
CA ASP A 82 9.49 14.10 -6.01
C ASP A 82 8.16 14.85 -6.13
N LEU A 83 7.07 14.15 -5.83
CA LEU A 83 5.74 14.75 -5.89
C LEU A 83 5.62 15.93 -4.94
N PRO A 84 5.14 17.07 -5.46
CA PRO A 84 4.97 18.29 -4.67
C PRO A 84 3.84 18.17 -3.65
N PRO A 85 4.00 18.86 -2.51
CA PRO A 85 2.99 18.85 -1.43
C PRO A 85 1.71 19.57 -1.82
N PRO A 86 0.57 18.88 -1.66
CA PRO A 86 -0.74 19.44 -2.00
C PRO A 86 -1.16 20.54 -1.02
N SER A 87 -0.91 21.78 -1.42
CA SER A 87 -1.27 22.93 -0.58
C SER A 87 -2.70 23.39 -0.85
N SER A 88 -3.03 23.52 -2.12
CA SER A 88 -4.37 23.97 -2.52
C SER A 88 -5.43 22.98 -2.03
N SER A 89 -6.66 23.46 -1.91
CA SER A 89 -7.76 22.63 -1.44
C SER A 89 -8.24 21.69 -2.55
N SER A 90 -7.56 20.56 -2.69
CA SER A 90 -7.90 19.57 -3.71
C SER A 90 -9.19 18.85 -3.33
N HIS A 91 -9.69 18.03 -4.26
CA HIS A 91 -10.91 17.27 -4.04
C HIS A 91 -10.65 16.06 -3.15
N ALA A 92 -11.72 15.54 -2.54
CA ALA A 92 -11.59 14.39 -1.66
C ALA A 92 -12.18 13.13 -2.33
N GLY A 93 -13.42 13.23 -2.78
CA GLY A 93 -14.06 12.10 -3.42
C GLY A 93 -15.34 12.49 -4.14
N ALA A 94 -15.54 11.94 -5.33
CA ALA A 94 -16.73 12.23 -6.11
C ALA A 94 -18.00 11.90 -5.33
N LEU A 95 -19.00 12.78 -5.41
CA LEU A 95 -20.25 12.57 -4.72
C LEU A 95 -20.81 11.17 -4.98
N GLN A 96 -20.75 10.31 -3.97
CA GLN A 96 -21.23 8.95 -4.09
C GLN A 96 -22.08 8.57 -2.88
N GLU A 97 -23.39 8.40 -3.10
CA GLU A 97 -24.30 8.04 -2.03
C GLU A 97 -24.01 6.63 -1.52
N SER A 98 -23.72 6.52 -0.22
CA SER A 98 -23.42 5.23 0.39
C SER A 98 -24.58 4.27 0.21
N LEU A 99 -25.76 4.67 0.68
CA LEU A 99 -26.95 3.83 0.57
C LEU A 99 -27.64 4.03 -0.78
N ASN A 100 -28.65 3.21 -1.05
CA ASN A 100 -29.39 3.30 -2.30
C ASN A 100 -30.89 3.28 -2.04
#